data_6GRV
#
_entry.id   6GRV
#
loop_
_entity.id
_entity.type
_entity.pdbx_description
1 polymer Metallothionein
2 non-polymer 'CADMIUM ION'
#
_entity_poly.entity_id   1
_entity_poly.type   'polypeptide(L)'
_entity_poly.pdbx_seq_one_letter_code
;NELRCGCPDCHCKVDPERVFNHDGEAYCSQACAEQHPNGEPCPAPDCHCERSGKVGGRDITNNQLDEALEETFPASDPIS
P
;
_entity_poly.pdbx_strand_id   A
#
# COMPACT_ATOMS: atom_id res chain seq x y z
N ASN A 1 -15.86 -13.98 0.87
CA ASN A 1 -14.80 -13.64 -0.13
C ASN A 1 -14.44 -12.16 -0.08
N GLU A 2 -14.99 -11.44 0.88
CA GLU A 2 -14.68 -10.02 1.03
C GLU A 2 -13.30 -9.83 1.63
N LEU A 3 -12.62 -8.81 1.16
CA LEU A 3 -11.31 -8.48 1.66
C LEU A 3 -11.45 -7.52 2.83
N ARG A 4 -10.53 -7.58 3.72
CA ARG A 4 -10.61 -6.77 4.92
C ARG A 4 -9.46 -5.79 4.98
N CYS A 5 -9.73 -4.64 5.54
CA CYS A 5 -8.75 -3.58 5.61
C CYS A 5 -7.74 -3.82 6.72
N GLY A 6 -6.49 -3.52 6.43
CA GLY A 6 -5.43 -3.71 7.38
C GLY A 6 -5.48 -2.73 8.54
N CYS A 7 -6.11 -1.58 8.34
CA CYS A 7 -6.21 -0.57 9.40
C CYS A 7 -7.29 -0.98 10.40
N PRO A 8 -6.88 -1.27 11.65
CA PRO A 8 -7.80 -1.67 12.72
C PRO A 8 -8.74 -0.53 13.12
N ASP A 9 -8.29 0.70 12.94
CA ASP A 9 -9.07 1.87 13.30
C ASP A 9 -10.00 2.29 12.18
N CYS A 10 -9.95 1.57 11.09
CA CYS A 10 -10.74 1.91 9.93
C CYS A 10 -11.94 0.96 9.79
N HIS A 11 -13.06 1.50 9.32
CA HIS A 11 -14.26 0.71 9.09
C HIS A 11 -14.68 0.79 7.62
N CYS A 12 -14.19 -0.14 6.82
CA CYS A 12 -14.51 -0.14 5.40
C CYS A 12 -14.61 -1.54 4.83
N LYS A 13 -15.40 -1.67 3.76
CA LYS A 13 -15.56 -2.90 3.05
C LYS A 13 -14.57 -2.93 1.90
N VAL A 14 -13.68 -3.88 1.94
CA VAL A 14 -12.70 -4.01 0.89
C VAL A 14 -13.12 -5.04 -0.12
N ASP A 15 -13.41 -4.59 -1.30
CA ASP A 15 -13.84 -5.46 -2.37
C ASP A 15 -12.68 -6.27 -2.90
N PRO A 16 -12.87 -7.57 -3.15
CA PRO A 16 -11.82 -8.44 -3.70
C PRO A 16 -11.40 -8.01 -5.10
N GLU A 17 -12.19 -7.13 -5.70
CA GLU A 17 -11.93 -6.65 -7.03
C GLU A 17 -11.22 -5.28 -7.00
N ARG A 18 -11.16 -4.65 -5.83
CA ARG A 18 -10.53 -3.33 -5.69
C ARG A 18 -9.69 -3.23 -4.41
N VAL A 19 -9.13 -4.35 -3.99
CA VAL A 19 -8.32 -4.38 -2.77
C VAL A 19 -6.91 -3.83 -3.01
N PHE A 20 -6.55 -2.84 -2.22
CA PHE A 20 -5.22 -2.25 -2.30
C PHE A 20 -4.28 -3.02 -1.39
N ASN A 21 -3.34 -3.72 -1.98
CA ASN A 21 -2.39 -4.53 -1.21
C ASN A 21 -1.15 -3.75 -0.86
N HIS A 22 -0.59 -4.08 0.29
CA HIS A 22 0.65 -3.50 0.76
C HIS A 22 1.41 -4.55 1.55
N ASP A 23 2.56 -4.97 1.00
CA ASP A 23 3.42 -5.98 1.64
C ASP A 23 2.67 -7.32 1.81
N GLY A 24 1.63 -7.51 1.01
CA GLY A 24 0.85 -8.72 1.09
C GLY A 24 -0.43 -8.55 1.90
N GLU A 25 -0.64 -7.36 2.45
CA GLU A 25 -1.82 -7.07 3.24
C GLU A 25 -2.90 -6.43 2.40
N ALA A 26 -4.12 -6.53 2.87
CA ALA A 26 -5.25 -5.97 2.17
C ALA A 26 -5.69 -4.68 2.84
N TYR A 27 -6.01 -3.67 2.05
CA TYR A 27 -6.44 -2.37 2.56
C TYR A 27 -7.59 -1.84 1.72
N CYS A 28 -8.40 -0.96 2.30
CA CYS A 28 -9.57 -0.41 1.59
C CYS A 28 -9.12 0.52 0.47
N SER A 29 -8.01 1.18 0.71
CA SER A 29 -7.47 2.10 -0.25
C SER A 29 -5.99 2.26 -0.02
N GLN A 30 -5.31 2.78 -1.03
CA GLN A 30 -3.87 3.04 -0.96
C GLN A 30 -3.58 4.02 0.19
N ALA A 31 -4.60 4.80 0.58
CA ALA A 31 -4.50 5.74 1.68
C ALA A 31 -4.16 4.99 2.99
N CYS A 32 -4.89 3.92 3.27
CA CYS A 32 -4.64 3.09 4.46
C CYS A 32 -3.48 2.14 4.23
N ALA A 33 -3.21 1.83 2.96
CA ALA A 33 -2.13 0.92 2.60
C ALA A 33 -0.79 1.40 3.14
N GLU A 34 -0.57 2.70 3.08
CA GLU A 34 0.68 3.26 3.58
C GLU A 34 0.61 3.54 5.08
N GLN A 35 -0.48 3.12 5.71
CA GLN A 35 -0.69 3.27 7.16
C GLN A 35 -0.65 4.74 7.60
N HIS A 36 -1.24 5.59 6.77
CA HIS A 36 -1.32 7.04 7.03
C HIS A 36 0.06 7.66 7.20
N PRO A 37 0.76 7.88 6.09
CA PRO A 37 2.11 8.43 6.11
C PRO A 37 2.14 9.93 6.34
N ASN A 38 1.13 10.63 5.83
CA ASN A 38 1.02 12.08 6.00
C ASN A 38 -0.19 12.40 6.88
N GLY A 39 -0.64 11.40 7.63
CA GLY A 39 -1.80 11.57 8.49
C GLY A 39 -3.09 11.61 7.68
N GLU A 40 -2.98 11.36 6.39
CA GLU A 40 -4.10 11.39 5.48
C GLU A 40 -5.02 10.19 5.72
N PRO A 41 -6.28 10.45 6.10
CA PRO A 41 -7.29 9.38 6.34
C PRO A 41 -7.68 8.69 5.03
N CYS A 42 -8.45 7.59 5.12
CA CYS A 42 -8.88 6.90 3.92
C CYS A 42 -9.93 7.74 3.19
N PRO A 43 -10.14 7.48 1.89
CA PRO A 43 -11.10 8.23 1.07
C PRO A 43 -12.58 7.93 1.39
N ALA A 44 -12.89 7.77 2.68
CA ALA A 44 -14.26 7.57 3.12
C ALA A 44 -14.70 8.79 3.94
N PRO A 45 -15.86 9.37 3.63
CA PRO A 45 -16.31 10.60 4.27
C PRO A 45 -16.87 10.41 5.68
N ASP A 46 -17.29 9.20 5.99
CA ASP A 46 -17.85 8.92 7.31
C ASP A 46 -16.83 8.27 8.21
N CYS A 47 -15.71 7.91 7.65
CA CYS A 47 -14.67 7.26 8.39
C CYS A 47 -13.72 8.31 8.96
N HIS A 48 -13.21 8.07 10.17
CA HIS A 48 -12.29 9.01 10.80
C HIS A 48 -11.09 8.29 11.39
N CYS A 49 -10.26 7.72 10.53
CA CYS A 49 -9.05 7.06 10.99
C CYS A 49 -7.82 7.82 10.50
N GLU A 50 -6.92 8.12 11.41
CA GLU A 50 -5.71 8.87 11.09
C GLU A 50 -4.72 8.82 12.25
N ARG A 51 -5.25 8.89 13.47
CA ARG A 51 -4.41 8.83 14.67
C ARG A 51 -4.32 7.39 15.19
N SER A 52 -4.20 6.46 14.27
CA SER A 52 -4.11 5.06 14.62
C SER A 52 -2.76 4.74 15.25
N GLY A 53 -2.78 4.05 16.38
CA GLY A 53 -1.55 3.68 17.04
C GLY A 53 -0.81 4.87 17.61
N LYS A 54 0.48 4.93 17.35
CA LYS A 54 1.32 6.01 17.83
C LYS A 54 1.99 6.73 16.68
N VAL A 55 1.25 6.89 15.59
CA VAL A 55 1.76 7.58 14.41
C VAL A 55 1.86 9.09 14.67
N GLY A 56 3.07 9.56 14.85
CA GLY A 56 3.29 10.97 15.08
C GLY A 56 4.08 11.61 13.97
N GLY A 57 3.38 12.35 13.12
CA GLY A 57 4.03 13.01 12.01
C GLY A 57 4.07 12.14 10.78
N ARG A 58 5.02 11.23 10.74
CA ARG A 58 5.18 10.31 9.63
C ARG A 58 5.69 8.97 10.13
N ASP A 59 5.84 8.02 9.24
CA ASP A 59 6.35 6.70 9.60
C ASP A 59 7.67 6.47 8.90
N ILE A 60 8.35 5.39 9.23
CA ILE A 60 9.62 5.08 8.60
C ILE A 60 9.37 4.37 7.28
N THR A 61 9.12 5.16 6.25
CA THR A 61 8.85 4.62 4.94
C THR A 61 10.11 4.68 4.07
N ASN A 62 10.84 3.58 4.02
CA ASN A 62 12.07 3.49 3.23
C ASN A 62 12.15 2.12 2.57
N ASN A 63 12.23 2.11 1.26
CA ASN A 63 12.28 0.86 0.51
C ASN A 63 13.70 0.40 0.30
N GLN A 64 13.91 -0.91 0.38
CA GLN A 64 15.22 -1.50 0.11
C GLN A 64 15.40 -1.63 -1.39
N LEU A 65 14.26 -1.56 -2.09
CA LEU A 65 14.22 -1.59 -3.55
C LEU A 65 14.72 -2.91 -4.13
N ASP A 66 14.86 -2.94 -5.44
CA ASP A 66 15.32 -4.13 -6.13
C ASP A 66 16.63 -3.84 -6.85
N GLU A 67 17.55 -4.77 -6.76
CA GLU A 67 18.83 -4.65 -7.42
C GLU A 67 19.15 -5.91 -8.19
N ALA A 68 18.14 -6.44 -8.87
CA ALA A 68 18.30 -7.61 -9.71
C ALA A 68 18.60 -7.19 -11.13
N LEU A 69 19.59 -6.30 -11.25
CA LEU A 69 20.02 -5.76 -12.54
C LEU A 69 18.98 -4.81 -13.12
N GLU A 70 19.28 -4.27 -14.28
CA GLU A 70 18.40 -3.31 -14.94
C GLU A 70 18.25 -3.68 -16.41
N GLU A 71 18.27 -4.98 -16.69
CA GLU A 71 18.27 -5.49 -18.06
C GLU A 71 19.43 -4.90 -18.82
N THR A 72 20.60 -5.48 -18.64
CA THR A 72 21.79 -4.99 -19.29
C THR A 72 21.66 -5.19 -20.79
N PHE A 73 21.78 -4.12 -21.54
CA PHE A 73 21.66 -4.19 -22.99
C PHE A 73 23.01 -4.44 -23.62
N PRO A 74 23.23 -5.68 -24.08
CA PRO A 74 24.46 -6.08 -24.73
C PRO A 74 24.33 -6.01 -26.24
N ALA A 75 25.31 -6.54 -26.95
CA ALA A 75 25.27 -6.56 -28.40
C ALA A 75 24.34 -7.66 -28.87
N SER A 76 24.45 -8.82 -28.25
CA SER A 76 23.62 -9.94 -28.59
C SER A 76 22.38 -9.99 -27.68
N ASP A 77 21.29 -9.42 -28.15
CA ASP A 77 20.06 -9.35 -27.37
C ASP A 77 19.30 -10.67 -27.45
N PRO A 78 18.64 -11.06 -26.33
CA PRO A 78 17.82 -12.28 -26.29
C PRO A 78 16.54 -12.14 -27.10
N ILE A 79 15.74 -13.19 -27.14
CA ILE A 79 14.51 -13.18 -27.92
C ILE A 79 13.47 -12.23 -27.35
N SER A 80 13.07 -11.26 -28.16
CA SER A 80 12.08 -10.30 -27.77
C SER A 80 10.67 -10.78 -28.15
N PRO A 81 9.66 -10.56 -27.29
CA PRO A 81 8.29 -10.98 -27.56
C PRO A 81 7.72 -10.34 -28.82
N ASN A 1 -14.91 -14.57 7.84
CA ASN A 1 -14.45 -13.40 8.64
C ASN A 1 -14.24 -12.18 7.74
N GLU A 2 -14.75 -11.05 8.18
CA GLU A 2 -14.58 -9.82 7.43
C GLU A 2 -13.19 -9.24 7.68
N LEU A 3 -12.59 -8.68 6.66
CA LEU A 3 -11.26 -8.12 6.79
C LEU A 3 -11.33 -6.68 7.24
N ARG A 4 -10.34 -6.26 7.97
CA ARG A 4 -10.30 -4.91 8.47
C ARG A 4 -9.16 -4.14 7.86
N CYS A 5 -9.31 -2.84 7.80
CA CYS A 5 -8.30 -2.00 7.25
C CYS A 5 -7.26 -1.66 8.32
N GLY A 6 -6.00 -1.70 7.93
CA GLY A 6 -4.91 -1.41 8.85
C GLY A 6 -4.80 0.06 9.22
N CYS A 7 -5.49 0.94 8.48
CA CYS A 7 -5.47 2.36 8.81
C CYS A 7 -6.49 2.66 9.89
N PRO A 8 -6.01 3.04 11.09
CA PRO A 8 -6.88 3.31 12.25
C PRO A 8 -7.73 4.56 12.09
N ASP A 9 -7.37 5.41 11.16
CA ASP A 9 -8.12 6.65 10.92
C ASP A 9 -9.08 6.47 9.75
N CYS A 10 -9.01 5.31 9.13
CA CYS A 10 -9.84 5.01 7.98
C CYS A 10 -11.10 4.26 8.38
N HIS A 11 -12.20 4.57 7.71
CA HIS A 11 -13.47 3.89 7.97
C HIS A 11 -13.96 3.21 6.70
N CYS A 12 -13.60 1.95 6.54
CA CYS A 12 -14.01 1.20 5.36
C CYS A 12 -14.31 -0.25 5.69
N LYS A 13 -14.90 -0.93 4.73
CA LYS A 13 -15.21 -2.32 4.85
C LYS A 13 -14.31 -3.11 3.91
N VAL A 14 -13.49 -3.95 4.47
CA VAL A 14 -12.56 -4.72 3.67
C VAL A 14 -13.11 -6.12 3.39
N ASP A 15 -13.41 -6.36 2.14
CA ASP A 15 -13.95 -7.62 1.68
C ASP A 15 -12.83 -8.63 1.53
N PRO A 16 -13.01 -9.86 2.05
CA PRO A 16 -12.00 -10.92 1.96
C PRO A 16 -11.45 -11.14 0.55
N GLU A 17 -12.32 -11.04 -0.46
CA GLU A 17 -11.89 -11.27 -1.85
C GLU A 17 -11.09 -10.09 -2.43
N ARG A 18 -11.18 -8.93 -1.79
CA ARG A 18 -10.50 -7.74 -2.33
C ARG A 18 -9.69 -7.03 -1.26
N VAL A 19 -9.17 -7.77 -0.31
CA VAL A 19 -8.33 -7.19 0.73
C VAL A 19 -6.92 -6.93 0.19
N PHE A 20 -6.48 -5.70 0.30
CA PHE A 20 -5.14 -5.34 -0.09
C PHE A 20 -4.21 -5.50 1.07
N ASN A 21 -3.39 -6.52 1.00
CA ASN A 21 -2.51 -6.82 2.10
C ASN A 21 -1.15 -6.18 1.93
N HIS A 22 -0.52 -5.90 3.05
CA HIS A 22 0.82 -5.32 3.09
C HIS A 22 1.59 -5.93 4.24
N ASP A 23 2.58 -6.77 3.93
CA ASP A 23 3.42 -7.43 4.94
C ASP A 23 2.56 -8.34 5.84
N GLY A 24 1.43 -8.77 5.32
CA GLY A 24 0.54 -9.63 6.08
C GLY A 24 -0.61 -8.88 6.72
N GLU A 25 -0.62 -7.56 6.58
CA GLU A 25 -1.68 -6.74 7.14
C GLU A 25 -2.76 -6.51 6.12
N ALA A 26 -3.97 -6.35 6.59
CA ALA A 26 -5.10 -6.14 5.73
C ALA A 26 -5.41 -4.65 5.59
N TYR A 27 -5.73 -4.22 4.39
CA TYR A 27 -6.07 -2.83 4.12
C TYR A 27 -7.22 -2.77 3.12
N CYS A 28 -7.96 -1.65 3.11
CA CYS A 28 -9.10 -1.51 2.22
C CYS A 28 -8.65 -1.37 0.78
N SER A 29 -7.50 -0.76 0.59
CA SER A 29 -6.97 -0.56 -0.72
C SER A 29 -5.47 -0.35 -0.64
N GLN A 30 -4.81 -0.47 -1.77
CA GLN A 30 -3.36 -0.29 -1.88
C GLN A 30 -2.95 1.11 -1.39
N ALA A 31 -3.89 2.05 -1.43
CA ALA A 31 -3.67 3.41 -0.94
C ALA A 31 -3.29 3.40 0.55
N CYS A 32 -4.11 2.74 1.37
CA CYS A 32 -3.84 2.64 2.79
C CYS A 32 -2.76 1.62 3.07
N ALA A 33 -2.57 0.68 2.14
CA ALA A 33 -1.57 -0.37 2.29
C ALA A 33 -0.17 0.24 2.41
N GLU A 34 0.07 1.30 1.66
CA GLU A 34 1.36 1.99 1.73
C GLU A 34 1.37 3.06 2.83
N GLN A 35 0.30 3.10 3.64
CA GLN A 35 0.20 4.04 4.76
C GLN A 35 0.29 5.50 4.31
N HIS A 36 -0.30 5.78 3.15
CA HIS A 36 -0.32 7.13 2.57
C HIS A 36 1.08 7.68 2.35
N PRO A 37 1.73 7.27 1.28
CA PRO A 37 3.08 7.71 0.95
C PRO A 37 3.12 9.19 0.60
N ASN A 38 2.27 9.57 -0.34
CA ASN A 38 2.21 10.96 -0.81
C ASN A 38 1.07 11.69 -0.13
N GLY A 39 0.49 11.05 0.87
CA GLY A 39 -0.64 11.61 1.56
C GLY A 39 -1.94 11.31 0.84
N GLU A 40 -1.84 10.50 -0.21
CA GLU A 40 -2.99 10.11 -1.01
C GLU A 40 -3.98 9.30 -0.16
N PRO A 41 -5.22 9.82 0.01
CA PRO A 41 -6.28 9.12 0.77
C PRO A 41 -6.72 7.84 0.07
N CYS A 42 -7.55 7.06 0.74
CA CYS A 42 -8.06 5.83 0.15
C CYS A 42 -9.15 6.18 -0.87
N PRO A 43 -9.44 5.25 -1.81
CA PRO A 43 -10.46 5.45 -2.86
C PRO A 43 -11.90 5.42 -2.32
N ALA A 44 -12.14 6.19 -1.28
CA ALA A 44 -13.47 6.32 -0.70
C ALA A 44 -13.84 7.79 -0.62
N PRO A 45 -14.97 8.18 -1.21
CA PRO A 45 -15.39 9.59 -1.28
C PRO A 45 -15.88 10.14 0.06
N ASP A 46 -16.40 9.27 0.90
CA ASP A 46 -16.90 9.70 2.21
C ASP A 46 -15.78 9.70 3.23
N CYS A 47 -14.71 9.02 2.90
CA CYS A 47 -13.58 8.91 3.78
C CYS A 47 -12.58 10.03 3.51
N HIS A 48 -11.87 10.48 4.54
CA HIS A 48 -10.93 11.61 4.38
C HIS A 48 -9.62 11.37 5.15
N CYS A 49 -9.23 10.11 5.29
CA CYS A 49 -7.99 9.78 5.98
C CYS A 49 -6.81 10.05 5.07
N GLU A 50 -5.76 10.65 5.62
CA GLU A 50 -4.59 11.01 4.81
C GLU A 50 -3.52 11.67 5.68
N ARG A 51 -3.96 12.58 6.54
CA ARG A 51 -3.07 13.36 7.37
C ARG A 51 -2.75 12.63 8.65
N SER A 52 -3.09 11.37 8.65
CA SER A 52 -2.85 10.50 9.77
C SER A 52 -1.36 10.31 9.99
N GLY A 53 -0.60 10.34 8.89
CA GLY A 53 0.84 10.20 8.96
C GLY A 53 1.28 8.86 9.48
N LYS A 54 2.37 8.85 10.22
CA LYS A 54 2.90 7.63 10.79
C LYS A 54 2.03 7.17 11.95
N VAL A 55 1.56 5.94 11.86
CA VAL A 55 0.73 5.37 12.90
C VAL A 55 1.56 5.08 14.14
N GLY A 56 2.75 4.57 13.91
CA GLY A 56 3.64 4.27 15.00
C GLY A 56 5.02 4.82 14.75
N GLY A 57 6.02 4.01 15.04
CA GLY A 57 7.40 4.43 14.83
C GLY A 57 8.25 3.27 14.42
N ARG A 58 9.21 3.51 13.52
CA ARG A 58 10.09 2.46 13.00
C ARG A 58 9.22 1.37 12.36
N ASP A 59 8.79 1.62 11.14
CA ASP A 59 7.87 0.73 10.41
C ASP A 59 8.49 -0.61 10.08
N ILE A 60 7.64 -1.51 9.61
CA ILE A 60 8.02 -2.86 9.31
C ILE A 60 8.48 -3.03 7.85
N THR A 61 9.73 -2.74 7.60
CA THR A 61 10.31 -2.91 6.29
C THR A 61 11.28 -4.10 6.31
N ASN A 62 10.95 -5.15 5.58
CA ASN A 62 11.78 -6.36 5.56
C ASN A 62 12.22 -6.74 4.17
N ASN A 63 13.11 -7.74 4.11
CA ASN A 63 13.65 -8.28 2.85
C ASN A 63 14.65 -7.35 2.18
N GLN A 64 15.60 -7.94 1.48
CA GLN A 64 16.58 -7.20 0.74
C GLN A 64 16.05 -6.91 -0.66
N LEU A 65 14.89 -7.45 -0.94
CA LEU A 65 14.28 -7.31 -2.25
C LEU A 65 13.04 -6.43 -2.17
N ASP A 66 12.92 -5.55 -3.14
CA ASP A 66 11.76 -4.66 -3.23
C ASP A 66 10.71 -5.28 -4.14
N GLU A 67 9.62 -4.55 -4.38
CA GLU A 67 8.55 -5.04 -5.22
C GLU A 67 9.00 -5.13 -6.67
N ALA A 68 9.49 -4.01 -7.21
CA ALA A 68 10.00 -3.95 -8.58
C ALA A 68 10.61 -2.60 -8.90
N LEU A 69 11.83 -2.38 -8.44
CA LEU A 69 12.52 -1.12 -8.70
C LEU A 69 13.68 -1.29 -9.68
N GLU A 70 14.14 -2.53 -9.86
CA GLU A 70 15.30 -2.82 -10.70
C GLU A 70 14.87 -3.02 -12.17
N GLU A 71 14.22 -2.02 -12.74
CA GLU A 71 13.82 -2.07 -14.15
C GLU A 71 14.94 -1.52 -15.04
N THR A 72 16.18 -1.74 -14.63
CA THR A 72 17.33 -1.23 -15.35
C THR A 72 17.67 -2.11 -16.55
N PHE A 73 18.07 -1.48 -17.63
CA PHE A 73 18.46 -2.17 -18.85
C PHE A 73 19.99 -2.13 -18.99
N PRO A 74 20.59 -3.00 -19.83
CA PRO A 74 22.04 -3.06 -19.98
C PRO A 74 22.56 -1.99 -20.94
N ALA A 75 23.86 -1.99 -21.16
CA ALA A 75 24.50 -1.04 -22.07
C ALA A 75 24.01 -1.30 -23.50
N SER A 76 23.95 -2.56 -23.86
CA SER A 76 23.47 -2.95 -25.17
C SER A 76 21.99 -3.34 -25.10
N ASP A 77 21.15 -2.40 -25.48
CA ASP A 77 19.70 -2.61 -25.45
C ASP A 77 19.22 -3.34 -26.69
N PRO A 78 18.25 -4.27 -26.54
CA PRO A 78 17.68 -4.99 -27.67
C PRO A 78 16.84 -4.06 -28.57
N ILE A 79 16.64 -4.47 -29.81
CA ILE A 79 15.88 -3.67 -30.75
C ILE A 79 14.39 -3.80 -30.53
N SER A 80 13.67 -2.73 -30.79
CA SER A 80 12.24 -2.71 -30.62
C SER A 80 11.54 -3.55 -31.71
N PRO A 81 10.36 -4.11 -31.41
CA PRO A 81 9.61 -4.91 -32.37
C PRO A 81 8.75 -4.04 -33.30
N ASN A 1 -8.38 -14.15 9.84
CA ASN A 1 -8.40 -12.75 10.32
C ASN A 1 -8.66 -11.77 9.20
N GLU A 2 -9.44 -10.73 9.48
CA GLU A 2 -9.71 -9.70 8.50
C GLU A 2 -8.54 -8.73 8.47
N LEU A 3 -8.15 -8.30 7.28
CA LEU A 3 -7.01 -7.43 7.13
C LEU A 3 -7.35 -6.01 7.53
N ARG A 4 -6.38 -5.31 8.02
CA ARG A 4 -6.58 -3.95 8.50
C ARG A 4 -5.74 -2.98 7.67
N CYS A 5 -6.23 -1.76 7.51
CA CYS A 5 -5.52 -0.76 6.72
C CYS A 5 -4.40 -0.11 7.54
N GLY A 6 -3.30 0.19 6.87
CA GLY A 6 -2.16 0.78 7.55
C GLY A 6 -2.33 2.26 7.83
N CYS A 7 -3.23 2.91 7.11
CA CYS A 7 -3.47 4.33 7.33
C CYS A 7 -4.36 4.54 8.55
N PRO A 8 -3.82 5.17 9.59
CA PRO A 8 -4.58 5.46 10.81
C PRO A 8 -5.64 6.54 10.58
N ASP A 9 -5.44 7.34 9.54
CA ASP A 9 -6.36 8.42 9.19
C ASP A 9 -7.55 7.85 8.42
N CYS A 10 -7.40 6.62 7.96
CA CYS A 10 -8.39 5.96 7.16
C CYS A 10 -9.05 4.80 7.91
N HIS A 11 -10.36 4.67 7.77
CA HIS A 11 -11.08 3.56 8.35
C HIS A 11 -11.81 2.76 7.28
N CYS A 12 -11.15 1.74 6.77
CA CYS A 12 -11.72 0.88 5.73
C CYS A 12 -11.57 -0.58 6.09
N LYS A 13 -12.41 -1.41 5.51
CA LYS A 13 -12.34 -2.83 5.71
C LYS A 13 -11.46 -3.44 4.65
N VAL A 14 -10.41 -4.05 5.08
CA VAL A 14 -9.49 -4.68 4.17
C VAL A 14 -9.72 -6.19 4.11
N ASP A 15 -10.12 -6.66 2.96
CA ASP A 15 -10.43 -8.06 2.75
C ASP A 15 -9.18 -8.84 2.42
N PRO A 16 -9.00 -10.02 3.06
CA PRO A 16 -7.84 -10.89 2.84
C PRO A 16 -7.50 -11.14 1.35
N GLU A 17 -8.52 -11.23 0.49
CA GLU A 17 -8.28 -11.50 -0.93
C GLU A 17 -7.97 -10.24 -1.74
N ARG A 18 -8.10 -9.07 -1.12
CA ARG A 18 -7.85 -7.82 -1.83
C ARG A 18 -7.04 -6.85 -0.98
N VAL A 19 -6.18 -7.39 -0.14
CA VAL A 19 -5.35 -6.57 0.72
C VAL A 19 -4.10 -6.10 -0.04
N PHE A 20 -3.96 -4.80 -0.18
CA PHE A 20 -2.80 -4.24 -0.83
C PHE A 20 -1.61 -4.22 0.11
N ASN A 21 -0.67 -5.12 -0.13
CA ASN A 21 0.51 -5.21 0.71
C ASN A 21 1.60 -4.32 0.22
N HIS A 22 2.03 -3.42 1.05
CA HIS A 22 3.13 -2.55 0.73
C HIS A 22 4.06 -2.48 1.91
N ASP A 23 5.33 -2.82 1.68
CA ASP A 23 6.36 -2.77 2.72
C ASP A 23 6.04 -3.79 3.82
N GLY A 24 5.28 -4.81 3.47
CA GLY A 24 4.89 -5.81 4.43
C GLY A 24 3.74 -5.36 5.30
N GLU A 25 3.05 -4.32 4.84
CA GLU A 25 1.91 -3.79 5.56
C GLU A 25 0.64 -4.00 4.76
N ALA A 26 -0.48 -3.99 5.44
CA ALA A 26 -1.76 -4.18 4.81
C ALA A 26 -2.45 -2.85 4.59
N TYR A 27 -3.06 -2.68 3.43
CA TYR A 27 -3.75 -1.45 3.11
C TYR A 27 -5.05 -1.74 2.37
N CYS A 28 -6.00 -0.80 2.46
CA CYS A 28 -7.31 -0.98 1.81
C CYS A 28 -7.19 -0.80 0.32
N SER A 29 -6.17 -0.09 -0.08
CA SER A 29 -5.94 0.19 -1.46
C SER A 29 -4.52 0.65 -1.67
N GLN A 30 -4.05 0.50 -2.89
CA GLN A 30 -2.73 0.95 -3.31
C GLN A 30 -2.58 2.46 -3.06
N ALA A 31 -3.72 3.15 -2.93
CA ALA A 31 -3.73 4.58 -2.61
C ALA A 31 -3.11 4.83 -1.23
N CYS A 32 -3.62 4.16 -0.21
CA CYS A 32 -3.09 4.29 1.15
C CYS A 32 -1.75 3.59 1.27
N ALA A 33 -1.50 2.61 0.40
CA ALA A 33 -0.26 1.88 0.40
C ALA A 33 0.93 2.82 0.23
N GLU A 34 0.78 3.78 -0.68
CA GLU A 34 1.83 4.77 -0.91
C GLU A 34 1.76 5.92 0.08
N GLN A 35 0.87 5.81 1.08
CA GLN A 35 0.73 6.80 2.14
C GLN A 35 0.36 8.18 1.59
N HIS A 36 -0.47 8.18 0.53
CA HIS A 36 -0.93 9.41 -0.13
C HIS A 36 0.24 10.22 -0.65
N PRO A 37 0.82 9.82 -1.78
CA PRO A 37 1.98 10.48 -2.35
C PRO A 37 1.63 11.84 -2.98
N ASN A 38 0.50 11.90 -3.68
CA ASN A 38 0.06 13.17 -4.30
C ASN A 38 -1.13 13.73 -3.55
N GLY A 39 -1.41 13.14 -2.41
CA GLY A 39 -2.55 13.57 -1.62
C GLY A 39 -3.81 12.80 -1.95
N GLU A 40 -3.70 11.92 -2.95
CA GLU A 40 -4.82 11.06 -3.38
C GLU A 40 -5.40 10.27 -2.21
N PRO A 41 -6.64 10.57 -1.80
CA PRO A 41 -7.35 9.79 -0.77
C PRO A 41 -7.61 8.37 -1.27
N CYS A 42 -8.06 7.49 -0.39
CA CYS A 42 -8.36 6.13 -0.79
C CYS A 42 -9.64 6.11 -1.65
N PRO A 43 -9.85 5.06 -2.45
CA PRO A 43 -11.02 4.94 -3.36
C PRO A 43 -12.39 4.82 -2.66
N ALA A 44 -12.47 5.19 -1.40
CA ALA A 44 -13.73 5.17 -0.69
C ALA A 44 -14.35 6.56 -0.72
N PRO A 45 -15.65 6.69 -1.08
CA PRO A 45 -16.29 7.99 -1.22
C PRO A 45 -16.66 8.60 0.12
N ASP A 46 -16.97 7.74 1.07
CA ASP A 46 -17.37 8.18 2.39
C ASP A 46 -16.16 8.46 3.26
N CYS A 47 -15.03 7.94 2.85
CA CYS A 47 -13.80 8.16 3.57
C CYS A 47 -13.08 9.37 3.00
N HIS A 48 -12.45 10.15 3.86
CA HIS A 48 -11.74 11.33 3.40
C HIS A 48 -10.44 11.50 4.16
N CYS A 49 -9.51 10.61 3.88
CA CYS A 49 -8.21 10.66 4.48
C CYS A 49 -7.19 11.08 3.44
N GLU A 50 -6.37 12.01 3.80
CA GLU A 50 -5.33 12.49 2.92
C GLU A 50 -4.20 13.04 3.74
N ARG A 51 -4.25 12.74 5.03
CA ARG A 51 -3.29 13.25 5.97
C ARG A 51 -2.83 12.14 6.89
N SER A 52 -2.54 11.00 6.31
CA SER A 52 -2.05 9.84 7.05
C SER A 52 -0.74 10.16 7.75
N GLY A 53 -0.76 10.10 9.07
CA GLY A 53 0.46 10.35 9.82
C GLY A 53 1.42 9.21 9.70
N LYS A 54 2.69 9.52 9.85
CA LYS A 54 3.72 8.53 9.76
C LYS A 54 3.58 7.54 10.91
N VAL A 55 3.27 6.30 10.58
CA VAL A 55 3.01 5.28 11.57
C VAL A 55 4.31 4.72 12.14
N GLY A 56 4.32 4.49 13.46
CA GLY A 56 5.48 3.93 14.12
C GLY A 56 5.12 2.73 14.96
N GLY A 57 3.97 2.13 14.69
CA GLY A 57 3.52 0.98 15.44
C GLY A 57 4.16 -0.30 14.94
N ARG A 58 3.91 -1.40 15.63
CA ARG A 58 4.48 -2.68 15.25
C ARG A 58 3.40 -3.75 15.14
N ASP A 59 3.25 -4.30 13.97
CA ASP A 59 2.34 -5.41 13.76
C ASP A 59 3.11 -6.69 14.00
N ILE A 60 2.43 -7.72 14.48
CA ILE A 60 3.10 -8.98 14.74
C ILE A 60 3.31 -9.73 13.43
N THR A 61 4.27 -9.27 12.65
CA THR A 61 4.58 -9.86 11.39
C THR A 61 6.08 -9.85 11.15
N ASN A 62 6.58 -10.91 10.54
CA ASN A 62 7.99 -11.01 10.21
C ASN A 62 8.12 -11.44 8.77
N ASN A 63 7.07 -11.19 8.01
CA ASN A 63 7.03 -11.55 6.60
C ASN A 63 7.82 -10.57 5.77
N GLN A 64 8.75 -11.08 4.98
CA GLN A 64 9.53 -10.24 4.10
C GLN A 64 9.03 -10.37 2.66
N LEU A 65 8.23 -11.42 2.45
CA LEU A 65 7.59 -11.71 1.15
C LEU A 65 8.61 -12.10 0.08
N ASP A 66 8.13 -12.75 -0.97
CA ASP A 66 8.99 -13.19 -2.07
C ASP A 66 9.21 -12.06 -3.07
N GLU A 67 9.23 -10.83 -2.57
CA GLU A 67 9.40 -9.66 -3.40
C GLU A 67 10.80 -9.63 -4.00
N ALA A 68 10.88 -9.92 -5.27
CA ALA A 68 12.14 -9.92 -5.98
C ALA A 68 11.92 -9.42 -7.40
N LEU A 69 12.97 -8.92 -8.01
CA LEU A 69 12.90 -8.41 -9.36
C LEU A 69 14.05 -8.95 -10.19
N GLU A 70 13.91 -8.86 -11.49
CA GLU A 70 14.96 -9.26 -12.40
C GLU A 70 15.57 -8.04 -13.06
N GLU A 71 14.84 -7.47 -14.01
CA GLU A 71 15.27 -6.29 -14.72
C GLU A 71 14.13 -5.73 -15.57
N THR A 72 13.27 -4.97 -14.93
CA THR A 72 12.14 -4.36 -15.59
C THR A 72 12.53 -3.07 -16.29
N PHE A 73 12.52 -3.10 -17.60
CA PHE A 73 12.85 -1.93 -18.40
C PHE A 73 11.65 -0.98 -18.48
N PRO A 74 11.91 0.32 -18.68
CA PRO A 74 10.84 1.33 -18.77
C PRO A 74 10.03 1.17 -20.06
N ALA A 75 8.96 1.96 -20.18
CA ALA A 75 8.11 1.93 -21.37
C ALA A 75 8.95 2.19 -22.62
N SER A 76 9.74 3.23 -22.56
CA SER A 76 10.63 3.56 -23.64
C SER A 76 12.02 3.02 -23.32
N ASP A 77 12.33 1.86 -23.86
CA ASP A 77 13.60 1.22 -23.65
C ASP A 77 14.66 1.77 -24.61
N PRO A 78 15.91 1.93 -24.13
CA PRO A 78 17.02 2.43 -24.94
C PRO A 78 17.40 1.47 -26.07
N ILE A 79 18.36 1.87 -26.89
CA ILE A 79 18.80 1.03 -28.00
C ILE A 79 19.70 -0.07 -27.47
N SER A 80 19.23 -1.29 -27.57
CA SER A 80 19.96 -2.44 -27.10
C SER A 80 20.83 -3.02 -28.21
N PRO A 81 22.03 -3.55 -27.87
CA PRO A 81 22.93 -4.16 -28.86
C PRO A 81 22.27 -5.34 -29.58
N ASN A 1 -7.91 -9.81 -8.59
CA ASN A 1 -9.15 -9.08 -8.95
C ASN A 1 -9.66 -8.29 -7.75
N GLU A 2 -9.20 -8.68 -6.57
CA GLU A 2 -9.58 -8.01 -5.34
C GLU A 2 -8.49 -7.02 -4.92
N LEU A 3 -8.91 -5.86 -4.44
CA LEU A 3 -7.97 -4.81 -4.07
C LEU A 3 -7.60 -4.88 -2.61
N ARG A 4 -6.39 -4.46 -2.32
CA ARG A 4 -5.84 -4.52 -0.99
C ARG A 4 -5.66 -3.10 -0.44
N CYS A 5 -6.15 -2.83 0.77
CA CYS A 5 -6.05 -1.50 1.35
C CYS A 5 -4.61 -1.19 1.74
N GLY A 6 -4.19 0.05 1.50
CA GLY A 6 -2.83 0.46 1.79
C GLY A 6 -2.55 0.57 3.26
N CYS A 7 -3.58 0.70 4.07
CA CYS A 7 -3.38 0.79 5.51
C CYS A 7 -3.24 -0.61 6.11
N PRO A 8 -2.05 -0.93 6.62
CA PRO A 8 -1.78 -2.23 7.25
C PRO A 8 -2.46 -2.38 8.62
N ASP A 9 -2.88 -1.26 9.18
CA ASP A 9 -3.54 -1.26 10.47
C ASP A 9 -5.04 -1.49 10.27
N CYS A 10 -5.48 -1.24 9.05
CA CYS A 10 -6.88 -1.36 8.69
C CYS A 10 -7.23 -2.75 8.19
N HIS A 11 -8.46 -3.16 8.46
CA HIS A 11 -8.97 -4.43 7.98
C HIS A 11 -10.20 -4.20 7.10
N CYS A 12 -9.97 -4.02 5.83
CA CYS A 12 -11.06 -3.82 4.88
C CYS A 12 -10.68 -4.37 3.52
N LYS A 13 -11.64 -4.96 2.86
CA LYS A 13 -11.44 -5.49 1.55
C LYS A 13 -11.88 -4.50 0.54
N VAL A 14 -10.95 -4.03 -0.21
CA VAL A 14 -11.23 -3.03 -1.20
C VAL A 14 -11.75 -3.65 -2.48
N ASP A 15 -12.84 -3.12 -2.96
CA ASP A 15 -13.47 -3.60 -4.17
C ASP A 15 -12.82 -2.95 -5.37
N PRO A 16 -12.66 -3.69 -6.48
CA PRO A 16 -12.04 -3.15 -7.71
C PRO A 16 -12.92 -2.06 -8.33
N GLU A 17 -14.16 -2.02 -7.92
CA GLU A 17 -15.13 -1.07 -8.43
C GLU A 17 -15.24 0.16 -7.53
N ARG A 18 -14.67 0.08 -6.33
CA ARG A 18 -14.74 1.19 -5.37
C ARG A 18 -13.42 1.32 -4.59
N VAL A 19 -12.29 1.23 -5.29
CA VAL A 19 -10.99 1.35 -4.66
C VAL A 19 -10.48 2.79 -4.73
N PHE A 20 -10.34 3.41 -3.56
CA PHE A 20 -9.83 4.75 -3.47
C PHE A 20 -8.32 4.77 -3.70
N ASN A 21 -7.91 5.34 -4.79
CA ASN A 21 -6.50 5.40 -5.14
C ASN A 21 -5.85 6.66 -4.60
N HIS A 22 -4.61 6.53 -4.22
CA HIS A 22 -3.82 7.65 -3.73
C HIS A 22 -2.36 7.41 -4.04
N ASP A 23 -1.77 8.29 -4.84
CA ASP A 23 -0.35 8.19 -5.22
C ASP A 23 -0.12 6.87 -5.99
N GLY A 24 -1.19 6.36 -6.58
CA GLY A 24 -1.11 5.12 -7.32
C GLY A 24 -1.28 3.90 -6.42
N GLU A 25 -1.66 4.14 -5.18
CA GLU A 25 -1.85 3.07 -4.21
C GLU A 25 -3.33 2.82 -4.00
N ALA A 26 -3.67 1.64 -3.52
CA ALA A 26 -5.06 1.27 -3.30
C ALA A 26 -5.43 1.41 -1.82
N TYR A 27 -6.61 1.92 -1.57
CA TYR A 27 -7.10 2.11 -0.21
C TYR A 27 -8.60 1.82 -0.15
N CYS A 28 -9.11 1.45 1.02
CA CYS A 28 -10.54 1.12 1.16
C CYS A 28 -11.39 2.37 1.02
N SER A 29 -10.85 3.47 1.49
CA SER A 29 -11.53 4.73 1.43
C SER A 29 -10.50 5.84 1.47
N GLN A 30 -10.92 7.04 1.10
CA GLN A 30 -10.03 8.19 1.09
C GLN A 30 -9.48 8.46 2.49
N ALA A 31 -10.20 8.00 3.51
CA ALA A 31 -9.78 8.13 4.90
C ALA A 31 -8.38 7.51 5.10
N CYS A 32 -8.20 6.28 4.60
CA CYS A 32 -6.92 5.62 4.67
C CYS A 32 -6.01 6.10 3.55
N ALA A 33 -6.61 6.62 2.49
CA ALA A 33 -5.85 7.11 1.35
C ALA A 33 -4.90 8.22 1.79
N GLU A 34 -5.41 9.13 2.60
CA GLU A 34 -4.59 10.21 3.12
C GLU A 34 -3.80 9.75 4.34
N GLN A 35 -3.87 8.45 4.63
CA GLN A 35 -3.14 7.82 5.72
C GLN A 35 -3.47 8.45 7.07
N HIS A 36 -4.75 8.77 7.24
CA HIS A 36 -5.26 9.40 8.46
C HIS A 36 -4.54 10.71 8.73
N PRO A 37 -4.94 11.76 8.04
CA PRO A 37 -4.30 13.07 8.16
C PRO A 37 -4.72 13.79 9.44
N ASN A 38 -5.99 13.68 9.78
CA ASN A 38 -6.53 14.30 10.97
C ASN A 38 -6.81 13.25 12.02
N GLY A 39 -6.17 12.09 11.87
CA GLY A 39 -6.35 11.00 12.79
C GLY A 39 -7.71 10.35 12.66
N GLU A 40 -8.43 10.69 11.60
CA GLU A 40 -9.75 10.13 11.39
C GLU A 40 -9.64 8.74 10.77
N PRO A 41 -10.33 7.78 11.38
CA PRO A 41 -10.35 6.38 10.91
C PRO A 41 -11.15 6.19 9.62
N CYS A 42 -11.15 4.96 9.08
CA CYS A 42 -11.90 4.66 7.87
C CYS A 42 -13.39 4.55 8.20
N PRO A 43 -14.27 4.70 7.19
CA PRO A 43 -15.74 4.65 7.38
C PRO A 43 -16.29 3.24 7.73
N ALA A 44 -15.53 2.46 8.47
CA ALA A 44 -15.96 1.14 8.93
C ALA A 44 -16.22 1.20 10.42
N PRO A 45 -17.42 0.78 10.86
CA PRO A 45 -17.81 0.91 12.27
C PRO A 45 -17.06 -0.02 13.22
N ASP A 46 -16.64 -1.16 12.72
CA ASP A 46 -15.95 -2.14 13.57
C ASP A 46 -14.44 -2.01 13.44
N CYS A 47 -14.01 -1.18 12.52
CA CYS A 47 -12.60 -0.96 12.31
C CYS A 47 -12.14 0.21 13.18
N HIS A 48 -10.93 0.13 13.71
CA HIS A 48 -10.44 1.18 14.60
C HIS A 48 -8.99 1.53 14.29
N CYS A 49 -8.68 1.72 13.02
CA CYS A 49 -7.35 2.11 12.62
C CYS A 49 -7.23 3.63 12.63
N GLU A 50 -6.21 4.12 13.28
CA GLU A 50 -5.97 5.54 13.40
C GLU A 50 -4.60 5.79 13.99
N ARG A 51 -4.16 4.87 14.84
CA ARG A 51 -2.87 4.98 15.46
C ARG A 51 -1.94 3.90 14.94
N SER A 52 -1.58 4.02 13.68
CA SER A 52 -0.66 3.10 13.08
C SER A 52 0.75 3.68 13.14
N GLY A 53 1.69 2.91 13.65
CA GLY A 53 3.04 3.37 13.76
C GLY A 53 3.70 3.50 12.41
N LYS A 54 3.37 2.60 11.51
CA LYS A 54 3.92 2.61 10.18
C LYS A 54 2.82 2.65 9.12
N VAL A 55 2.48 3.86 8.67
CA VAL A 55 1.44 4.03 7.65
C VAL A 55 1.98 4.83 6.46
N GLY A 56 3.13 5.47 6.65
CA GLY A 56 3.73 6.25 5.58
C GLY A 56 4.65 5.41 4.73
N GLY A 57 4.88 5.84 3.49
CA GLY A 57 5.70 5.07 2.59
C GLY A 57 6.89 5.85 2.06
N ARG A 58 7.45 6.71 2.88
CA ARG A 58 8.63 7.46 2.48
C ARG A 58 9.67 7.47 3.57
N ASP A 59 10.66 6.63 3.44
CA ASP A 59 11.74 6.54 4.40
C ASP A 59 12.99 6.07 3.68
N ILE A 60 14.04 5.79 4.43
CA ILE A 60 15.27 5.34 3.85
C ILE A 60 15.21 3.83 3.62
N THR A 61 14.51 3.44 2.58
CA THR A 61 14.39 2.04 2.23
C THR A 61 15.44 1.65 1.21
N ASN A 62 16.62 1.30 1.70
CA ASN A 62 17.72 0.94 0.84
C ASN A 62 18.24 -0.42 1.23
N ASN A 63 19.26 -0.89 0.53
CA ASN A 63 19.86 -2.18 0.82
C ASN A 63 21.35 -2.02 1.07
N GLN A 64 21.82 -2.51 2.20
CA GLN A 64 23.23 -2.48 2.51
C GLN A 64 23.88 -3.79 2.12
N LEU A 65 23.05 -4.75 1.76
CA LEU A 65 23.53 -6.03 1.28
C LEU A 65 23.43 -6.06 -0.24
N ASP A 66 24.57 -5.96 -0.90
CA ASP A 66 24.61 -5.90 -2.36
C ASP A 66 24.49 -7.27 -2.99
N GLU A 67 23.42 -7.47 -3.73
CA GLU A 67 23.20 -8.72 -4.44
C GLU A 67 22.84 -8.45 -5.88
N ALA A 68 23.01 -9.44 -6.72
CA ALA A 68 22.68 -9.33 -8.12
C ALA A 68 21.26 -9.83 -8.35
N LEU A 69 20.64 -10.27 -7.28
CA LEU A 69 19.28 -10.79 -7.35
C LEU A 69 18.26 -9.67 -7.28
N GLU A 70 17.88 -9.17 -8.44
CA GLU A 70 16.86 -8.14 -8.55
C GLU A 70 15.73 -8.67 -9.44
N GLU A 71 16.14 -9.28 -10.57
CA GLU A 71 15.22 -9.87 -11.56
C GLU A 71 14.11 -8.90 -11.99
N THR A 72 14.44 -7.62 -12.05
CA THR A 72 13.50 -6.63 -12.51
C THR A 72 13.26 -6.78 -14.00
N PHE A 73 12.08 -7.25 -14.34
CA PHE A 73 11.72 -7.50 -15.71
C PHE A 73 11.53 -6.19 -16.48
N PRO A 74 12.34 -5.98 -17.53
CA PRO A 74 12.18 -4.83 -18.41
C PRO A 74 11.10 -5.12 -19.45
N ALA A 75 11.22 -4.52 -20.64
CA ALA A 75 10.27 -4.78 -21.71
C ALA A 75 10.36 -6.24 -22.14
N SER A 76 11.59 -6.75 -22.22
CA SER A 76 11.82 -8.13 -22.59
C SER A 76 12.92 -8.72 -21.71
N ASP A 77 12.67 -9.92 -21.17
CA ASP A 77 13.64 -10.59 -20.31
C ASP A 77 14.81 -11.12 -21.13
N PRO A 78 16.01 -11.20 -20.52
CA PRO A 78 17.24 -11.66 -21.21
C PRO A 78 17.19 -13.12 -21.61
N ILE A 79 17.90 -13.44 -22.68
CA ILE A 79 17.97 -14.80 -23.20
C ILE A 79 19.01 -15.62 -22.43
N SER A 80 18.58 -16.71 -21.83
CA SER A 80 19.47 -17.60 -21.11
C SER A 80 20.08 -18.63 -22.07
N PRO A 81 21.30 -19.14 -21.77
CA PRO A 81 21.97 -20.11 -22.62
C PRO A 81 21.67 -21.55 -22.20
N ASN A 1 -16.01 -14.39 3.18
CA ASN A 1 -15.80 -13.58 4.41
C ASN A 1 -15.39 -12.16 4.08
N GLU A 2 -15.64 -11.24 5.01
CA GLU A 2 -15.30 -9.84 4.82
C GLU A 2 -13.84 -9.58 5.09
N LEU A 3 -13.39 -8.46 4.61
CA LEU A 3 -12.02 -8.04 4.79
C LEU A 3 -11.91 -7.07 5.94
N ARG A 4 -10.77 -7.08 6.56
CA ARG A 4 -10.53 -6.20 7.68
C ARG A 4 -9.69 -5.03 7.22
N CYS A 5 -9.98 -3.86 7.75
CA CYS A 5 -9.24 -2.67 7.38
C CYS A 5 -7.88 -2.66 8.05
N GLY A 6 -6.90 -2.10 7.37
CA GLY A 6 -5.55 -2.05 7.89
C GLY A 6 -5.39 -1.03 9.00
N CYS A 7 -6.30 -0.07 9.05
CA CYS A 7 -6.24 0.97 10.06
C CYS A 7 -6.86 0.47 11.36
N PRO A 8 -6.05 0.34 12.41
CA PRO A 8 -6.51 -0.13 13.72
C PRO A 8 -7.43 0.87 14.42
N ASP A 9 -7.34 2.14 14.01
CA ASP A 9 -8.16 3.20 14.59
C ASP A 9 -9.50 3.29 13.88
N CYS A 10 -9.59 2.59 12.77
CA CYS A 10 -10.75 2.66 11.93
C CYS A 10 -11.75 1.53 12.23
N HIS A 11 -13.04 1.85 12.11
CA HIS A 11 -14.10 0.88 12.30
C HIS A 11 -14.95 0.76 11.04
N CYS A 12 -14.57 -0.14 10.15
CA CYS A 12 -15.30 -0.32 8.90
C CYS A 12 -15.31 -1.79 8.46
N LYS A 13 -16.38 -2.16 7.78
CA LYS A 13 -16.53 -3.51 7.25
C LYS A 13 -16.09 -3.52 5.80
N VAL A 14 -14.89 -3.97 5.57
CA VAL A 14 -14.34 -3.99 4.22
C VAL A 14 -14.89 -5.20 3.44
N ASP A 15 -15.36 -4.95 2.24
CA ASP A 15 -15.90 -6.01 1.40
C ASP A 15 -14.83 -6.58 0.49
N PRO A 16 -14.86 -7.91 0.26
CA PRO A 16 -13.89 -8.58 -0.62
C PRO A 16 -14.02 -8.11 -2.07
N GLU A 17 -15.22 -7.65 -2.42
CA GLU A 17 -15.49 -7.16 -3.75
C GLU A 17 -15.02 -5.69 -3.90
N ARG A 18 -14.75 -5.02 -2.77
CA ARG A 18 -14.32 -3.60 -2.80
C ARG A 18 -13.24 -3.29 -1.76
N VAL A 19 -12.30 -4.21 -1.54
CA VAL A 19 -11.22 -3.98 -0.58
C VAL A 19 -10.04 -3.24 -1.24
N PHE A 20 -9.78 -2.02 -0.79
CA PHE A 20 -8.67 -1.24 -1.28
C PHE A 20 -7.35 -1.79 -0.76
N ASN A 21 -6.60 -2.41 -1.65
CA ASN A 21 -5.33 -3.01 -1.28
C ASN A 21 -4.21 -2.00 -1.38
N HIS A 22 -3.24 -2.14 -0.50
CA HIS A 22 -2.08 -1.27 -0.49
C HIS A 22 -0.87 -2.05 0.01
N ASP A 23 0.07 -2.31 -0.90
CA ASP A 23 1.32 -3.02 -0.58
C ASP A 23 1.02 -4.44 -0.07
N GLY A 24 -0.13 -4.97 -0.45
CA GLY A 24 -0.52 -6.29 -0.03
C GLY A 24 -1.37 -6.29 1.23
N GLU A 25 -1.79 -5.11 1.65
CA GLU A 25 -2.61 -4.98 2.84
C GLU A 25 -4.02 -4.57 2.46
N ALA A 26 -4.98 -4.90 3.31
CA ALA A 26 -6.38 -4.60 3.06
C ALA A 26 -6.78 -3.32 3.78
N TYR A 27 -7.61 -2.52 3.12
CA TYR A 27 -8.10 -1.27 3.68
C TYR A 27 -9.53 -1.01 3.21
N CYS A 28 -10.27 -0.18 3.93
CA CYS A 28 -11.65 0.10 3.57
C CYS A 28 -11.71 1.08 2.40
N SER A 29 -10.70 1.92 2.30
CA SER A 29 -10.67 2.92 1.25
C SER A 29 -9.25 3.42 1.01
N GLN A 30 -9.05 4.01 -0.19
CA GLN A 30 -7.78 4.64 -0.58
C GLN A 30 -7.25 5.55 0.54
N ALA A 31 -8.18 6.22 1.23
CA ALA A 31 -7.86 7.13 2.33
C ALA A 31 -7.03 6.42 3.43
N CYS A 32 -7.53 5.29 3.92
CA CYS A 32 -6.82 4.53 4.93
C CYS A 32 -5.65 3.78 4.33
N ALA A 33 -5.75 3.48 3.03
CA ALA A 33 -4.71 2.75 2.33
C ALA A 33 -3.38 3.47 2.45
N GLU A 34 -3.40 4.78 2.27
CA GLU A 34 -2.20 5.59 2.37
C GLU A 34 -1.87 5.95 3.83
N GLN A 35 -2.64 5.37 4.77
CA GLN A 35 -2.42 5.57 6.20
C GLN A 35 -2.56 7.03 6.60
N HIS A 36 -3.52 7.73 5.98
CA HIS A 36 -3.80 9.15 6.25
C HIS A 36 -2.56 10.01 5.99
N PRO A 37 -2.31 10.31 4.71
CA PRO A 37 -1.13 11.10 4.30
C PRO A 37 -1.14 12.50 4.90
N ASN A 38 -2.24 13.20 4.72
CA ASN A 38 -2.36 14.56 5.23
C ASN A 38 -3.19 14.57 6.48
N GLY A 39 -3.58 13.39 6.92
CA GLY A 39 -4.41 13.26 8.08
C GLY A 39 -5.87 13.18 7.75
N GLU A 40 -6.18 12.95 6.47
CA GLU A 40 -7.56 12.85 6.05
C GLU A 40 -8.16 11.52 6.41
N PRO A 41 -9.34 11.56 7.01
CA PRO A 41 -10.07 10.36 7.48
C PRO A 41 -10.67 9.54 6.32
N CYS A 42 -11.18 8.36 6.64
CA CYS A 42 -11.80 7.51 5.63
C CYS A 42 -13.19 8.07 5.24
N PRO A 43 -13.72 7.68 4.08
CA PRO A 43 -15.02 8.18 3.57
C PRO A 43 -16.27 7.72 4.37
N ALA A 44 -16.08 7.39 5.64
CA ALA A 44 -17.19 7.01 6.50
C ALA A 44 -17.55 8.18 7.42
N PRO A 45 -18.84 8.57 7.48
CA PRO A 45 -19.26 9.73 8.26
C PRO A 45 -19.26 9.47 9.77
N ASP A 46 -19.56 8.24 10.15
CA ASP A 46 -19.64 7.90 11.57
C ASP A 46 -18.28 7.53 12.13
N CYS A 47 -17.32 7.39 11.25
CA CYS A 47 -15.98 7.03 11.67
C CYS A 47 -15.16 8.28 11.95
N HIS A 48 -14.19 8.17 12.85
CA HIS A 48 -13.37 9.32 13.24
C HIS A 48 -11.90 8.94 13.41
N CYS A 49 -11.32 8.36 12.38
CA CYS A 49 -9.92 7.99 12.44
C CYS A 49 -9.07 8.93 11.61
N GLU A 50 -8.05 9.48 12.23
CA GLU A 50 -7.11 10.37 11.59
C GLU A 50 -5.92 10.58 12.49
N ARG A 51 -6.19 10.84 13.76
CA ARG A 51 -5.15 10.97 14.75
C ARG A 51 -4.88 9.60 15.32
N SER A 52 -4.35 8.73 14.45
CA SER A 52 -4.06 7.35 14.80
C SER A 52 -3.33 7.26 16.12
N GLY A 53 -3.89 6.46 17.03
CA GLY A 53 -3.32 6.30 18.33
C GLY A 53 -1.91 5.80 18.28
N LYS A 54 -1.70 4.71 17.57
CA LYS A 54 -0.41 4.14 17.47
C LYS A 54 -0.30 3.17 16.30
N VAL A 55 0.50 3.55 15.31
CA VAL A 55 0.73 2.69 14.16
C VAL A 55 1.87 1.72 14.45
N GLY A 56 1.66 0.44 14.19
CA GLY A 56 2.67 -0.56 14.43
C GLY A 56 3.76 -0.55 13.38
N GLY A 57 4.58 0.49 13.40
CA GLY A 57 5.66 0.61 12.45
C GLY A 57 6.89 1.18 13.10
N ARG A 58 8.02 0.55 12.88
CA ARG A 58 9.28 1.02 13.44
C ARG A 58 10.00 1.92 12.47
N ASP A 59 10.07 1.50 11.23
CA ASP A 59 10.76 2.24 10.21
C ASP A 59 10.27 1.85 8.84
N ILE A 60 10.39 2.74 7.90
CA ILE A 60 10.01 2.45 6.55
C ILE A 60 11.25 2.30 5.68
N THR A 61 12.01 1.24 5.94
CA THR A 61 13.20 0.95 5.17
C THR A 61 12.80 0.53 3.77
N ASN A 62 12.84 1.47 2.85
CA ASN A 62 12.46 1.20 1.49
C ASN A 62 13.66 1.31 0.58
N ASN A 63 14.19 0.17 0.19
CA ASN A 63 15.32 0.13 -0.70
C ASN A 63 15.02 -0.76 -1.88
N GLN A 64 14.73 -0.13 -2.98
CA GLN A 64 14.43 -0.83 -4.21
C GLN A 64 15.33 -0.28 -5.33
N LEU A 65 15.57 1.03 -5.27
CA LEU A 65 16.45 1.72 -6.21
C LEU A 65 16.05 1.49 -7.67
N ASP A 66 16.93 1.85 -8.58
CA ASP A 66 16.74 1.61 -9.99
C ASP A 66 17.96 0.90 -10.55
N GLU A 67 17.86 -0.39 -10.71
CA GLU A 67 18.97 -1.20 -11.18
C GLU A 67 18.81 -1.55 -12.65
N ALA A 68 17.97 -0.80 -13.33
CA ALA A 68 17.74 -1.01 -14.75
C ALA A 68 18.88 -0.45 -15.58
N LEU A 69 19.79 -1.31 -16.01
CA LEU A 69 20.91 -0.89 -16.82
C LEU A 69 20.55 -0.84 -18.29
N GLU A 70 19.93 -1.93 -18.78
CA GLU A 70 19.56 -2.05 -20.19
C GLU A 70 20.79 -1.96 -21.08
N GLU A 71 21.55 -3.03 -21.14
CA GLU A 71 22.73 -3.09 -21.97
C GLU A 71 22.68 -4.33 -22.86
N THR A 72 22.01 -4.19 -23.98
CA THR A 72 21.86 -5.29 -24.90
C THR A 72 23.08 -5.44 -25.78
N PHE A 73 23.21 -6.58 -26.42
CA PHE A 73 24.33 -6.85 -27.30
C PHE A 73 24.12 -6.15 -28.63
N PRO A 74 25.22 -5.79 -29.33
CA PRO A 74 25.14 -5.11 -30.63
C PRO A 74 24.55 -6.02 -31.72
N ALA A 75 24.42 -5.48 -32.93
CA ALA A 75 23.87 -6.23 -34.05
C ALA A 75 24.62 -7.52 -34.27
N SER A 76 23.88 -8.62 -34.37
CA SER A 76 24.46 -9.95 -34.53
C SER A 76 25.36 -10.29 -33.34
N ASP A 77 24.74 -10.70 -32.24
CA ASP A 77 25.48 -11.05 -31.05
C ASP A 77 26.33 -12.28 -31.30
N PRO A 78 27.61 -12.22 -30.88
CA PRO A 78 28.60 -13.29 -31.06
C PRO A 78 28.10 -14.65 -30.59
N ILE A 79 28.36 -15.67 -31.40
CA ILE A 79 27.94 -17.01 -31.09
C ILE A 79 28.98 -17.68 -30.20
N SER A 80 28.60 -17.95 -28.98
CA SER A 80 29.48 -18.59 -28.03
C SER A 80 29.36 -20.11 -28.13
N PRO A 81 30.49 -20.83 -28.30
CA PRO A 81 30.47 -22.30 -28.36
C PRO A 81 30.30 -22.91 -26.96
N ASN A 1 -3.23 -12.10 -3.40
CA ASN A 1 -3.74 -11.51 -4.66
C ASN A 1 -4.78 -10.43 -4.36
N GLU A 2 -5.47 -10.61 -3.24
CA GLU A 2 -6.47 -9.64 -2.79
C GLU A 2 -5.75 -8.48 -2.10
N LEU A 3 -6.10 -7.25 -2.45
CA LEU A 3 -5.40 -6.10 -1.92
C LEU A 3 -5.81 -5.76 -0.50
N ARG A 4 -4.87 -5.21 0.24
CA ARG A 4 -5.08 -4.88 1.63
C ARG A 4 -4.73 -3.42 1.88
N CYS A 5 -5.41 -2.80 2.83
CA CYS A 5 -5.18 -1.38 3.13
C CYS A 5 -4.00 -1.22 4.08
N GLY A 6 -3.20 -0.17 3.84
CA GLY A 6 -2.05 0.10 4.66
C GLY A 6 -2.41 0.52 6.06
N CYS A 7 -3.52 1.27 6.21
CA CYS A 7 -3.95 1.74 7.53
C CYS A 7 -4.27 0.57 8.45
N PRO A 8 -3.48 0.39 9.50
CA PRO A 8 -3.65 -0.71 10.46
C PRO A 8 -4.94 -0.61 11.28
N ASP A 9 -5.45 0.60 11.46
CA ASP A 9 -6.67 0.81 12.25
C ASP A 9 -7.90 0.60 11.37
N CYS A 10 -7.70 0.73 10.08
CA CYS A 10 -8.78 0.64 9.10
C CYS A 10 -9.01 -0.80 8.65
N HIS A 11 -10.28 -1.18 8.51
CA HIS A 11 -10.63 -2.50 8.01
C HIS A 11 -11.46 -2.42 6.75
N CYS A 12 -10.78 -2.42 5.61
CA CYS A 12 -11.44 -2.40 4.32
C CYS A 12 -10.79 -3.38 3.35
N LYS A 13 -11.59 -3.96 2.49
CA LYS A 13 -11.10 -4.87 1.49
C LYS A 13 -10.76 -4.12 0.24
N VAL A 14 -9.49 -3.93 0.05
CA VAL A 14 -9.02 -3.22 -1.11
C VAL A 14 -9.07 -4.12 -2.34
N ASP A 15 -9.36 -3.54 -3.47
CA ASP A 15 -9.50 -4.29 -4.69
C ASP A 15 -8.30 -4.07 -5.59
N PRO A 16 -7.84 -5.12 -6.26
CA PRO A 16 -6.74 -5.01 -7.22
C PRO A 16 -7.11 -4.12 -8.40
N GLU A 17 -8.42 -3.95 -8.62
CA GLU A 17 -8.90 -3.15 -9.72
C GLU A 17 -9.12 -1.71 -9.27
N ARG A 18 -9.07 -1.48 -7.95
CA ARG A 18 -9.29 -0.13 -7.37
C ARG A 18 -8.42 0.09 -6.13
N VAL A 19 -7.14 -0.20 -6.25
CA VAL A 19 -6.23 -0.01 -5.11
C VAL A 19 -5.45 1.29 -5.24
N PHE A 20 -5.54 2.11 -4.21
CA PHE A 20 -4.81 3.36 -4.16
C PHE A 20 -3.41 3.10 -3.63
N ASN A 21 -2.42 3.18 -4.49
CA ASN A 21 -1.05 2.93 -4.10
C ASN A 21 -0.37 4.20 -3.63
N HIS A 22 0.40 4.07 -2.57
CA HIS A 22 1.16 5.17 -2.03
C HIS A 22 2.52 4.69 -1.58
N ASP A 23 3.56 5.10 -2.29
CA ASP A 23 4.96 4.74 -1.97
C ASP A 23 5.17 3.22 -2.06
N GLY A 24 4.36 2.57 -2.87
CA GLY A 24 4.47 1.13 -3.04
C GLY A 24 3.50 0.38 -2.15
N GLU A 25 2.73 1.13 -1.37
CA GLU A 25 1.76 0.54 -0.46
C GLU A 25 0.38 0.52 -1.09
N ALA A 26 -0.49 -0.26 -0.49
CA ALA A 26 -1.84 -0.39 -0.96
C ALA A 26 -2.79 0.20 0.06
N TYR A 27 -3.79 0.93 -0.39
CA TYR A 27 -4.75 1.55 0.50
C TYR A 27 -6.15 1.44 -0.08
N CYS A 28 -7.17 1.47 0.78
CA CYS A 28 -8.56 1.33 0.34
C CYS A 28 -8.99 2.56 -0.43
N SER A 29 -8.44 3.68 -0.06
CA SER A 29 -8.76 4.92 -0.67
C SER A 29 -7.63 5.89 -0.43
N GLN A 30 -7.54 6.89 -1.26
CA GLN A 30 -6.52 7.91 -1.12
C GLN A 30 -6.60 8.58 0.26
N ALA A 31 -7.77 8.51 0.88
CA ALA A 31 -7.98 9.05 2.23
C ALA A 31 -6.97 8.44 3.21
N CYS A 32 -6.84 7.11 3.18
CA CYS A 32 -5.88 6.42 4.02
C CYS A 32 -4.49 6.50 3.41
N ALA A 33 -4.41 6.69 2.10
CA ALA A 33 -3.13 6.80 1.42
C ALA A 33 -2.33 7.97 1.98
N GLU A 34 -3.02 9.09 2.24
CA GLU A 34 -2.37 10.27 2.83
C GLU A 34 -2.23 10.12 4.35
N GLN A 35 -2.64 8.96 4.87
CA GLN A 35 -2.52 8.63 6.30
C GLN A 35 -3.29 9.63 7.17
N HIS A 36 -4.44 10.08 6.66
CA HIS A 36 -5.31 11.03 7.36
C HIS A 36 -4.57 12.34 7.64
N PRO A 37 -4.47 13.20 6.62
CA PRO A 37 -3.74 14.46 6.72
C PRO A 37 -4.38 15.43 7.72
N ASN A 38 -5.70 15.56 7.65
CA ASN A 38 -6.42 16.46 8.56
C ASN A 38 -7.30 15.66 9.50
N GLY A 39 -7.13 14.36 9.48
CA GLY A 39 -7.93 13.50 10.32
C GLY A 39 -9.17 13.00 9.62
N GLU A 40 -9.27 13.26 8.32
CA GLU A 40 -10.42 12.80 7.54
C GLU A 40 -10.35 11.28 7.37
N PRO A 41 -11.38 10.57 7.85
CA PRO A 41 -11.46 9.10 7.76
C PRO A 41 -11.67 8.61 6.32
N CYS A 42 -11.59 7.29 6.12
CA CYS A 42 -11.79 6.71 4.81
C CYS A 42 -13.28 6.76 4.43
N PRO A 43 -13.61 6.69 3.14
CA PRO A 43 -14.99 6.78 2.63
C PRO A 43 -15.86 5.55 2.95
N ALA A 44 -15.65 4.95 4.11
CA ALA A 44 -16.47 3.82 4.56
C ALA A 44 -17.29 4.25 5.78
N PRO A 45 -18.61 4.01 5.75
CA PRO A 45 -19.50 4.46 6.82
C PRO A 45 -19.40 3.61 8.09
N ASP A 46 -19.12 2.33 7.91
CA ASP A 46 -19.06 1.42 9.06
C ASP A 46 -17.68 1.48 9.70
N CYS A 47 -16.74 1.98 8.96
CA CYS A 47 -15.38 2.10 9.43
C CYS A 47 -15.17 3.44 10.10
N HIS A 48 -14.36 3.47 11.14
CA HIS A 48 -14.09 4.71 11.85
C HIS A 48 -12.63 4.78 12.25
N CYS A 49 -11.78 5.09 11.30
CA CYS A 49 -10.37 5.24 11.55
C CYS A 49 -9.96 6.68 11.31
N GLU A 50 -9.23 7.26 12.24
CA GLU A 50 -8.78 8.64 12.14
C GLU A 50 -7.80 8.98 13.24
N ARG A 51 -7.99 8.40 14.41
CA ARG A 51 -7.14 8.65 15.56
C ARG A 51 -6.25 7.46 15.83
N SER A 52 -5.79 6.82 14.77
CA SER A 52 -4.91 5.65 14.88
C SER A 52 -3.63 6.02 15.64
N GLY A 53 -3.44 5.38 16.78
CA GLY A 53 -2.28 5.67 17.60
C GLY A 53 -1.01 5.09 17.05
N LYS A 54 -1.06 3.85 16.62
CA LYS A 54 0.12 3.19 16.07
C LYS A 54 -0.03 2.96 14.57
N VAL A 55 1.05 3.18 13.85
CA VAL A 55 1.08 2.97 12.41
C VAL A 55 2.34 2.20 12.03
N GLY A 56 3.49 2.79 12.36
CA GLY A 56 4.75 2.16 12.05
C GLY A 56 5.68 2.21 13.23
N GLY A 57 6.67 1.32 13.24
CA GLY A 57 7.63 1.29 14.32
C GLY A 57 8.62 2.44 14.25
N ARG A 58 8.16 3.63 14.67
CA ARG A 58 8.93 4.85 14.56
C ARG A 58 9.36 5.06 13.11
N ASP A 59 8.37 5.39 12.27
CA ASP A 59 8.55 5.53 10.82
C ASP A 59 8.85 4.16 10.21
N ILE A 60 9.33 4.13 8.98
CA ILE A 60 9.64 2.88 8.32
C ILE A 60 11.04 2.41 8.70
N THR A 61 11.28 2.28 9.99
CA THR A 61 12.55 1.81 10.47
C THR A 61 12.53 0.29 10.56
N ASN A 62 12.77 -0.35 9.43
CA ASN A 62 12.75 -1.80 9.34
C ASN A 62 13.36 -2.24 8.03
N ASN A 63 14.06 -3.37 8.06
CA ASN A 63 14.65 -3.94 6.87
C ASN A 63 14.26 -5.38 6.74
N GLN A 64 13.88 -5.77 5.54
CA GLN A 64 13.39 -7.11 5.31
C GLN A 64 14.50 -8.02 4.82
N LEU A 65 15.61 -7.42 4.41
CA LEU A 65 16.76 -8.18 3.87
C LEU A 65 16.39 -8.89 2.56
N ASP A 66 17.39 -9.52 1.92
CA ASP A 66 17.21 -10.26 0.66
C ASP A 66 16.53 -9.41 -0.41
N GLU A 67 17.33 -8.76 -1.23
CA GLU A 67 16.82 -7.92 -2.28
C GLU A 67 16.78 -8.66 -3.61
N ALA A 68 15.58 -8.82 -4.16
CA ALA A 68 15.40 -9.49 -5.44
C ALA A 68 15.83 -8.57 -6.58
N LEU A 69 16.39 -9.16 -7.63
CA LEU A 69 16.88 -8.38 -8.75
C LEU A 69 16.24 -8.81 -10.06
N GLU A 70 16.49 -10.06 -10.46
CA GLU A 70 16.01 -10.62 -11.73
C GLU A 70 16.61 -9.90 -12.94
N GLU A 71 17.88 -10.16 -13.20
CA GLU A 71 18.55 -9.58 -14.34
C GLU A 71 18.39 -10.52 -15.52
N THR A 72 17.20 -10.51 -16.08
CA THR A 72 16.86 -11.34 -17.22
C THR A 72 16.73 -10.50 -18.48
N PHE A 73 16.34 -11.12 -19.57
CA PHE A 73 16.15 -10.42 -20.82
C PHE A 73 14.68 -10.04 -20.99
N PRO A 74 14.38 -9.00 -21.79
CA PRO A 74 13.02 -8.50 -21.97
C PRO A 74 12.14 -9.47 -22.74
N ALA A 75 10.85 -9.17 -22.79
CA ALA A 75 9.89 -9.99 -23.52
C ALA A 75 10.22 -9.98 -25.00
N SER A 76 10.56 -8.81 -25.49
CA SER A 76 10.98 -8.67 -26.86
C SER A 76 12.51 -8.73 -26.92
N ASP A 77 13.04 -9.94 -26.92
CA ASP A 77 14.48 -10.12 -26.95
C ASP A 77 15.03 -9.90 -28.35
N PRO A 78 16.28 -9.42 -28.46
CA PRO A 78 16.92 -9.17 -29.75
C PRO A 78 17.05 -10.43 -30.60
N ILE A 79 17.00 -10.27 -31.90
CA ILE A 79 17.12 -11.40 -32.80
C ILE A 79 18.57 -11.79 -32.98
N SER A 80 18.86 -13.05 -32.73
CA SER A 80 20.20 -13.57 -32.87
C SER A 80 20.62 -13.60 -34.35
N PRO A 81 21.89 -13.29 -34.64
CA PRO A 81 22.40 -13.29 -36.02
C PRO A 81 22.73 -14.70 -36.52
N ASN A 1 -17.49 -14.77 6.08
CA ASN A 1 -17.29 -14.02 7.35
C ASN A 1 -17.19 -12.53 7.09
N GLU A 2 -17.42 -11.74 8.13
CA GLU A 2 -17.36 -10.29 8.02
C GLU A 2 -15.92 -9.83 7.72
N LEU A 3 -15.80 -8.68 7.08
CA LEU A 3 -14.50 -8.14 6.70
C LEU A 3 -13.98 -7.16 7.72
N ARG A 4 -12.68 -7.08 7.83
CA ARG A 4 -12.03 -6.21 8.78
C ARG A 4 -11.35 -5.05 8.07
N CYS A 5 -11.20 -3.94 8.76
CA CYS A 5 -10.54 -2.78 8.20
C CYS A 5 -9.03 -2.88 8.38
N GLY A 6 -8.29 -2.38 7.41
CA GLY A 6 -6.84 -2.45 7.46
C GLY A 6 -6.23 -1.40 8.38
N CYS A 7 -7.01 -0.39 8.75
CA CYS A 7 -6.51 0.64 9.65
C CYS A 7 -6.63 0.19 11.10
N PRO A 8 -5.49 0.00 11.77
CA PRO A 8 -5.43 -0.45 13.17
C PRO A 8 -5.99 0.57 14.16
N ASP A 9 -6.04 1.83 13.76
CA ASP A 9 -6.55 2.89 14.63
C ASP A 9 -8.02 3.13 14.38
N CYS A 10 -8.54 2.48 13.36
CA CYS A 10 -9.92 2.65 12.99
C CYS A 10 -10.79 1.51 13.52
N HIS A 11 -11.99 1.84 13.95
CA HIS A 11 -12.93 0.84 14.44
C HIS A 11 -14.22 0.83 13.63
N CYS A 12 -14.25 0.01 12.60
CA CYS A 12 -15.44 -0.13 11.75
C CYS A 12 -15.63 -1.57 11.33
N LYS A 13 -16.88 -1.99 11.27
CA LYS A 13 -17.23 -3.32 10.83
C LYS A 13 -17.41 -3.34 9.33
N VAL A 14 -16.39 -3.76 8.64
CA VAL A 14 -16.40 -3.79 7.19
C VAL A 14 -17.28 -4.92 6.67
N ASP A 15 -18.18 -4.59 5.77
CA ASP A 15 -19.09 -5.57 5.22
C ASP A 15 -18.43 -6.31 4.07
N PRO A 16 -18.68 -7.61 3.92
CA PRO A 16 -18.13 -8.39 2.81
C PRO A 16 -18.71 -7.95 1.48
N GLU A 17 -19.81 -7.21 1.54
CA GLU A 17 -20.49 -6.76 0.35
C GLU A 17 -20.14 -5.30 0.02
N ARG A 18 -19.38 -4.64 0.91
CA ARG A 18 -19.00 -3.23 0.70
C ARG A 18 -17.57 -2.97 1.16
N VAL A 19 -16.74 -3.99 1.12
CA VAL A 19 -15.35 -3.85 1.54
C VAL A 19 -14.52 -3.12 0.49
N PHE A 20 -13.93 -2.00 0.87
CA PHE A 20 -13.07 -1.26 -0.02
C PHE A 20 -11.68 -1.86 0.01
N ASN A 21 -11.30 -2.51 -1.07
CA ASN A 21 -10.03 -3.18 -1.12
C ASN A 21 -8.96 -2.29 -1.70
N HIS A 22 -7.75 -2.44 -1.19
CA HIS A 22 -6.60 -1.69 -1.67
C HIS A 22 -5.39 -2.59 -1.69
N ASP A 23 -4.93 -2.93 -2.89
CA ASP A 23 -3.74 -3.79 -3.07
C ASP A 23 -3.97 -5.19 -2.45
N GLY A 24 -5.24 -5.55 -2.32
CA GLY A 24 -5.58 -6.84 -1.76
C GLY A 24 -5.97 -6.77 -0.29
N GLU A 25 -5.84 -5.60 0.30
CA GLU A 25 -6.20 -5.41 1.69
C GLU A 25 -7.62 -4.91 1.82
N ALA A 26 -8.24 -5.21 2.94
CA ALA A 26 -9.62 -4.82 3.19
C ALA A 26 -9.69 -3.56 4.03
N TYR A 27 -10.58 -2.66 3.68
CA TYR A 27 -10.77 -1.40 4.40
C TYR A 27 -12.24 -1.05 4.49
N CYS A 28 -12.62 -0.24 5.48
CA CYS A 28 -14.01 0.13 5.67
C CYS A 28 -14.48 1.04 4.56
N SER A 29 -13.58 1.88 4.09
CA SER A 29 -13.88 2.81 3.05
C SER A 29 -12.62 3.22 2.33
N GLN A 30 -12.77 3.81 1.15
CA GLN A 30 -11.65 4.26 0.32
C GLN A 30 -10.74 5.25 1.11
N ALA A 31 -11.33 5.93 2.09
CA ALA A 31 -10.60 6.86 2.95
C ALA A 31 -9.43 6.15 3.67
N CYS A 32 -9.73 5.03 4.33
CA CYS A 32 -8.71 4.24 5.01
C CYS A 32 -7.92 3.43 4.02
N ALA A 33 -8.51 3.16 2.86
CA ALA A 33 -7.85 2.40 1.82
C ALA A 33 -6.55 3.08 1.38
N GLU A 34 -6.60 4.41 1.27
CA GLU A 34 -5.42 5.18 0.91
C GLU A 34 -4.56 5.50 2.15
N GLN A 35 -4.97 4.97 3.30
CA GLN A 35 -4.26 5.13 4.57
C GLN A 35 -4.16 6.60 4.96
N HIS A 36 -5.26 7.33 4.74
CA HIS A 36 -5.34 8.76 5.04
C HIS A 36 -4.27 9.53 4.29
N PRO A 37 -4.52 9.79 3.02
CA PRO A 37 -3.55 10.46 2.16
C PRO A 37 -3.53 11.97 2.39
N ASN A 38 -4.70 12.56 2.60
CA ASN A 38 -4.80 13.99 2.84
C ASN A 38 -5.14 14.24 4.30
N GLY A 39 -5.14 13.17 5.08
CA GLY A 39 -5.45 13.29 6.49
C GLY A 39 -6.92 13.09 6.77
N GLU A 40 -7.73 12.99 5.71
CA GLU A 40 -9.16 12.79 5.88
C GLU A 40 -9.45 11.48 6.60
N PRO A 41 -10.20 11.56 7.70
CA PRO A 41 -10.66 10.38 8.43
C PRO A 41 -11.61 9.53 7.59
N CYS A 42 -12.03 8.39 8.12
CA CYS A 42 -12.98 7.56 7.42
C CYS A 42 -14.37 8.20 7.56
N PRO A 43 -15.32 7.83 6.67
CA PRO A 43 -16.68 8.42 6.66
C PRO A 43 -17.56 8.11 7.90
N ALA A 44 -16.96 7.61 8.97
CA ALA A 44 -17.67 7.34 10.22
C ALA A 44 -17.59 8.56 11.13
N PRO A 45 -18.73 9.02 11.67
CA PRO A 45 -18.78 10.24 12.48
C PRO A 45 -18.22 10.06 13.89
N ASP A 46 -18.35 8.86 14.43
CA ASP A 46 -17.91 8.60 15.79
C ASP A 46 -16.48 8.08 15.81
N CYS A 47 -15.94 7.80 14.65
CA CYS A 47 -14.58 7.33 14.56
C CYS A 47 -13.64 8.53 14.52
N HIS A 48 -12.45 8.37 15.08
CA HIS A 48 -11.51 9.48 15.18
C HIS A 48 -10.12 9.12 14.67
N CYS A 49 -10.06 8.29 13.65
CA CYS A 49 -8.78 7.93 13.08
C CYS A 49 -8.42 8.91 11.96
N GLU A 50 -7.13 9.12 11.76
CA GLU A 50 -6.61 10.07 10.77
C GLU A 50 -5.11 10.18 10.95
N ARG A 51 -4.69 9.97 12.17
CA ARG A 51 -3.32 10.10 12.58
C ARG A 51 -2.71 8.73 12.90
N SER A 52 -3.13 7.72 12.16
CA SER A 52 -2.63 6.37 12.36
C SER A 52 -1.24 6.21 11.74
N GLY A 53 -0.96 7.01 10.71
CA GLY A 53 0.31 6.94 10.04
C GLY A 53 0.28 5.99 8.87
N LYS A 54 1.38 5.87 8.17
CA LYS A 54 1.48 4.98 7.04
C LYS A 54 1.93 3.59 7.51
N VAL A 55 0.97 2.70 7.70
CA VAL A 55 1.23 1.37 8.23
C VAL A 55 1.56 0.36 7.13
N GLY A 56 2.62 -0.41 7.36
CA GLY A 56 2.99 -1.45 6.42
C GLY A 56 4.02 -0.99 5.41
N GLY A 57 4.68 0.11 5.70
CA GLY A 57 5.67 0.62 4.80
C GLY A 57 7.04 0.75 5.43
N ARG A 58 7.97 -0.09 5.01
CA ARG A 58 9.34 -0.02 5.51
C ARG A 58 10.12 0.99 4.67
N ASP A 59 11.27 1.40 5.17
CA ASP A 59 12.11 2.35 4.46
C ASP A 59 12.76 1.69 3.26
N ILE A 60 12.79 2.40 2.14
CA ILE A 60 13.37 1.86 0.93
C ILE A 60 14.90 1.89 0.99
N THR A 61 15.46 0.85 1.53
CA THR A 61 16.90 0.72 1.64
C THR A 61 17.36 -0.62 1.04
N ASN A 62 16.60 -1.11 0.09
CA ASN A 62 16.92 -2.38 -0.56
C ASN A 62 17.84 -2.15 -1.74
N ASN A 63 19.13 -2.01 -1.45
CA ASN A 63 20.18 -1.80 -2.47
C ASN A 63 19.99 -0.52 -3.26
N GLN A 64 20.92 0.41 -3.11
CA GLN A 64 20.88 1.66 -3.86
C GLN A 64 21.32 1.39 -5.30
N LEU A 65 22.25 0.43 -5.45
CA LEU A 65 22.77 0.00 -6.75
C LEU A 65 23.61 1.06 -7.45
N ASP A 66 24.69 0.62 -8.06
CA ASP A 66 25.57 1.53 -8.81
C ASP A 66 25.57 1.17 -10.28
N GLU A 67 25.32 -0.08 -10.57
CA GLU A 67 25.24 -0.56 -11.94
C GLU A 67 24.01 -1.43 -12.14
N ALA A 68 22.90 -0.80 -12.45
CA ALA A 68 21.65 -1.51 -12.68
C ALA A 68 21.30 -1.56 -14.16
N LEU A 69 22.13 -0.94 -14.97
CA LEU A 69 21.90 -0.91 -16.41
C LEU A 69 22.71 -2.00 -17.11
N GLU A 70 22.10 -3.16 -17.26
CA GLU A 70 22.75 -4.28 -17.93
C GLU A 70 22.24 -4.41 -19.35
N GLU A 71 21.35 -3.50 -19.73
CA GLU A 71 20.78 -3.50 -21.08
C GLU A 71 21.78 -2.96 -22.11
N THR A 72 23.00 -2.76 -21.70
CA THR A 72 24.04 -2.27 -22.58
C THR A 72 24.79 -3.42 -23.24
N PHE A 73 25.19 -3.20 -24.45
CA PHE A 73 25.90 -4.21 -25.23
C PHE A 73 27.18 -3.62 -25.82
N PRO A 74 28.22 -4.45 -26.03
CA PRO A 74 29.49 -4.00 -26.60
C PRO A 74 29.38 -3.82 -28.12
N ALA A 75 30.45 -3.31 -28.73
CA ALA A 75 30.47 -3.10 -30.18
C ALA A 75 30.57 -4.43 -30.90
N SER A 76 31.18 -5.40 -30.26
CA SER A 76 31.34 -6.72 -30.84
C SER A 76 30.76 -7.77 -29.89
N ASP A 77 29.78 -8.52 -30.37
CA ASP A 77 29.17 -9.56 -29.57
C ASP A 77 29.95 -10.87 -29.69
N PRO A 78 30.09 -11.62 -28.58
CA PRO A 78 30.81 -12.90 -28.57
C PRO A 78 30.16 -13.94 -29.46
N ILE A 79 30.92 -14.50 -30.39
CA ILE A 79 30.41 -15.50 -31.29
C ILE A 79 30.49 -16.88 -30.65
N SER A 80 29.34 -17.44 -30.35
CA SER A 80 29.26 -18.76 -29.73
C SER A 80 29.35 -19.84 -30.81
N PRO A 81 30.28 -20.82 -30.65
CA PRO A 81 30.47 -21.90 -31.63
C PRO A 81 29.18 -22.68 -31.91
N ASN A 1 -9.66 -5.13 21.97
CA ASN A 1 -10.25 -5.97 20.89
C ASN A 1 -10.61 -5.11 19.68
N GLU A 2 -10.37 -3.80 19.80
CA GLU A 2 -10.65 -2.86 18.72
C GLU A 2 -9.71 -3.09 17.54
N LEU A 3 -10.24 -2.99 16.33
CA LEU A 3 -9.43 -3.18 15.15
C LEU A 3 -8.99 -1.86 14.58
N ARG A 4 -7.84 -1.86 13.98
CA ARG A 4 -7.27 -0.67 13.42
C ARG A 4 -7.09 -0.81 11.94
N CYS A 5 -7.18 0.28 11.23
CA CYS A 5 -7.03 0.24 9.80
C CYS A 5 -5.55 0.29 9.42
N GLY A 6 -5.20 -0.49 8.41
CA GLY A 6 -3.83 -0.55 7.97
C GLY A 6 -3.39 0.64 7.13
N CYS A 7 -4.31 1.56 6.82
CA CYS A 7 -3.95 2.75 6.07
C CYS A 7 -3.52 3.85 7.02
N PRO A 8 -2.24 4.20 6.99
CA PRO A 8 -1.69 5.25 7.85
C PRO A 8 -2.27 6.63 7.56
N ASP A 9 -2.75 6.81 6.33
CA ASP A 9 -3.31 8.10 5.92
C ASP A 9 -4.82 8.14 6.12
N CYS A 10 -5.35 7.08 6.70
CA CYS A 10 -6.78 6.97 6.91
C CYS A 10 -7.14 7.15 8.38
N HIS A 11 -8.31 7.73 8.63
CA HIS A 11 -8.82 7.92 9.98
C HIS A 11 -10.15 7.20 10.17
N CYS A 12 -10.09 5.96 10.61
CA CYS A 12 -11.30 5.17 10.84
C CYS A 12 -11.10 4.16 11.96
N LYS A 13 -12.19 3.87 12.65
CA LYS A 13 -12.22 2.88 13.70
C LYS A 13 -12.81 1.62 13.14
N VAL A 14 -12.05 0.57 13.21
CA VAL A 14 -12.47 -0.69 12.62
C VAL A 14 -13.09 -1.62 13.67
N ASP A 15 -14.28 -2.09 13.37
CA ASP A 15 -15.03 -2.98 14.25
C ASP A 15 -14.57 -4.41 14.06
N PRO A 16 -14.33 -5.15 15.16
CA PRO A 16 -13.94 -6.58 15.10
C PRO A 16 -14.80 -7.43 14.13
N GLU A 17 -16.11 -7.15 14.09
CA GLU A 17 -17.02 -7.92 13.22
C GLU A 17 -16.94 -7.48 11.75
N ARG A 18 -16.56 -6.25 11.51
CA ARG A 18 -16.57 -5.72 10.15
C ARG A 18 -15.19 -5.25 9.70
N VAL A 19 -14.16 -5.95 10.14
CA VAL A 19 -12.80 -5.62 9.78
C VAL A 19 -12.38 -6.34 8.49
N PHE A 20 -11.99 -5.57 7.49
CA PHE A 20 -11.50 -6.13 6.25
C PHE A 20 -10.06 -6.60 6.40
N ASN A 21 -9.87 -7.89 6.42
CA ASN A 21 -8.54 -8.45 6.58
C ASN A 21 -7.85 -8.59 5.24
N HIS A 22 -6.61 -8.15 5.19
CA HIS A 22 -5.81 -8.24 3.98
C HIS A 22 -4.37 -8.57 4.32
N ASP A 23 -3.89 -9.72 3.83
CA ASP A 23 -2.50 -10.18 4.03
C ASP A 23 -2.17 -10.31 5.52
N GLY A 24 -3.19 -10.47 6.35
CA GLY A 24 -2.97 -10.58 7.78
C GLY A 24 -3.08 -9.24 8.47
N GLU A 25 -3.66 -8.28 7.78
CA GLU A 25 -3.84 -6.95 8.32
C GLU A 25 -5.31 -6.62 8.49
N ALA A 26 -5.56 -5.57 9.20
CA ALA A 26 -6.90 -5.10 9.43
C ALA A 26 -7.11 -3.79 8.71
N TYR A 27 -8.24 -3.66 8.06
CA TYR A 27 -8.56 -2.45 7.34
C TYR A 27 -10.00 -2.05 7.59
N CYS A 28 -10.30 -0.77 7.47
CA CYS A 28 -11.66 -0.29 7.72
C CYS A 28 -12.57 -0.73 6.61
N SER A 29 -11.99 -0.90 5.45
CA SER A 29 -12.70 -1.28 4.29
C SER A 29 -11.72 -1.80 3.28
N GLN A 30 -12.19 -2.59 2.36
CA GLN A 30 -11.34 -3.14 1.34
C GLN A 30 -10.74 -2.03 0.47
N ALA A 31 -11.38 -0.87 0.47
CA ALA A 31 -10.86 0.28 -0.26
C ALA A 31 -9.41 0.55 0.16
N CYS A 32 -9.17 0.43 1.46
CA CYS A 32 -7.83 0.57 2.00
C CYS A 32 -7.08 -0.74 1.97
N ALA A 33 -7.81 -1.86 2.01
CA ALA A 33 -7.20 -3.16 1.99
C ALA A 33 -6.38 -3.35 0.72
N GLU A 34 -6.94 -2.92 -0.42
CA GLU A 34 -6.23 -2.99 -1.69
C GLU A 34 -5.28 -1.81 -1.86
N GLN A 35 -5.16 -1.01 -0.79
CA GLN A 35 -4.24 0.12 -0.77
C GLN A 35 -4.53 1.08 -1.91
N HIS A 36 -5.83 1.38 -2.08
CA HIS A 36 -6.31 2.30 -3.11
C HIS A 36 -5.74 1.95 -4.48
N PRO A 37 -6.29 0.92 -5.11
CA PRO A 37 -5.81 0.43 -6.41
C PRO A 37 -6.23 1.34 -7.56
N ASN A 38 -7.36 1.99 -7.41
CA ASN A 38 -7.89 2.88 -8.44
C ASN A 38 -7.93 4.31 -7.92
N GLY A 39 -7.18 4.55 -6.85
CA GLY A 39 -7.21 5.87 -6.23
C GLY A 39 -8.50 6.11 -5.49
N GLU A 40 -9.25 5.03 -5.27
CA GLU A 40 -10.52 5.09 -4.59
C GLU A 40 -10.34 5.16 -3.09
N PRO A 41 -10.77 6.26 -2.47
CA PRO A 41 -10.70 6.45 -1.01
C PRO A 41 -11.65 5.50 -0.28
N CYS A 42 -11.54 5.43 1.02
CA CYS A 42 -12.38 4.55 1.80
C CYS A 42 -13.83 5.09 1.83
N PRO A 43 -14.82 4.23 2.12
CA PRO A 43 -16.26 4.60 2.15
C PRO A 43 -16.65 5.57 3.30
N ALA A 44 -15.74 6.43 3.69
CA ALA A 44 -16.02 7.44 4.69
C ALA A 44 -16.03 8.82 4.03
N PRO A 45 -17.09 9.60 4.24
CA PRO A 45 -17.25 10.90 3.58
C PRO A 45 -16.38 12.01 4.17
N ASP A 46 -16.10 11.93 5.46
CA ASP A 46 -15.29 12.97 6.10
C ASP A 46 -13.81 12.63 6.01
N CYS A 47 -13.53 11.37 5.72
CA CYS A 47 -12.17 10.92 5.55
C CYS A 47 -11.79 11.05 4.08
N HIS A 48 -10.58 11.49 3.79
CA HIS A 48 -10.14 11.64 2.41
C HIS A 48 -8.72 11.15 2.24
N CYS A 49 -8.56 9.86 2.13
CA CYS A 49 -7.27 9.23 1.92
C CYS A 49 -7.25 8.54 0.56
N GLU A 50 -6.27 8.88 -0.25
CA GLU A 50 -6.15 8.30 -1.57
C GLU A 50 -4.69 8.27 -2.01
N ARG A 51 -3.81 8.51 -1.06
CA ARG A 51 -2.38 8.59 -1.34
C ARG A 51 -1.62 7.42 -0.71
N SER A 52 -2.33 6.46 -0.21
CA SER A 52 -1.70 5.32 0.41
C SER A 52 -1.61 4.18 -0.60
N GLY A 53 -0.38 3.84 -0.98
CA GLY A 53 -0.16 2.77 -1.93
C GLY A 53 1.04 1.94 -1.57
N LYS A 54 2.12 2.09 -2.32
CA LYS A 54 3.32 1.32 -2.04
C LYS A 54 4.23 2.05 -1.05
N VAL A 55 3.93 1.86 0.23
CA VAL A 55 4.69 2.48 1.29
C VAL A 55 5.36 1.41 2.17
N GLY A 56 6.56 1.72 2.64
CA GLY A 56 7.28 0.78 3.49
C GLY A 56 8.22 -0.08 2.69
N GLY A 57 8.59 0.39 1.51
CA GLY A 57 9.49 -0.35 0.67
C GLY A 57 10.95 -0.10 1.00
N ARG A 58 11.38 -0.61 2.15
CA ARG A 58 12.76 -0.47 2.56
C ARG A 58 13.62 -1.43 1.75
N ASP A 59 13.22 -2.68 1.73
CA ASP A 59 13.91 -3.68 0.93
C ASP A 59 13.44 -3.60 -0.49
N ILE A 60 14.37 -3.69 -1.41
CA ILE A 60 14.06 -3.59 -2.81
C ILE A 60 13.60 -4.94 -3.35
N THR A 61 12.34 -5.26 -3.10
CA THR A 61 11.78 -6.49 -3.62
C THR A 61 11.52 -6.31 -5.10
N ASN A 62 10.87 -5.19 -5.45
CA ASN A 62 10.57 -4.82 -6.83
C ASN A 62 9.78 -5.92 -7.54
N ASN A 63 9.01 -6.68 -6.75
CA ASN A 63 8.23 -7.81 -7.25
C ASN A 63 9.11 -8.95 -7.76
N GLN A 64 8.98 -10.11 -7.15
CA GLN A 64 9.76 -11.26 -7.57
C GLN A 64 9.06 -11.97 -8.71
N LEU A 65 7.92 -11.43 -9.11
CA LEU A 65 7.17 -11.93 -10.24
C LEU A 65 7.56 -11.14 -11.48
N ASP A 66 8.25 -11.80 -12.41
CA ASP A 66 8.73 -11.16 -13.64
C ASP A 66 9.70 -10.03 -13.32
N GLU A 67 10.93 -10.39 -13.03
CA GLU A 67 11.95 -9.42 -12.70
C GLU A 67 12.31 -8.57 -13.93
N ALA A 68 12.33 -7.26 -13.74
CA ALA A 68 12.62 -6.34 -14.84
C ALA A 68 13.76 -5.38 -14.46
N LEU A 69 14.01 -4.40 -15.35
CA LEU A 69 15.09 -3.40 -15.15
C LEU A 69 16.45 -4.08 -15.18
N GLU A 70 16.58 -5.06 -16.05
CA GLU A 70 17.81 -5.84 -16.17
C GLU A 70 18.77 -5.17 -17.16
N GLU A 71 19.05 -3.90 -16.94
CA GLU A 71 20.01 -3.15 -17.74
C GLU A 71 21.10 -2.60 -16.82
N THR A 72 21.72 -3.50 -16.06
CA THR A 72 22.76 -3.11 -15.15
C THR A 72 24.09 -2.98 -15.87
N PHE A 73 24.65 -1.78 -15.83
CA PHE A 73 25.92 -1.47 -16.48
C PHE A 73 25.83 -1.63 -18.01
N PRO A 74 25.16 -0.67 -18.68
CA PRO A 74 25.05 -0.65 -20.14
C PRO A 74 26.37 -0.25 -20.79
N ALA A 75 26.35 0.00 -22.10
CA ALA A 75 27.54 0.41 -22.82
C ALA A 75 28.04 1.75 -22.30
N SER A 76 27.13 2.71 -22.21
CA SER A 76 27.45 4.00 -21.66
C SER A 76 27.05 4.02 -20.19
N ASP A 77 28.01 3.73 -19.33
CA ASP A 77 27.75 3.68 -17.90
C ASP A 77 27.89 5.06 -17.27
N PRO A 78 26.81 5.56 -16.65
CA PRO A 78 26.82 6.84 -15.94
C PRO A 78 27.89 6.85 -14.86
N ILE A 79 28.80 7.78 -14.97
CA ILE A 79 29.89 7.88 -14.02
C ILE A 79 29.40 8.46 -12.71
N SER A 80 29.40 7.65 -11.68
CA SER A 80 29.00 8.09 -10.38
C SER A 80 30.21 8.65 -9.64
N PRO A 81 30.16 9.93 -9.26
CA PRO A 81 31.26 10.61 -8.54
C PRO A 81 31.52 9.97 -7.18
N ASN A 1 -20.15 -13.56 2.56
CA ASN A 1 -18.73 -13.16 2.77
C ASN A 1 -18.66 -11.93 3.66
N GLU A 2 -18.08 -12.09 4.84
CA GLU A 2 -17.94 -11.00 5.78
C GLU A 2 -16.97 -9.96 5.19
N LEU A 3 -17.31 -8.70 5.32
CA LEU A 3 -16.50 -7.65 4.75
C LEU A 3 -15.29 -7.35 5.60
N ARG A 4 -14.23 -6.92 4.96
CA ARG A 4 -12.97 -6.70 5.62
C ARG A 4 -12.54 -5.23 5.48
N CYS A 5 -12.10 -4.63 6.59
CA CYS A 5 -11.73 -3.20 6.58
C CYS A 5 -10.46 -2.96 5.76
N GLY A 6 -10.42 -1.81 5.09
CA GLY A 6 -9.30 -1.47 4.24
C GLY A 6 -8.11 -0.92 5.00
N CYS A 7 -8.30 -0.55 6.26
CA CYS A 7 -7.20 -0.04 7.06
C CYS A 7 -6.39 -1.18 7.65
N PRO A 8 -5.13 -1.32 7.23
CA PRO A 8 -4.22 -2.37 7.71
C PRO A 8 -3.86 -2.19 9.18
N ASP A 9 -3.99 -0.97 9.68
CA ASP A 9 -3.68 -0.66 11.06
C ASP A 9 -4.88 -0.92 11.94
N CYS A 10 -6.01 -1.10 11.31
CA CYS A 10 -7.26 -1.29 12.02
C CYS A 10 -7.71 -2.75 11.99
N HIS A 11 -8.17 -3.23 13.14
CA HIS A 11 -8.70 -4.58 13.23
C HIS A 11 -10.15 -4.57 13.69
N CYS A 12 -11.06 -4.52 12.74
CA CYS A 12 -12.49 -4.51 13.03
C CYS A 12 -13.23 -5.52 12.19
N LYS A 13 -14.51 -5.69 12.49
CA LYS A 13 -15.34 -6.59 11.74
C LYS A 13 -16.32 -5.79 10.91
N VAL A 14 -16.21 -5.91 9.63
CA VAL A 14 -17.07 -5.19 8.75
C VAL A 14 -18.20 -6.07 8.26
N ASP A 15 -19.42 -5.67 8.55
CA ASP A 15 -20.59 -6.46 8.18
C ASP A 15 -20.97 -6.18 6.75
N PRO A 16 -21.35 -7.21 6.01
CA PRO A 16 -21.83 -7.08 4.63
C PRO A 16 -23.03 -6.12 4.50
N GLU A 17 -23.76 -5.91 5.60
CA GLU A 17 -24.92 -5.00 5.55
C GLU A 17 -24.55 -3.59 6.05
N ARG A 18 -23.36 -3.44 6.62
CA ARG A 18 -22.93 -2.15 7.19
C ARG A 18 -21.49 -1.84 6.82
N VAL A 19 -21.13 -2.09 5.59
CA VAL A 19 -19.78 -1.82 5.14
C VAL A 19 -19.67 -0.45 4.47
N PHE A 20 -18.86 0.43 5.04
CA PHE A 20 -18.61 1.74 4.47
C PHE A 20 -17.66 1.61 3.29
N ASN A 21 -18.19 1.74 2.09
CA ASN A 21 -17.40 1.60 0.90
C ASN A 21 -16.73 2.90 0.53
N HIS A 22 -15.54 2.79 0.01
CA HIS A 22 -14.78 3.93 -0.46
C HIS A 22 -13.93 3.50 -1.63
N ASP A 23 -14.23 4.03 -2.82
CA ASP A 23 -13.51 3.68 -4.04
C ASP A 23 -13.60 2.19 -4.36
N GLY A 24 -14.63 1.55 -3.85
CA GLY A 24 -14.80 0.12 -4.08
C GLY A 24 -14.16 -0.72 -2.98
N GLU A 25 -13.62 -0.05 -1.97
CA GLU A 25 -12.98 -0.73 -0.86
C GLU A 25 -13.94 -0.82 0.30
N ALA A 26 -13.71 -1.77 1.17
CA ALA A 26 -14.55 -1.98 2.32
C ALA A 26 -13.89 -1.42 3.55
N TYR A 27 -14.66 -0.69 4.33
CA TYR A 27 -14.15 -0.11 5.56
C TYR A 27 -15.17 -0.26 6.67
N CYS A 28 -14.71 -0.25 7.91
CA CYS A 28 -15.61 -0.42 9.03
C CYS A 28 -16.43 0.84 9.27
N SER A 29 -15.89 1.97 8.83
CA SER A 29 -16.55 3.23 9.02
C SER A 29 -15.95 4.31 8.14
N GLN A 30 -16.72 5.38 7.96
CA GLN A 30 -16.29 6.59 7.23
C GLN A 30 -14.87 7.02 7.66
N ALA A 31 -14.58 6.84 8.96
CA ALA A 31 -13.30 7.19 9.55
C ALA A 31 -12.12 6.58 8.76
N CYS A 32 -12.13 5.27 8.60
CA CYS A 32 -11.09 4.57 7.85
C CYS A 32 -11.28 4.73 6.37
N ALA A 33 -12.52 4.96 5.95
CA ALA A 33 -12.83 5.12 4.54
C ALA A 33 -12.02 6.27 3.96
N GLU A 34 -11.95 7.38 4.69
CA GLU A 34 -11.18 8.53 4.25
C GLU A 34 -9.71 8.41 4.66
N GLN A 35 -9.34 7.22 5.17
CA GLN A 35 -7.96 6.93 5.54
C GLN A 35 -7.44 7.89 6.61
N HIS A 36 -8.34 8.28 7.51
CA HIS A 36 -8.04 9.21 8.61
C HIS A 36 -7.56 10.56 8.09
N PRO A 37 -8.49 11.40 7.66
CA PRO A 37 -8.17 12.72 7.10
C PRO A 37 -7.60 13.66 8.15
N ASN A 38 -8.25 13.71 9.31
CA ASN A 38 -7.86 14.61 10.38
C ASN A 38 -7.22 13.85 11.51
N GLY A 39 -6.85 12.62 11.22
CA GLY A 39 -6.27 11.77 12.25
C GLY A 39 -7.34 11.12 13.11
N GLU A 40 -8.59 11.33 12.72
CA GLU A 40 -9.74 10.79 13.42
C GLU A 40 -9.76 9.25 13.30
N PRO A 41 -9.57 8.51 14.43
CA PRO A 41 -9.59 7.04 14.43
C PRO A 41 -11.01 6.50 14.17
N CYS A 42 -11.13 5.20 13.95
CA CYS A 42 -12.43 4.60 13.70
C CYS A 42 -13.28 4.62 14.97
N PRO A 43 -14.61 4.53 14.85
CA PRO A 43 -15.55 4.58 15.99
C PRO A 43 -15.49 3.36 16.95
N ALA A 44 -14.35 2.69 16.99
CA ALA A 44 -14.16 1.59 17.92
C ALA A 44 -13.35 2.10 19.12
N PRO A 45 -13.82 1.84 20.36
CA PRO A 45 -13.19 2.39 21.55
C PRO A 45 -11.96 1.61 22.01
N ASP A 46 -11.70 0.50 21.37
CA ASP A 46 -10.55 -0.31 21.72
C ASP A 46 -9.49 -0.23 20.62
N CYS A 47 -9.85 0.42 19.53
CA CYS A 47 -8.96 0.56 18.42
C CYS A 47 -8.15 1.85 18.55
N HIS A 48 -6.95 1.86 17.99
CA HIS A 48 -6.06 3.02 18.11
C HIS A 48 -5.40 3.37 16.78
N CYS A 49 -6.05 3.02 15.69
CA CYS A 49 -5.50 3.29 14.37
C CYS A 49 -5.73 4.75 14.00
N GLU A 50 -4.67 5.44 13.61
CA GLU A 50 -4.78 6.85 13.24
C GLU A 50 -3.54 7.32 12.49
N ARG A 51 -2.76 6.36 12.00
CA ARG A 51 -1.52 6.67 11.31
C ARG A 51 -1.49 6.02 9.92
N SER A 52 -2.66 5.78 9.37
CA SER A 52 -2.77 5.13 8.08
C SER A 52 -2.91 6.15 6.93
N GLY A 53 -2.67 7.41 7.24
CA GLY A 53 -2.73 8.45 6.22
C GLY A 53 -1.41 8.56 5.49
N LYS A 54 -0.42 9.13 6.16
CA LYS A 54 0.92 9.23 5.61
C LYS A 54 1.70 7.96 5.95
N VAL A 55 1.56 6.95 5.12
CA VAL A 55 2.21 5.67 5.36
C VAL A 55 3.63 5.66 4.82
N GLY A 56 3.81 6.25 3.65
CA GLY A 56 5.11 6.31 3.04
C GLY A 56 5.39 5.10 2.15
N GLY A 57 5.42 5.33 0.87
CA GLY A 57 5.68 4.26 -0.06
C GLY A 57 7.08 4.34 -0.63
N ARG A 58 7.61 3.21 -1.07
CA ARG A 58 8.92 3.16 -1.68
C ARG A 58 8.82 3.61 -3.13
N ASP A 59 7.73 3.19 -3.78
CA ASP A 59 7.44 3.54 -5.17
C ASP A 59 8.55 3.04 -6.11
N ILE A 60 8.49 3.42 -7.37
CA ILE A 60 9.50 3.02 -8.31
C ILE A 60 10.50 4.14 -8.50
N THR A 61 11.41 4.26 -7.56
CA THR A 61 12.44 5.26 -7.64
C THR A 61 13.69 4.67 -8.29
N ASN A 62 13.77 3.33 -8.27
CA ASN A 62 14.87 2.57 -8.88
C ASN A 62 16.23 2.99 -8.27
N ASN A 63 17.31 2.65 -8.93
CA ASN A 63 18.63 3.02 -8.46
C ASN A 63 18.95 4.44 -8.89
N GLN A 64 19.20 5.29 -7.92
CA GLN A 64 19.43 6.71 -8.19
C GLN A 64 20.87 6.99 -8.57
N LEU A 65 21.67 5.95 -8.57
CA LEU A 65 23.07 6.09 -8.90
C LEU A 65 23.30 5.69 -10.35
N ASP A 66 24.54 5.69 -10.78
CA ASP A 66 24.88 5.30 -12.14
C ASP A 66 25.10 3.81 -12.22
N GLU A 67 24.54 3.20 -13.25
CA GLU A 67 24.66 1.77 -13.45
C GLU A 67 25.02 1.49 -14.90
N ALA A 68 26.19 0.91 -15.11
CA ALA A 68 26.66 0.61 -16.45
C ALA A 68 27.69 -0.51 -16.41
N LEU A 69 27.77 -1.24 -17.50
CA LEU A 69 28.70 -2.35 -17.60
C LEU A 69 29.50 -2.23 -18.90
N GLU A 70 30.62 -2.92 -18.97
CA GLU A 70 31.43 -2.91 -20.18
C GLU A 70 31.04 -4.05 -21.08
N GLU A 71 31.38 -5.27 -20.65
CA GLU A 71 31.11 -6.47 -21.40
C GLU A 71 31.71 -6.40 -22.81
N THR A 72 32.97 -6.71 -22.90
CA THR A 72 33.69 -6.62 -24.16
C THR A 72 34.20 -8.00 -24.58
N PHE A 73 34.69 -8.09 -25.79
CA PHE A 73 35.23 -9.33 -26.33
C PHE A 73 36.74 -9.20 -26.51
N PRO A 74 37.47 -10.34 -26.51
CA PRO A 74 38.92 -10.34 -26.64
C PRO A 74 39.38 -10.27 -28.08
N ALA A 75 40.70 -10.29 -28.29
CA ALA A 75 41.26 -10.27 -29.63
C ALA A 75 40.91 -11.56 -30.36
N SER A 76 40.88 -12.65 -29.62
CA SER A 76 40.48 -13.93 -30.17
C SER A 76 38.96 -14.01 -30.15
N ASP A 77 38.33 -13.46 -31.17
CA ASP A 77 36.90 -13.45 -31.26
C ASP A 77 36.40 -14.73 -31.90
N PRO A 78 35.24 -15.24 -31.44
CA PRO A 78 34.63 -16.43 -32.02
C PRO A 78 34.04 -16.15 -33.40
N ILE A 79 33.46 -17.14 -34.03
CA ILE A 79 32.87 -16.95 -35.34
C ILE A 79 31.52 -16.26 -35.22
N SER A 80 31.46 -15.03 -35.74
CA SER A 80 30.23 -14.24 -35.71
C SER A 80 29.13 -14.92 -36.53
N PRO A 81 27.85 -14.69 -36.18
CA PRO A 81 26.72 -15.29 -36.90
C PRO A 81 26.57 -14.72 -38.31
N ASN A 1 -15.73 13.50 11.01
CA ASN A 1 -16.15 12.40 11.93
C ASN A 1 -15.98 11.04 11.29
N GLU A 2 -15.71 11.03 10.00
CA GLU A 2 -15.51 9.79 9.27
C GLU A 2 -14.10 9.27 9.50
N LEU A 3 -13.94 7.97 9.45
CA LEU A 3 -12.63 7.36 9.63
C LEU A 3 -11.91 7.26 8.30
N ARG A 4 -10.61 7.36 8.35
CA ARG A 4 -9.79 7.31 7.16
C ARG A 4 -8.89 6.10 7.17
N CYS A 5 -8.56 5.61 5.99
CA CYS A 5 -7.73 4.43 5.87
C CYS A 5 -6.25 4.82 5.92
N GLY A 6 -5.46 4.00 6.59
CA GLY A 6 -4.05 4.27 6.73
C GLY A 6 -3.28 4.13 5.43
N CYS A 7 -3.78 3.28 4.52
CA CYS A 7 -3.10 3.06 3.25
C CYS A 7 -3.29 4.27 2.33
N PRO A 8 -2.18 4.97 2.04
CA PRO A 8 -2.19 6.15 1.17
C PRO A 8 -2.42 5.81 -0.30
N ASP A 9 -2.25 4.54 -0.66
CA ASP A 9 -2.46 4.11 -2.04
C ASP A 9 -3.88 3.59 -2.21
N CYS A 10 -4.51 3.30 -1.09
CA CYS A 10 -5.85 2.78 -1.09
C CYS A 10 -6.86 3.89 -1.27
N HIS A 11 -7.92 3.62 -1.99
CA HIS A 11 -8.98 4.57 -2.17
C HIS A 11 -10.25 4.01 -1.61
N CYS A 12 -10.47 4.28 -0.36
CA CYS A 12 -11.63 3.75 0.31
C CYS A 12 -12.23 4.72 1.29
N LYS A 13 -13.24 4.24 1.97
CA LYS A 13 -14.02 5.02 2.90
C LYS A 13 -14.27 4.20 4.15
N VAL A 14 -13.66 4.59 5.24
CA VAL A 14 -13.75 3.85 6.48
C VAL A 14 -14.89 4.39 7.35
N ASP A 15 -15.56 3.51 8.06
CA ASP A 15 -16.69 3.90 8.91
C ASP A 15 -16.29 3.84 10.37
N PRO A 16 -16.78 4.77 11.18
CA PRO A 16 -16.56 4.78 12.63
C PRO A 16 -17.19 3.56 13.32
N GLU A 17 -18.13 2.91 12.63
CA GLU A 17 -18.78 1.72 13.16
C GLU A 17 -18.07 0.45 12.68
N ARG A 18 -17.18 0.61 11.69
CA ARG A 18 -16.46 -0.52 11.10
C ARG A 18 -15.03 -0.16 10.72
N VAL A 19 -14.30 0.45 11.63
CA VAL A 19 -12.91 0.82 11.37
C VAL A 19 -11.93 -0.20 11.97
N PHE A 20 -11.10 -0.78 11.11
CA PHE A 20 -10.07 -1.70 11.55
C PHE A 20 -8.88 -0.94 12.10
N ASN A 21 -8.69 -1.03 13.39
CA ASN A 21 -7.58 -0.35 14.03
C ASN A 21 -6.38 -1.27 14.10
N HIS A 22 -5.23 -0.75 13.74
CA HIS A 22 -4.01 -1.52 13.78
C HIS A 22 -2.83 -0.63 14.12
N ASP A 23 -2.13 -0.98 15.19
CA ASP A 23 -0.92 -0.27 15.63
C ASP A 23 -1.21 1.21 15.93
N GLY A 24 -2.47 1.51 16.21
CA GLY A 24 -2.87 2.87 16.51
C GLY A 24 -3.30 3.61 15.26
N GLU A 25 -3.71 2.88 14.25
CA GLU A 25 -4.16 3.47 13.00
C GLU A 25 -5.54 2.96 12.61
N ALA A 26 -6.14 3.62 11.65
CA ALA A 26 -7.45 3.27 11.16
C ALA A 26 -7.34 2.75 9.74
N TYR A 27 -8.05 1.69 9.43
CA TYR A 27 -7.99 1.10 8.11
C TYR A 27 -9.37 0.66 7.65
N CYS A 28 -9.55 0.51 6.35
CA CYS A 28 -10.84 0.09 5.79
C CYS A 28 -11.06 -1.38 6.07
N SER A 29 -9.96 -2.10 6.17
CA SER A 29 -10.01 -3.50 6.42
C SER A 29 -8.67 -3.96 6.95
N GLN A 30 -8.68 -5.08 7.63
CA GLN A 30 -7.48 -5.69 8.17
C GLN A 30 -6.44 -5.95 7.07
N ALA A 31 -6.91 -6.04 5.82
CA ALA A 31 -6.04 -6.22 4.67
C ALA A 31 -5.00 -5.09 4.60
N CYS A 32 -5.49 -3.86 4.69
CA CYS A 32 -4.60 -2.70 4.70
C CYS A 32 -3.99 -2.52 6.06
N ALA A 33 -4.66 -3.02 7.09
CA ALA A 33 -4.18 -2.92 8.46
C ALA A 33 -2.80 -3.57 8.57
N GLU A 34 -2.64 -4.74 7.94
CA GLU A 34 -1.38 -5.44 7.94
C GLU A 34 -0.44 -4.88 6.87
N GLN A 35 -0.86 -3.80 6.23
CA GLN A 35 -0.07 -3.11 5.21
C GLN A 35 0.32 -4.04 4.07
N HIS A 36 -0.62 -4.91 3.70
CA HIS A 36 -0.41 -5.88 2.60
C HIS A 36 0.79 -6.78 2.90
N PRO A 37 0.61 -7.75 3.79
CA PRO A 37 1.70 -8.64 4.23
C PRO A 37 2.18 -9.56 3.11
N ASN A 38 1.24 -10.02 2.29
CA ASN A 38 1.58 -10.90 1.19
C ASN A 38 1.20 -10.28 -0.13
N GLY A 39 0.80 -9.01 -0.10
CA GLY A 39 0.39 -8.33 -1.30
C GLY A 39 -1.12 -8.32 -1.48
N GLU A 40 -1.82 -9.01 -0.58
CA GLU A 40 -3.30 -9.07 -0.60
C GLU A 40 -3.89 -7.67 -0.56
N PRO A 41 -4.58 -7.24 -1.63
CA PRO A 41 -5.26 -5.93 -1.68
C PRO A 41 -6.42 -5.88 -0.68
N CYS A 42 -7.06 -4.73 -0.55
CA CYS A 42 -8.19 -4.61 0.35
C CYS A 42 -9.43 -5.23 -0.31
N PRO A 43 -10.45 -5.60 0.49
CA PRO A 43 -11.68 -6.26 -0.01
C PRO A 43 -12.60 -5.36 -0.88
N ALA A 44 -12.01 -4.43 -1.61
CA ALA A 44 -12.76 -3.55 -2.50
C ALA A 44 -12.44 -3.91 -3.95
N PRO A 45 -13.48 -4.12 -4.79
CA PRO A 45 -13.28 -4.53 -6.18
C PRO A 45 -12.80 -3.40 -7.08
N ASP A 46 -13.21 -2.18 -6.78
CA ASP A 46 -12.82 -1.03 -7.59
C ASP A 46 -11.45 -0.54 -7.18
N CYS A 47 -11.02 -0.95 -6.02
CA CYS A 47 -9.73 -0.58 -5.51
C CYS A 47 -8.70 -1.63 -5.90
N HIS A 48 -7.46 -1.20 -6.13
CA HIS A 48 -6.41 -2.13 -6.54
C HIS A 48 -5.05 -1.76 -5.92
N CYS A 49 -5.07 -1.41 -4.64
CA CYS A 49 -3.85 -1.07 -3.92
C CYS A 49 -3.14 -2.34 -3.47
N GLU A 50 -1.85 -2.39 -3.67
CA GLU A 50 -1.07 -3.56 -3.29
C GLU A 50 0.42 -3.35 -3.54
N ARG A 51 0.75 -2.44 -4.42
CA ARG A 51 2.13 -2.19 -4.78
C ARG A 51 2.52 -0.73 -4.55
N SER A 52 2.39 -0.29 -3.32
CA SER A 52 2.79 1.06 -2.95
C SER A 52 4.32 1.18 -2.92
N GLY A 53 4.82 2.42 -2.92
CA GLY A 53 6.26 2.66 -2.93
C GLY A 53 6.99 2.09 -1.72
N LYS A 54 6.96 2.79 -0.61
CA LYS A 54 7.64 2.31 0.59
C LYS A 54 6.76 2.43 1.83
N VAL A 55 6.13 1.33 2.19
CA VAL A 55 5.29 1.26 3.36
C VAL A 55 5.25 -0.19 3.84
N GLY A 56 5.00 -0.40 5.13
CA GLY A 56 4.95 -1.75 5.64
C GLY A 56 5.52 -1.84 7.03
N GLY A 57 6.21 -0.80 7.45
CA GLY A 57 6.78 -0.78 8.77
C GLY A 57 8.04 0.04 8.83
N ARG A 58 8.60 0.14 10.01
CA ARG A 58 9.82 0.89 10.23
C ARG A 58 11.01 -0.08 10.30
N ASP A 59 10.71 -1.33 10.51
CA ASP A 59 11.71 -2.36 10.59
C ASP A 59 11.89 -3.04 9.25
N ILE A 60 13.12 -3.19 8.83
CA ILE A 60 13.42 -3.80 7.55
C ILE A 60 13.41 -5.32 7.69
N THR A 61 12.23 -5.87 7.63
CA THR A 61 12.03 -7.28 7.70
C THR A 61 11.35 -7.77 6.41
N ASN A 62 11.46 -9.06 6.12
CA ASN A 62 10.83 -9.67 4.93
C ASN A 62 11.58 -9.25 3.65
N ASN A 63 10.95 -9.43 2.49
CA ASN A 63 11.55 -9.11 1.19
C ASN A 63 12.00 -7.66 1.13
N GLN A 64 13.30 -7.47 1.01
CA GLN A 64 13.89 -6.13 0.94
C GLN A 64 14.07 -5.73 -0.53
N LEU A 65 13.88 -6.69 -1.42
CA LEU A 65 14.03 -6.47 -2.86
C LEU A 65 12.74 -5.90 -3.45
N ASP A 66 12.75 -5.72 -4.76
CA ASP A 66 11.59 -5.23 -5.51
C ASP A 66 11.71 -5.65 -6.97
N GLU A 67 10.59 -6.01 -7.57
CA GLU A 67 10.59 -6.44 -8.96
C GLU A 67 9.97 -5.41 -9.88
N ALA A 68 9.60 -4.26 -9.33
CA ALA A 68 9.03 -3.20 -10.15
C ALA A 68 10.12 -2.47 -10.92
N LEU A 69 10.59 -3.10 -11.99
CA LEU A 69 11.65 -2.53 -12.81
C LEU A 69 11.06 -1.65 -13.89
N GLU A 70 10.77 -0.41 -13.54
CA GLU A 70 10.19 0.54 -14.48
C GLU A 70 11.16 1.63 -14.82
N GLU A 71 12.41 1.43 -14.46
CA GLU A 71 13.40 2.43 -14.67
C GLU A 71 14.77 1.80 -14.88
N THR A 72 15.22 1.85 -16.10
CA THR A 72 16.53 1.34 -16.46
C THR A 72 17.32 2.41 -17.20
N PHE A 73 18.65 2.31 -17.13
CA PHE A 73 19.56 3.29 -17.74
C PHE A 73 19.47 4.66 -17.03
N PRO A 74 20.47 5.54 -17.20
CA PRO A 74 20.44 6.87 -16.60
C PRO A 74 19.26 7.68 -17.14
N ALA A 75 18.80 8.64 -16.36
CA ALA A 75 17.69 9.49 -16.79
C ALA A 75 18.03 10.17 -18.10
N SER A 76 19.30 10.52 -18.28
CA SER A 76 19.75 11.10 -19.51
C SER A 76 20.35 10.01 -20.40
N ASP A 77 19.48 9.11 -20.83
CA ASP A 77 19.88 8.00 -21.69
C ASP A 77 19.86 8.43 -23.15
N PRO A 78 20.66 7.77 -24.01
CA PRO A 78 20.69 8.06 -25.45
C PRO A 78 19.32 7.87 -26.11
N ILE A 79 19.17 8.40 -27.30
CA ILE A 79 17.90 8.30 -28.01
C ILE A 79 17.59 6.85 -28.36
N SER A 80 16.38 6.42 -28.02
CA SER A 80 15.93 5.08 -28.31
C SER A 80 15.78 4.88 -29.83
N PRO A 81 16.19 3.71 -30.34
CA PRO A 81 16.08 3.40 -31.77
C PRO A 81 14.65 3.03 -32.17
N ASN A 1 1.54 -8.17 -7.25
CA ASN A 1 1.97 -7.29 -6.14
C ASN A 1 0.82 -6.44 -5.64
N GLU A 2 0.29 -6.77 -4.48
CA GLU A 2 -0.78 -5.98 -3.91
C GLU A 2 -0.21 -4.94 -2.97
N LEU A 3 -0.87 -3.82 -2.88
CA LEU A 3 -0.47 -2.78 -1.97
C LEU A 3 -1.32 -2.85 -0.73
N ARG A 4 -0.76 -2.48 0.37
CA ARG A 4 -1.47 -2.57 1.62
C ARG A 4 -1.58 -1.20 2.26
N CYS A 5 -2.63 -1.01 3.02
CA CYS A 5 -2.88 0.26 3.64
C CYS A 5 -2.02 0.44 4.88
N GLY A 6 -1.63 1.69 5.14
CA GLY A 6 -0.79 1.98 6.29
C GLY A 6 -1.57 2.10 7.58
N CYS A 7 -2.89 2.22 7.47
CA CYS A 7 -3.73 2.30 8.66
C CYS A 7 -4.02 0.91 9.19
N PRO A 8 -3.50 0.58 10.38
CA PRO A 8 -3.67 -0.76 11.00
C PRO A 8 -5.12 -1.04 11.38
N ASP A 9 -5.89 0.01 11.55
CA ASP A 9 -7.28 -0.12 11.92
C ASP A 9 -8.17 -0.18 10.70
N CYS A 10 -7.57 -0.01 9.55
CA CYS A 10 -8.30 -0.01 8.32
C CYS A 10 -8.12 -1.31 7.56
N HIS A 11 -9.20 -1.83 7.01
CA HIS A 11 -9.14 -3.05 6.21
C HIS A 11 -9.63 -2.79 4.79
N CYS A 12 -8.72 -2.44 3.91
CA CYS A 12 -9.03 -2.19 2.51
C CYS A 12 -8.03 -2.85 1.59
N LYS A 13 -8.48 -3.22 0.40
CA LYS A 13 -7.61 -3.82 -0.59
C LYS A 13 -7.01 -2.73 -1.47
N VAL A 14 -5.81 -2.31 -1.15
CA VAL A 14 -5.14 -1.26 -1.89
C VAL A 14 -4.56 -1.81 -3.19
N ASP A 15 -4.77 -1.10 -4.29
CA ASP A 15 -4.28 -1.53 -5.58
C ASP A 15 -2.97 -0.84 -5.92
N PRO A 16 -2.05 -1.58 -6.56
CA PRO A 16 -0.74 -1.03 -6.98
C PRO A 16 -0.88 0.05 -8.04
N GLU A 17 -2.06 0.14 -8.61
CA GLU A 17 -2.33 1.12 -9.65
C GLU A 17 -3.11 2.30 -9.08
N ARG A 18 -3.52 2.18 -7.80
CA ARG A 18 -4.27 3.24 -7.10
C ARG A 18 -3.90 3.30 -5.62
N VAL A 19 -2.61 3.39 -5.35
CA VAL A 19 -2.13 3.47 -3.98
C VAL A 19 -1.72 4.90 -3.61
N PHE A 20 -2.41 5.48 -2.63
CA PHE A 20 -2.10 6.80 -2.16
C PHE A 20 -0.87 6.77 -1.27
N ASN A 21 0.22 7.32 -1.76
CA ASN A 21 1.47 7.33 -1.02
C ASN A 21 1.58 8.59 -0.20
N HIS A 22 1.98 8.43 1.04
CA HIS A 22 2.21 9.54 1.92
C HIS A 22 3.48 9.30 2.70
N ASP A 23 4.44 10.21 2.56
CA ASP A 23 5.73 10.12 3.24
C ASP A 23 6.44 8.82 2.83
N GLY A 24 6.08 8.29 1.67
CA GLY A 24 6.67 7.08 1.17
C GLY A 24 5.97 5.82 1.69
N GLU A 25 4.83 6.00 2.34
CA GLU A 25 4.06 4.89 2.87
C GLU A 25 2.82 4.66 1.99
N ALA A 26 2.30 3.45 2.01
CA ALA A 26 1.14 3.11 1.20
C ALA A 26 -0.14 3.24 1.99
N TYR A 27 -1.17 3.76 1.35
CA TYR A 27 -2.48 3.93 1.97
C TYR A 27 -3.58 3.69 0.95
N CYS A 28 -4.79 3.38 1.41
CA CYS A 28 -5.89 3.12 0.50
C CYS A 28 -6.41 4.40 -0.12
N SER A 29 -6.25 5.51 0.61
CA SER A 29 -6.74 6.78 0.15
C SER A 29 -6.07 7.93 0.91
N GLN A 30 -6.18 9.13 0.33
CA GLN A 30 -5.69 10.39 0.95
C GLN A 30 -6.14 10.48 2.41
N ALA A 31 -7.36 9.98 2.68
CA ALA A 31 -7.95 9.98 4.02
C ALA A 31 -7.03 9.32 5.06
N CYS A 32 -6.64 8.07 4.79
CA CYS A 32 -5.74 7.36 5.68
C CYS A 32 -4.32 7.84 5.53
N ALA A 33 -4.01 8.37 4.36
CA ALA A 33 -2.68 8.87 4.06
C ALA A 33 -2.27 9.92 5.08
N GLU A 34 -3.19 10.80 5.42
CA GLU A 34 -2.93 11.84 6.38
C GLU A 34 -3.19 11.38 7.81
N GLN A 35 -3.42 10.06 7.97
CA GLN A 35 -3.63 9.45 9.29
C GLN A 35 -4.80 10.09 10.03
N HIS A 36 -5.86 10.38 9.26
CA HIS A 36 -7.09 10.99 9.79
C HIS A 36 -6.81 12.28 10.52
N PRO A 37 -6.61 13.38 9.78
CA PRO A 37 -6.30 14.68 10.37
C PRO A 37 -7.44 15.23 11.20
N ASN A 38 -8.64 15.20 10.65
CA ASN A 38 -9.83 15.74 11.32
C ASN A 38 -10.69 14.60 11.85
N GLY A 39 -10.13 13.39 11.85
CA GLY A 39 -10.90 12.22 12.26
C GLY A 39 -11.71 11.65 11.11
N GLU A 40 -11.59 12.32 9.96
CA GLU A 40 -12.28 11.94 8.73
C GLU A 40 -11.81 10.53 8.28
N PRO A 41 -12.73 9.52 8.25
CA PRO A 41 -12.38 8.14 7.88
C PRO A 41 -12.13 7.95 6.36
N CYS A 42 -11.72 6.75 5.96
CA CYS A 42 -11.43 6.45 4.56
C CYS A 42 -12.74 6.37 3.76
N PRO A 43 -12.67 6.57 2.43
CA PRO A 43 -13.84 6.58 1.52
C PRO A 43 -14.70 5.28 1.50
N ALA A 44 -14.23 4.22 2.14
CA ALA A 44 -14.99 2.96 2.18
C ALA A 44 -16.20 3.14 3.12
N PRO A 45 -17.41 2.74 2.68
CA PRO A 45 -18.62 2.95 3.47
C PRO A 45 -18.76 1.97 4.62
N ASP A 46 -18.24 0.77 4.43
CA ASP A 46 -18.34 -0.27 5.43
C ASP A 46 -17.23 -0.14 6.46
N CYS A 47 -16.20 0.61 6.11
CA CYS A 47 -15.07 0.81 6.99
C CYS A 47 -15.31 2.03 7.86
N HIS A 48 -14.98 1.94 9.14
CA HIS A 48 -15.20 3.04 10.07
C HIS A 48 -13.97 3.31 10.93
N CYS A 49 -12.81 3.33 10.31
CA CYS A 49 -11.59 3.61 11.01
C CYS A 49 -11.42 5.12 11.17
N GLU A 50 -11.21 5.58 12.40
CA GLU A 50 -11.09 6.99 12.64
C GLU A 50 -10.50 7.31 14.02
N ARG A 51 -10.79 6.47 15.01
CA ARG A 51 -10.30 6.73 16.37
C ARG A 51 -9.22 5.75 16.80
N SER A 52 -9.02 4.73 15.97
CA SER A 52 -8.01 3.68 16.21
C SER A 52 -8.35 2.83 17.45
N GLY A 53 -8.30 1.51 17.29
CA GLY A 53 -8.62 0.62 18.37
C GLY A 53 -7.89 -0.70 18.28
N LYS A 54 -7.86 -1.28 17.10
CA LYS A 54 -7.20 -2.55 16.89
C LYS A 54 -5.83 -2.33 16.25
N VAL A 55 -4.83 -2.12 17.08
CA VAL A 55 -3.48 -1.86 16.61
C VAL A 55 -2.56 -3.01 16.99
N GLY A 56 -1.50 -3.23 16.22
CA GLY A 56 -0.57 -4.29 16.52
C GLY A 56 0.66 -4.24 15.65
N GLY A 57 1.67 -5.01 16.01
CA GLY A 57 2.90 -5.06 15.24
C GLY A 57 3.96 -4.15 15.79
N ARG A 58 5.15 -4.22 15.21
CA ARG A 58 6.26 -3.37 15.63
C ARG A 58 6.42 -2.23 14.62
N ASP A 59 6.42 -2.58 13.33
CA ASP A 59 6.57 -1.60 12.25
C ASP A 59 6.02 -2.14 10.95
N ILE A 60 5.89 -1.27 9.96
CA ILE A 60 5.43 -1.66 8.64
C ILE A 60 6.48 -1.28 7.59
N THR A 61 7.40 -2.20 7.33
CA THR A 61 8.46 -1.97 6.35
C THR A 61 7.87 -1.76 4.94
N ASN A 62 6.91 -2.61 4.57
CA ASN A 62 6.23 -2.53 3.26
C ASN A 62 7.20 -2.76 2.10
N ASN A 63 7.26 -4.00 1.62
CA ASN A 63 8.14 -4.34 0.51
C ASN A 63 7.34 -4.86 -0.69
N GLN A 64 7.35 -4.09 -1.77
CA GLN A 64 6.65 -4.47 -3.00
C GLN A 64 7.43 -5.56 -3.71
N LEU A 65 8.75 -5.47 -3.63
CA LEU A 65 9.65 -6.41 -4.25
C LEU A 65 10.61 -6.92 -3.20
N ASP A 66 11.32 -8.00 -3.51
CA ASP A 66 12.23 -8.58 -2.53
C ASP A 66 13.48 -9.16 -3.18
N GLU A 67 14.50 -8.32 -3.32
CA GLU A 67 15.84 -8.71 -3.82
C GLU A 67 15.86 -9.21 -5.28
N ALA A 68 15.20 -10.35 -5.52
CA ALA A 68 15.19 -11.00 -6.82
C ALA A 68 14.66 -10.09 -7.93
N LEU A 69 15.53 -9.74 -8.85
CA LEU A 69 15.17 -8.94 -10.02
C LEU A 69 15.56 -9.70 -11.28
N GLU A 70 14.62 -9.88 -12.17
CA GLU A 70 14.86 -10.64 -13.38
C GLU A 70 14.48 -9.82 -14.60
N GLU A 71 15.23 -8.80 -14.86
CA GLU A 71 14.94 -7.95 -15.98
C GLU A 71 16.23 -7.45 -16.60
N THR A 72 16.99 -8.38 -17.15
CA THR A 72 18.24 -8.09 -17.80
C THR A 72 18.41 -8.95 -19.04
N PHE A 73 18.62 -8.30 -20.17
CA PHE A 73 18.74 -8.97 -21.45
C PHE A 73 19.51 -8.09 -22.44
N PRO A 74 20.06 -8.66 -23.52
CA PRO A 74 20.78 -7.88 -24.54
C PRO A 74 19.82 -7.00 -25.35
N ALA A 75 20.37 -6.18 -26.24
CA ALA A 75 19.55 -5.33 -27.09
C ALA A 75 18.67 -6.16 -28.00
N SER A 76 19.24 -7.23 -28.52
CA SER A 76 18.51 -8.14 -29.36
C SER A 76 18.66 -9.56 -28.83
N ASP A 77 17.56 -10.17 -28.46
CA ASP A 77 17.58 -11.54 -27.94
C ASP A 77 17.55 -12.54 -29.09
N PRO A 78 18.28 -13.66 -28.96
CA PRO A 78 18.33 -14.69 -29.99
C PRO A 78 16.97 -15.28 -30.31
N ILE A 79 16.73 -15.57 -31.57
CA ILE A 79 15.48 -16.15 -32.01
C ILE A 79 15.44 -17.64 -31.71
N SER A 80 14.47 -18.06 -30.95
CA SER A 80 14.33 -19.44 -30.57
C SER A 80 13.67 -20.25 -31.70
N PRO A 81 14.21 -21.44 -32.04
CA PRO A 81 13.67 -22.29 -33.10
C PRO A 81 12.26 -22.78 -32.78
N ASN A 1 -9.56 -13.99 -3.62
CA ASN A 1 -8.40 -13.35 -2.96
C ASN A 1 -8.57 -11.83 -2.84
N GLU A 2 -8.79 -11.36 -1.64
CA GLU A 2 -8.94 -9.95 -1.39
C GLU A 2 -7.65 -9.34 -0.91
N LEU A 3 -7.58 -8.03 -0.99
CA LEU A 3 -6.44 -7.30 -0.51
C LEU A 3 -6.78 -6.61 0.79
N ARG A 4 -5.80 -6.47 1.63
CA ARG A 4 -6.01 -5.87 2.93
C ARG A 4 -5.47 -4.45 2.94
N CYS A 5 -6.22 -3.55 3.52
CA CYS A 5 -5.80 -2.17 3.58
C CYS A 5 -4.63 -2.01 4.55
N GLY A 6 -3.70 -1.14 4.20
CA GLY A 6 -2.52 -0.92 5.01
C GLY A 6 -2.81 -0.12 6.25
N CYS A 7 -3.94 0.56 6.28
CA CYS A 7 -4.31 1.32 7.46
C CYS A 7 -5.04 0.42 8.43
N PRO A 8 -4.45 0.17 9.60
CA PRO A 8 -5.04 -0.69 10.63
C PRO A 8 -6.24 -0.04 11.28
N ASP A 9 -6.30 1.29 11.21
CA ASP A 9 -7.37 2.06 11.81
C ASP A 9 -8.57 2.09 10.87
N CYS A 10 -8.32 1.73 9.63
CA CYS A 10 -9.34 1.73 8.60
C CYS A 10 -9.88 0.33 8.36
N HIS A 11 -11.18 0.23 8.13
CA HIS A 11 -11.78 -1.03 7.80
C HIS A 11 -12.48 -1.00 6.45
N CYS A 12 -11.73 -1.31 5.40
CA CYS A 12 -12.25 -1.39 4.05
C CYS A 12 -11.68 -2.62 3.36
N LYS A 13 -12.51 -3.30 2.60
CA LYS A 13 -12.08 -4.46 1.87
C LYS A 13 -11.54 -4.02 0.55
N VAL A 14 -10.29 -4.26 0.36
CA VAL A 14 -9.62 -3.85 -0.83
C VAL A 14 -9.75 -4.90 -1.92
N ASP A 15 -10.32 -4.47 -3.03
CA ASP A 15 -10.53 -5.34 -4.18
C ASP A 15 -9.21 -5.60 -4.88
N PRO A 16 -8.95 -6.85 -5.29
CA PRO A 16 -7.71 -7.19 -6.00
C PRO A 16 -7.61 -6.48 -7.36
N GLU A 17 -8.77 -6.08 -7.88
CA GLU A 17 -8.83 -5.40 -9.17
C GLU A 17 -8.80 -3.87 -9.00
N ARG A 18 -8.86 -3.38 -7.75
CA ARG A 18 -8.83 -1.93 -7.49
C ARG A 18 -7.98 -1.58 -6.26
N VAL A 19 -7.02 -2.43 -5.94
CA VAL A 19 -6.14 -2.20 -4.78
C VAL A 19 -5.11 -1.11 -5.06
N PHE A 20 -5.12 -0.06 -4.24
CA PHE A 20 -4.14 1.00 -4.36
C PHE A 20 -2.85 0.59 -3.70
N ASN A 21 -1.85 0.32 -4.50
CA ASN A 21 -0.56 -0.10 -3.98
C ASN A 21 0.36 1.07 -3.79
N HIS A 22 1.07 1.06 -2.69
CA HIS A 22 2.02 2.09 -2.40
C HIS A 22 3.27 1.48 -1.79
N ASP A 23 4.36 1.52 -2.55
CA ASP A 23 5.67 1.03 -2.08
C ASP A 23 5.63 -0.49 -1.79
N GLY A 24 4.69 -1.17 -2.42
CA GLY A 24 4.57 -2.61 -2.25
C GLY A 24 3.54 -2.97 -1.20
N GLU A 25 2.77 -2.00 -0.73
CA GLU A 25 1.75 -2.25 0.25
C GLU A 25 0.37 -2.04 -0.35
N ALA A 26 -0.62 -2.69 0.22
CA ALA A 26 -1.98 -2.59 -0.29
C ALA A 26 -2.79 -1.61 0.54
N TYR A 27 -3.64 -0.84 -0.12
CA TYR A 27 -4.48 0.15 0.53
C TYR A 27 -5.84 0.24 -0.15
N CYS A 28 -6.87 0.65 0.59
CA CYS A 28 -8.22 0.72 0.02
C CYS A 28 -8.31 1.84 -1.00
N SER A 29 -7.55 2.90 -0.75
CA SER A 29 -7.54 4.03 -1.60
C SER A 29 -6.23 4.79 -1.42
N GLN A 30 -5.90 5.61 -2.40
CA GLN A 30 -4.73 6.47 -2.36
C GLN A 30 -4.70 7.31 -1.07
N ALA A 31 -5.89 7.59 -0.53
CA ALA A 31 -6.01 8.34 0.72
C ALA A 31 -5.23 7.66 1.87
N CYS A 32 -5.45 6.36 2.04
CA CYS A 32 -4.74 5.60 3.06
C CYS A 32 -3.34 5.24 2.59
N ALA A 33 -3.14 5.21 1.27
CA ALA A 33 -1.83 4.89 0.70
C ALA A 33 -0.78 5.87 1.18
N GLU A 34 -1.17 7.13 1.32
CA GLU A 34 -0.26 8.16 1.80
C GLU A 34 -0.29 8.28 3.32
N GLN A 35 -0.99 7.34 3.97
CA GLN A 35 -1.05 7.28 5.43
C GLN A 35 -1.59 8.56 6.04
N HIS A 36 -2.57 9.16 5.34
CA HIS A 36 -3.23 10.41 5.77
C HIS A 36 -2.22 11.54 5.91
N PRO A 37 -1.81 12.14 4.80
CA PRO A 37 -0.82 13.22 4.80
C PRO A 37 -1.33 14.49 5.48
N ASN A 38 -2.56 14.87 5.20
CA ASN A 38 -3.15 16.08 5.80
C ASN A 38 -4.32 15.72 6.70
N GLY A 39 -4.35 14.48 7.16
CA GLY A 39 -5.46 14.03 7.99
C GLY A 39 -6.70 13.76 7.18
N GLU A 40 -6.50 13.59 5.88
CA GLU A 40 -7.57 13.31 4.94
C GLU A 40 -7.98 11.83 5.06
N PRO A 41 -9.21 11.53 5.54
CA PRO A 41 -9.71 10.15 5.68
C PRO A 41 -9.93 9.47 4.33
N CYS A 42 -10.15 8.16 4.34
CA CYS A 42 -10.39 7.42 3.13
C CYS A 42 -11.79 7.77 2.59
N PRO A 43 -12.01 7.55 1.28
CA PRO A 43 -13.29 7.87 0.60
C PRO A 43 -14.52 7.01 1.06
N ALA A 44 -14.50 6.52 2.28
CA ALA A 44 -15.63 5.74 2.82
C ALA A 44 -16.39 6.60 3.83
N PRO A 45 -17.72 6.77 3.65
CA PRO A 45 -18.52 7.65 4.50
C PRO A 45 -18.70 7.12 5.93
N ASP A 46 -18.77 5.80 6.07
CA ASP A 46 -18.98 5.19 7.38
C ASP A 46 -17.67 5.01 8.13
N CYS A 47 -16.58 5.20 7.43
CA CYS A 47 -15.27 5.04 8.03
C CYS A 47 -14.83 6.33 8.70
N HIS A 48 -14.05 6.21 9.77
CA HIS A 48 -13.61 7.39 10.53
C HIS A 48 -12.12 7.33 10.86
N CYS A 49 -11.32 6.90 9.92
CA CYS A 49 -9.88 6.86 10.13
C CYS A 49 -9.24 8.10 9.54
N GLU A 50 -8.30 8.68 10.26
CA GLU A 50 -7.64 9.91 9.83
C GLU A 50 -6.54 10.30 10.80
N ARG A 51 -6.83 10.14 12.07
CA ARG A 51 -5.91 10.51 13.14
C ARG A 51 -4.97 9.36 13.47
N SER A 52 -4.58 8.64 12.45
CA SER A 52 -3.69 7.51 12.59
C SER A 52 -2.79 7.40 11.36
N GLY A 53 -1.81 6.52 11.43
CA GLY A 53 -0.88 6.34 10.34
C GLY A 53 0.55 6.33 10.84
N LYS A 54 1.04 7.51 11.20
CA LYS A 54 2.37 7.64 11.76
C LYS A 54 2.36 7.35 13.24
N VAL A 55 2.45 6.08 13.59
CA VAL A 55 2.44 5.67 14.98
C VAL A 55 3.81 5.16 15.39
N GLY A 56 4.35 4.22 14.62
CA GLY A 56 5.65 3.67 14.91
C GLY A 56 5.69 2.18 14.69
N GLY A 57 4.58 1.52 15.00
CA GLY A 57 4.49 0.09 14.82
C GLY A 57 5.39 -0.68 15.75
N ARG A 58 6.14 -1.62 15.21
CA ARG A 58 7.06 -2.42 15.99
C ARG A 58 8.50 -2.13 15.58
N ASP A 59 8.83 -2.40 14.33
CA ASP A 59 10.17 -2.17 13.83
C ASP A 59 10.12 -1.30 12.58
N ILE A 60 11.12 -0.47 12.43
CA ILE A 60 11.25 0.34 11.24
C ILE A 60 12.49 -0.07 10.47
N THR A 61 12.40 -1.22 9.81
CA THR A 61 13.49 -1.72 9.01
C THR A 61 13.50 -1.03 7.65
N ASN A 62 12.37 -1.09 6.95
CA ASN A 62 12.18 -0.42 5.65
C ASN A 62 13.20 -0.92 4.60
N ASN A 63 13.65 -2.15 4.77
CA ASN A 63 14.59 -2.74 3.84
C ASN A 63 13.89 -3.72 2.94
N GLN A 64 13.60 -3.30 1.74
CA GLN A 64 12.91 -4.14 0.77
C GLN A 64 13.90 -4.67 -0.26
N LEU A 65 15.16 -4.43 0.01
CA LEU A 65 16.24 -4.81 -0.90
C LEU A 65 16.92 -6.07 -0.38
N ASP A 66 16.77 -7.16 -1.08
CA ASP A 66 17.35 -8.41 -0.62
C ASP A 66 17.73 -9.34 -1.75
N GLU A 67 18.89 -9.97 -1.60
CA GLU A 67 19.37 -11.05 -2.48
C GLU A 67 19.37 -10.67 -3.99
N ALA A 68 18.27 -10.96 -4.68
CA ALA A 68 18.17 -10.72 -6.12
C ALA A 68 17.41 -9.44 -6.39
N LEU A 69 17.80 -8.41 -5.67
CA LEU A 69 17.16 -7.12 -5.77
C LEU A 69 17.51 -6.43 -7.09
N GLU A 70 16.56 -5.65 -7.60
CA GLU A 70 16.75 -4.83 -8.80
C GLU A 70 16.98 -5.68 -10.08
N GLU A 71 16.48 -6.90 -10.07
CA GLU A 71 16.57 -7.75 -11.25
C GLU A 71 15.32 -7.47 -12.10
N THR A 72 15.29 -6.28 -12.67
CA THR A 72 14.12 -5.79 -13.40
C THR A 72 14.13 -6.18 -14.89
N PHE A 73 13.16 -5.64 -15.62
CA PHE A 73 12.94 -5.93 -17.03
C PHE A 73 12.38 -4.67 -17.72
N PRO A 74 12.36 -4.62 -19.07
CA PRO A 74 11.83 -3.48 -19.79
C PRO A 74 10.37 -3.67 -20.16
N ALA A 75 9.85 -2.79 -21.01
CA ALA A 75 8.47 -2.89 -21.48
C ALA A 75 8.25 -4.21 -22.20
N SER A 76 9.20 -4.58 -23.02
CA SER A 76 9.15 -5.85 -23.73
C SER A 76 10.54 -6.46 -23.80
N ASP A 77 10.66 -7.71 -23.42
CA ASP A 77 11.93 -8.42 -23.43
C ASP A 77 12.24 -8.94 -24.83
N PRO A 78 13.54 -8.98 -25.21
CA PRO A 78 13.96 -9.44 -26.53
C PRO A 78 13.69 -10.93 -26.74
N ILE A 79 13.79 -11.38 -27.97
CA ILE A 79 13.54 -12.77 -28.30
C ILE A 79 14.72 -13.64 -27.86
N SER A 80 14.46 -14.53 -26.93
CA SER A 80 15.47 -15.41 -26.41
C SER A 80 15.77 -16.53 -27.40
N PRO A 81 17.04 -16.95 -27.50
CA PRO A 81 17.47 -18.04 -28.40
C PRO A 81 16.94 -19.40 -27.96
N ASN A 1 -4.85 4.21 24.54
CA ASN A 1 -4.28 4.74 23.27
C ASN A 1 -5.32 4.68 22.15
N GLU A 2 -5.43 5.76 21.40
CA GLU A 2 -6.37 5.82 20.28
C GLU A 2 -5.91 4.91 19.15
N LEU A 3 -6.86 4.40 18.39
CA LEU A 3 -6.55 3.48 17.31
C LEU A 3 -6.40 4.19 15.99
N ARG A 4 -5.57 3.63 15.14
CA ARG A 4 -5.29 4.22 13.85
C ARG A 4 -5.86 3.35 12.75
N CYS A 5 -6.27 3.96 11.66
CA CYS A 5 -6.84 3.21 10.57
C CYS A 5 -5.75 2.65 9.66
N GLY A 6 -5.93 1.40 9.24
CA GLY A 6 -4.96 0.74 8.39
C GLY A 6 -4.82 1.40 7.03
N CYS A 7 -5.88 2.02 6.53
CA CYS A 7 -5.85 2.66 5.22
C CYS A 7 -5.02 3.94 5.28
N PRO A 8 -3.88 3.94 4.56
CA PRO A 8 -2.97 5.09 4.51
C PRO A 8 -3.56 6.30 3.76
N ASP A 9 -4.57 6.05 2.94
CA ASP A 9 -5.19 7.12 2.15
C ASP A 9 -6.41 7.67 2.90
N CYS A 10 -6.70 7.07 4.02
CA CYS A 10 -7.85 7.44 4.81
C CYS A 10 -7.44 8.23 6.05
N HIS A 11 -8.23 9.23 6.40
CA HIS A 11 -7.99 10.02 7.60
C HIS A 11 -9.19 9.95 8.55
N CYS A 12 -9.16 8.99 9.46
CA CYS A 12 -10.23 8.84 10.43
C CYS A 12 -9.68 8.53 11.82
N LYS A 13 -10.37 9.03 12.82
CA LYS A 13 -9.99 8.81 14.20
C LYS A 13 -10.67 7.55 14.74
N VAL A 14 -9.95 6.45 14.70
CA VAL A 14 -10.50 5.18 15.12
C VAL A 14 -10.53 5.07 16.65
N ASP A 15 -11.68 4.70 17.18
CA ASP A 15 -11.85 4.57 18.63
C ASP A 15 -11.46 3.18 19.08
N PRO A 16 -10.82 3.07 20.25
CA PRO A 16 -10.45 1.78 20.83
C PRO A 16 -11.68 0.92 21.12
N GLU A 17 -12.83 1.55 21.32
CA GLU A 17 -14.06 0.81 21.61
C GLU A 17 -14.78 0.44 20.31
N ARG A 18 -14.47 1.15 19.22
CA ARG A 18 -15.12 0.91 17.93
C ARG A 18 -14.10 0.75 16.81
N VAL A 19 -13.09 -0.07 17.04
CA VAL A 19 -12.08 -0.33 16.03
C VAL A 19 -12.36 -1.63 15.28
N PHE A 20 -12.62 -1.52 13.99
CA PHE A 20 -12.85 -2.68 13.16
C PHE A 20 -11.54 -3.37 12.85
N ASN A 21 -11.32 -4.52 13.45
CA ASN A 21 -10.09 -5.26 13.27
C ASN A 21 -10.20 -6.21 12.11
N HIS A 22 -9.22 -6.17 11.25
CA HIS A 22 -9.16 -7.05 10.11
C HIS A 22 -7.81 -7.73 10.09
N ASP A 23 -7.81 -9.01 10.42
CA ASP A 23 -6.60 -9.82 10.45
C ASP A 23 -5.57 -9.24 11.43
N GLY A 24 -6.08 -8.59 12.47
CA GLY A 24 -5.20 -8.02 13.48
C GLY A 24 -4.97 -6.53 13.31
N GLU A 25 -5.40 -5.99 12.19
CA GLU A 25 -5.18 -4.56 11.92
C GLU A 25 -6.38 -3.74 12.32
N ALA A 26 -6.12 -2.51 12.65
CA ALA A 26 -7.15 -1.60 13.07
C ALA A 26 -7.64 -0.77 11.90
N TYR A 27 -8.93 -0.63 11.79
CA TYR A 27 -9.53 0.15 10.72
C TYR A 27 -10.69 0.95 11.28
N CYS A 28 -11.05 2.03 10.60
CA CYS A 28 -12.14 2.87 11.09
C CYS A 28 -13.48 2.18 10.92
N SER A 29 -13.58 1.34 9.91
CA SER A 29 -14.81 0.63 9.65
C SER A 29 -14.58 -0.57 8.74
N GLN A 30 -15.58 -1.45 8.71
CA GLN A 30 -15.59 -2.66 7.85
C GLN A 30 -15.17 -2.32 6.41
N ALA A 31 -15.66 -1.19 5.91
CA ALA A 31 -15.35 -0.71 4.55
C ALA A 31 -13.85 -0.67 4.29
N CYS A 32 -13.10 -0.04 5.18
CA CYS A 32 -11.64 0.06 5.04
C CYS A 32 -10.98 -1.24 5.43
N ALA A 33 -11.62 -1.99 6.32
CA ALA A 33 -11.09 -3.24 6.80
C ALA A 33 -10.82 -4.19 5.64
N GLU A 34 -11.79 -4.28 4.72
CA GLU A 34 -11.65 -5.14 3.56
C GLU A 34 -10.78 -4.52 2.48
N GLN A 35 -10.17 -3.37 2.80
CA GLN A 35 -9.27 -2.66 1.89
C GLN A 35 -9.96 -2.26 0.59
N HIS A 36 -11.24 -1.89 0.71
CA HIS A 36 -12.06 -1.47 -0.44
C HIS A 36 -12.14 -2.58 -1.47
N PRO A 37 -12.97 -3.59 -1.20
CA PRO A 37 -13.09 -4.75 -2.08
C PRO A 37 -13.82 -4.43 -3.37
N ASN A 38 -14.81 -3.57 -3.27
CA ASN A 38 -15.60 -3.18 -4.42
C ASN A 38 -15.31 -1.75 -4.79
N GLY A 39 -14.23 -1.23 -4.24
CA GLY A 39 -13.88 0.17 -4.45
C GLY A 39 -14.79 1.10 -3.68
N GLU A 40 -15.41 0.55 -2.65
CA GLU A 40 -16.33 1.29 -1.82
C GLU A 40 -15.59 1.98 -0.69
N PRO A 41 -15.76 3.31 -0.54
CA PRO A 41 -15.06 4.11 0.48
C PRO A 41 -15.56 3.86 1.91
N CYS A 42 -14.90 4.48 2.89
CA CYS A 42 -15.31 4.35 4.29
C CYS A 42 -16.56 5.21 4.56
N PRO A 43 -17.32 4.90 5.62
CA PRO A 43 -18.58 5.60 5.97
C PRO A 43 -18.45 7.13 6.24
N ALA A 44 -17.24 7.68 6.21
CA ALA A 44 -17.04 9.11 6.44
C ALA A 44 -17.41 9.91 5.18
N PRO A 45 -18.25 10.97 5.31
CA PRO A 45 -18.73 11.73 4.15
C PRO A 45 -17.70 12.72 3.63
N ASP A 46 -16.73 13.06 4.45
CA ASP A 46 -15.71 14.01 4.07
C ASP A 46 -14.46 13.31 3.56
N CYS A 47 -14.46 12.00 3.68
CA CYS A 47 -13.32 11.21 3.26
C CYS A 47 -13.51 10.81 1.80
N HIS A 48 -12.41 10.60 1.09
CA HIS A 48 -12.50 10.27 -0.33
C HIS A 48 -11.60 9.11 -0.71
N CYS A 49 -11.22 8.28 0.26
CA CYS A 49 -10.36 7.14 -0.01
C CYS A 49 -11.14 6.02 -0.67
N GLU A 50 -10.59 5.43 -1.72
CA GLU A 50 -11.26 4.34 -2.46
C GLU A 50 -10.42 3.86 -3.65
N ARG A 51 -9.72 4.78 -4.27
CA ARG A 51 -8.95 4.48 -5.48
C ARG A 51 -7.48 4.21 -5.15
N SER A 52 -7.24 3.54 -4.05
CA SER A 52 -5.90 3.23 -3.62
C SER A 52 -5.33 2.02 -4.38
N GLY A 53 -6.15 0.97 -4.51
CA GLY A 53 -5.72 -0.23 -5.19
C GLY A 53 -4.79 -1.06 -4.33
N LYS A 54 -3.50 -0.93 -4.58
CA LYS A 54 -2.52 -1.62 -3.77
C LYS A 54 -1.45 -0.64 -3.32
N VAL A 55 -1.01 -0.77 -2.09
CA VAL A 55 0.00 0.11 -1.53
C VAL A 55 1.37 -0.25 -2.06
N GLY A 56 1.70 -1.53 -2.04
CA GLY A 56 2.98 -1.97 -2.52
C GLY A 56 3.14 -3.46 -2.45
N GLY A 57 3.42 -3.97 -1.27
CA GLY A 57 3.66 -5.39 -1.10
C GLY A 57 4.98 -5.79 -1.69
N ARG A 58 4.93 -6.39 -2.88
CA ARG A 58 6.11 -6.79 -3.66
C ARG A 58 7.00 -7.78 -2.91
N ASP A 59 6.97 -9.02 -3.36
CA ASP A 59 7.82 -10.05 -2.80
C ASP A 59 9.25 -9.85 -3.26
N ILE A 60 10.20 -10.23 -2.43
CA ILE A 60 11.59 -10.06 -2.76
C ILE A 60 12.11 -11.25 -3.56
N THR A 61 12.04 -11.13 -4.86
CA THR A 61 12.53 -12.16 -5.75
C THR A 61 13.98 -11.89 -6.14
N ASN A 62 14.87 -12.74 -5.66
CA ASN A 62 16.29 -12.61 -5.97
C ASN A 62 16.89 -14.00 -6.18
N ASN A 63 17.48 -14.21 -7.34
CA ASN A 63 18.03 -15.52 -7.69
C ASN A 63 19.49 -15.44 -8.07
N GLN A 64 20.23 -16.48 -7.72
CA GLN A 64 21.63 -16.59 -8.07
C GLN A 64 21.74 -17.09 -9.50
N LEU A 65 20.73 -17.82 -9.91
CA LEU A 65 20.73 -18.45 -11.21
C LEU A 65 20.07 -17.54 -12.24
N ASP A 66 20.56 -17.65 -13.47
CA ASP A 66 20.03 -16.91 -14.64
C ASP A 66 20.32 -15.41 -14.58
N GLU A 67 21.01 -14.93 -15.61
CA GLU A 67 21.31 -13.53 -15.75
C GLU A 67 21.08 -13.11 -17.20
N ALA A 68 20.72 -11.86 -17.40
CA ALA A 68 20.49 -11.35 -18.76
C ALA A 68 20.76 -9.86 -18.84
N LEU A 69 22.03 -9.49 -18.94
CA LEU A 69 22.41 -8.09 -19.05
C LEU A 69 23.54 -7.92 -20.05
N GLU A 70 23.46 -6.90 -20.86
CA GLU A 70 24.49 -6.61 -21.83
C GLU A 70 24.57 -5.11 -22.08
N GLU A 71 25.28 -4.44 -21.20
CA GLU A 71 25.46 -2.99 -21.30
C GLU A 71 26.87 -2.67 -21.75
N THR A 72 27.55 -3.68 -22.32
CA THR A 72 28.89 -3.51 -22.83
C THR A 72 28.92 -2.46 -23.94
N PHE A 73 29.54 -1.31 -23.65
CA PHE A 73 29.55 -0.17 -24.56
C PHE A 73 28.12 0.33 -24.76
N PRO A 74 27.63 1.16 -23.84
CA PRO A 74 26.26 1.62 -23.83
C PRO A 74 26.01 2.80 -24.76
N ALA A 75 24.83 3.40 -24.63
CA ALA A 75 24.47 4.54 -25.42
C ALA A 75 25.31 5.75 -25.00
N SER A 76 26.16 6.21 -25.92
CA SER A 76 27.06 7.33 -25.66
C SER A 76 28.07 6.99 -24.57
N ASP A 77 29.18 6.38 -24.97
CA ASP A 77 30.23 6.01 -24.03
C ASP A 77 30.86 7.26 -23.41
N PRO A 78 31.33 7.16 -22.16
CA PRO A 78 31.90 8.31 -21.45
C PRO A 78 33.29 8.68 -21.96
N ILE A 79 33.68 9.92 -21.72
CA ILE A 79 34.97 10.42 -22.16
C ILE A 79 36.12 9.74 -21.42
N SER A 80 37.28 9.76 -22.04
CA SER A 80 38.48 9.18 -21.49
C SER A 80 38.94 9.96 -20.25
N PRO A 81 39.81 9.36 -19.40
CA PRO A 81 40.31 10.00 -18.17
C PRO A 81 41.26 11.16 -18.47
N ASN A 1 -12.13 -15.42 8.03
CA ASN A 1 -13.56 -14.99 8.03
C ASN A 1 -13.65 -13.48 8.15
N GLU A 2 -12.95 -12.94 9.13
CA GLU A 2 -12.94 -11.51 9.38
C GLU A 2 -12.13 -10.79 8.29
N LEU A 3 -12.61 -9.64 7.86
CA LEU A 3 -11.96 -8.89 6.80
C LEU A 3 -10.96 -7.88 7.35
N ARG A 4 -9.95 -7.63 6.57
CA ARG A 4 -8.87 -6.74 6.94
C ARG A 4 -8.91 -5.50 6.02
N CYS A 5 -8.53 -4.34 6.54
CA CYS A 5 -8.53 -3.12 5.73
C CYS A 5 -7.24 -3.00 4.93
N GLY A 6 -7.37 -2.53 3.69
CA GLY A 6 -6.22 -2.39 2.83
C GLY A 6 -5.32 -1.24 3.21
N CYS A 7 -5.78 -0.34 4.08
CA CYS A 7 -4.95 0.78 4.51
C CYS A 7 -4.09 0.36 5.69
N PRO A 8 -2.76 0.32 5.49
CA PRO A 8 -1.81 -0.09 6.54
C PRO A 8 -1.79 0.88 7.71
N ASP A 9 -2.07 2.15 7.45
CA ASP A 9 -2.07 3.19 8.48
C ASP A 9 -3.37 3.19 9.25
N CYS A 10 -4.37 2.56 8.69
CA CYS A 10 -5.71 2.55 9.28
C CYS A 10 -5.87 1.43 10.30
N HIS A 11 -6.63 1.71 11.35
CA HIS A 11 -6.91 0.71 12.39
C HIS A 11 -8.42 0.48 12.53
N CYS A 12 -8.95 -0.48 11.79
CA CYS A 12 -10.39 -0.80 11.84
C CYS A 12 -10.64 -2.30 11.69
N LYS A 13 -11.83 -2.73 12.10
CA LYS A 13 -12.25 -4.10 11.99
C LYS A 13 -13.26 -4.22 10.86
N VAL A 14 -12.84 -4.79 9.76
CA VAL A 14 -13.70 -4.89 8.60
C VAL A 14 -14.61 -6.13 8.68
N ASP A 15 -15.91 -5.91 8.56
CA ASP A 15 -16.90 -6.97 8.62
C ASP A 15 -17.18 -7.54 7.24
N PRO A 16 -17.27 -8.88 7.11
CA PRO A 16 -17.55 -9.55 5.83
C PRO A 16 -18.80 -9.01 5.13
N GLU A 17 -19.83 -8.66 5.90
CA GLU A 17 -21.08 -8.19 5.30
C GLU A 17 -21.00 -6.72 4.88
N ARG A 18 -19.97 -6.02 5.31
CA ARG A 18 -19.83 -4.61 4.97
C ARG A 18 -18.43 -4.27 4.55
N VAL A 19 -17.74 -5.21 3.95
CA VAL A 19 -16.40 -4.97 3.46
C VAL A 19 -16.42 -4.27 2.12
N PHE A 20 -15.86 -3.08 2.08
CA PHE A 20 -15.78 -2.34 0.86
C PHE A 20 -14.63 -2.83 0.02
N ASN A 21 -14.96 -3.54 -1.03
CA ASN A 21 -13.93 -4.07 -1.90
C ASN A 21 -13.55 -3.07 -2.96
N HIS A 22 -12.28 -3.01 -3.24
CA HIS A 22 -11.77 -2.10 -4.23
C HIS A 22 -10.57 -2.72 -4.92
N ASP A 23 -10.69 -2.94 -6.22
CA ASP A 23 -9.60 -3.48 -7.04
C ASP A 23 -9.13 -4.86 -6.54
N GLY A 24 -10.03 -5.55 -5.85
CA GLY A 24 -9.71 -6.87 -5.34
C GLY A 24 -9.21 -6.83 -3.91
N GLU A 25 -9.39 -5.70 -3.25
CA GLU A 25 -8.94 -5.56 -1.87
C GLU A 25 -10.09 -5.26 -0.95
N ALA A 26 -9.88 -5.52 0.32
CA ALA A 26 -10.86 -5.28 1.34
C ALA A 26 -10.53 -4.00 2.07
N TYR A 27 -11.55 -3.20 2.34
CA TYR A 27 -11.36 -1.94 3.03
C TYR A 27 -12.47 -1.73 4.03
N CYS A 28 -12.18 -0.96 5.08
CA CYS A 28 -13.18 -0.70 6.13
C CYS A 28 -14.32 0.13 5.59
N SER A 29 -14.00 0.99 4.64
CA SER A 29 -14.96 1.86 4.05
C SER A 29 -14.51 2.29 2.67
N GLN A 30 -15.45 2.77 1.88
CA GLN A 30 -15.17 3.29 0.54
C GLN A 30 -14.16 4.44 0.62
N ALA A 31 -14.11 5.10 1.79
CA ALA A 31 -13.15 6.18 2.04
C ALA A 31 -11.71 5.69 1.88
N CYS A 32 -11.37 4.59 2.57
CA CYS A 32 -10.04 3.99 2.45
C CYS A 32 -9.89 3.26 1.14
N ALA A 33 -11.01 2.79 0.60
CA ALA A 33 -11.00 2.08 -0.66
C ALA A 33 -10.39 2.95 -1.76
N GLU A 34 -10.65 4.25 -1.70
CA GLU A 34 -10.12 5.19 -2.68
C GLU A 34 -8.68 5.61 -2.33
N GLN A 35 -8.13 5.02 -1.27
CA GLN A 35 -6.75 5.30 -0.84
C GLN A 35 -6.55 6.78 -0.50
N HIS A 36 -7.60 7.40 0.03
CA HIS A 36 -7.58 8.82 0.42
C HIS A 36 -7.25 9.70 -0.79
N PRO A 37 -8.22 9.91 -1.66
CA PRO A 37 -8.03 10.70 -2.88
C PRO A 37 -7.93 12.18 -2.59
N ASN A 38 -8.78 12.64 -1.70
CA ASN A 38 -8.83 14.05 -1.35
C ASN A 38 -8.22 14.26 0.01
N GLY A 39 -7.54 13.24 0.48
CA GLY A 39 -6.93 13.29 1.79
C GLY A 39 -7.94 13.00 2.89
N GLU A 40 -9.18 12.70 2.50
CA GLU A 40 -10.22 12.42 3.46
C GLU A 40 -9.96 11.09 4.17
N PRO A 41 -9.93 11.11 5.49
CA PRO A 41 -9.72 9.90 6.33
C PRO A 41 -10.94 8.97 6.30
N CYS A 42 -10.85 7.80 6.93
CA CYS A 42 -11.99 6.88 6.98
C CYS A 42 -13.05 7.44 7.93
N PRO A 43 -14.31 6.97 7.82
CA PRO A 43 -15.41 7.47 8.65
C PRO A 43 -15.36 6.97 10.11
N ALA A 44 -14.16 6.87 10.67
CA ALA A 44 -13.98 6.50 12.06
C ALA A 44 -13.50 7.73 12.83
N PRO A 45 -14.09 7.99 14.01
CA PRO A 45 -13.78 9.20 14.76
C PRO A 45 -12.45 9.17 15.50
N ASP A 46 -11.99 7.98 15.85
CA ASP A 46 -10.74 7.87 16.60
C ASP A 46 -9.58 7.61 15.67
N CYS A 47 -9.90 7.19 14.47
CA CYS A 47 -8.90 6.88 13.48
C CYS A 47 -8.60 8.12 12.65
N HIS A 48 -7.32 8.39 12.39
CA HIS A 48 -6.93 9.56 11.63
C HIS A 48 -5.86 9.24 10.59
N CYS A 49 -6.19 8.32 9.71
CA CYS A 49 -5.31 7.98 8.60
C CYS A 49 -5.67 8.84 7.41
N GLU A 50 -4.68 9.45 6.80
CA GLU A 50 -4.94 10.34 5.69
C GLU A 50 -3.65 10.66 4.94
N ARG A 51 -2.57 10.79 5.68
CA ARG A 51 -1.29 11.13 5.09
C ARG A 51 -0.51 9.89 4.69
N SER A 52 -1.15 9.01 3.94
CA SER A 52 -0.48 7.83 3.42
C SER A 52 0.49 8.23 2.30
N GLY A 53 1.72 8.51 2.67
CA GLY A 53 2.71 8.95 1.72
C GLY A 53 3.65 7.86 1.28
N LYS A 54 4.83 7.84 1.87
CA LYS A 54 5.85 6.86 1.53
C LYS A 54 5.51 5.51 2.15
N VAL A 55 4.67 4.75 1.48
CA VAL A 55 4.26 3.44 1.95
C VAL A 55 5.26 2.39 1.51
N GLY A 56 5.62 2.42 0.24
CA GLY A 56 6.56 1.47 -0.29
C GLY A 56 7.79 2.15 -0.84
N GLY A 57 8.74 1.36 -1.30
CA GLY A 57 9.95 1.91 -1.87
C GLY A 57 11.18 1.16 -1.39
N ARG A 58 11.93 0.61 -2.33
CA ARG A 58 13.14 -0.12 -2.00
C ARG A 58 14.30 0.83 -1.78
N ASP A 59 14.71 0.97 -0.54
CA ASP A 59 15.85 1.80 -0.20
C ASP A 59 16.87 0.98 0.53
N ILE A 60 18.13 1.21 0.24
CA ILE A 60 19.20 0.50 0.90
C ILE A 60 19.45 1.12 2.26
N THR A 61 18.70 0.68 3.23
CA THR A 61 18.82 1.19 4.57
C THR A 61 18.87 0.07 5.62
N ASN A 62 20.08 -0.17 6.14
CA ASN A 62 20.31 -1.16 7.20
C ASN A 62 19.92 -2.57 6.76
N ASN A 63 19.98 -2.83 5.47
CA ASN A 63 19.60 -4.13 4.95
C ASN A 63 20.65 -5.18 5.28
N GLN A 64 20.24 -6.16 6.05
CA GLN A 64 21.12 -7.24 6.47
C GLN A 64 21.19 -8.34 5.43
N LEU A 65 20.50 -8.14 4.32
CA LEU A 65 20.47 -9.12 3.24
C LEU A 65 20.49 -8.43 1.89
N ASP A 66 20.76 -9.21 0.86
CA ASP A 66 20.78 -8.71 -0.51
C ASP A 66 20.30 -9.76 -1.48
N GLU A 67 19.35 -9.40 -2.31
CA GLU A 67 18.76 -10.32 -3.28
C GLU A 67 18.12 -9.56 -4.42
N ALA A 68 18.61 -8.35 -4.69
CA ALA A 68 18.00 -7.53 -5.73
C ALA A 68 19.03 -6.67 -6.46
N LEU A 69 18.90 -6.64 -7.77
CA LEU A 69 19.74 -5.82 -8.63
C LEU A 69 18.86 -4.94 -9.50
N GLU A 70 19.13 -3.66 -9.48
CA GLU A 70 18.33 -2.72 -10.24
C GLU A 70 19.12 -2.23 -11.47
N GLU A 71 20.31 -2.76 -11.64
CA GLU A 71 21.17 -2.41 -12.75
C GLU A 71 20.70 -3.09 -14.02
N THR A 72 19.65 -2.56 -14.58
CA THR A 72 19.07 -3.09 -15.79
C THR A 72 19.82 -2.58 -17.03
N PHE A 73 20.27 -3.51 -17.85
CA PHE A 73 21.03 -3.17 -19.04
C PHE A 73 20.10 -2.87 -20.19
N PRO A 74 20.46 -1.90 -21.05
CA PRO A 74 19.68 -1.56 -22.24
C PRO A 74 19.81 -2.64 -23.31
N ALA A 75 18.89 -2.63 -24.27
CA ALA A 75 18.92 -3.60 -25.35
C ALA A 75 20.09 -3.32 -26.29
N SER A 76 20.43 -2.05 -26.41
CA SER A 76 21.53 -1.63 -27.27
C SER A 76 22.86 -1.64 -26.49
N ASP A 77 22.92 -2.47 -25.45
CA ASP A 77 24.13 -2.60 -24.63
C ASP A 77 25.32 -3.03 -25.50
N PRO A 78 26.46 -2.32 -25.39
CA PRO A 78 27.67 -2.60 -26.18
C PRO A 78 28.11 -4.05 -26.06
N ILE A 79 28.70 -4.57 -27.12
CA ILE A 79 29.16 -5.94 -27.15
C ILE A 79 30.42 -6.11 -26.30
N SER A 80 30.67 -7.34 -25.88
CA SER A 80 31.84 -7.63 -25.09
C SER A 80 33.06 -7.65 -26.00
N PRO A 81 34.10 -6.85 -25.67
CA PRO A 81 35.34 -6.80 -26.46
C PRO A 81 36.08 -8.13 -26.50
N ASN A 1 -8.82 -15.57 4.52
CA ASN A 1 -8.87 -14.44 5.47
C ASN A 1 -8.92 -13.10 4.74
N GLU A 2 -9.60 -12.13 5.34
CA GLU A 2 -9.71 -10.82 4.75
C GLU A 2 -8.60 -9.93 5.28
N LEU A 3 -8.29 -8.90 4.52
CA LEU A 3 -7.26 -7.97 4.93
C LEU A 3 -7.87 -6.81 5.69
N ARG A 4 -7.10 -6.27 6.59
CA ARG A 4 -7.55 -5.19 7.44
C ARG A 4 -6.71 -3.95 7.19
N CYS A 5 -7.31 -2.79 7.38
CA CYS A 5 -6.61 -1.54 7.14
C CYS A 5 -5.77 -1.14 8.35
N GLY A 6 -4.64 -0.51 8.09
CA GLY A 6 -3.73 -0.11 9.15
C GLY A 6 -4.17 1.16 9.85
N CYS A 7 -5.10 1.89 9.25
CA CYS A 7 -5.60 3.11 9.87
C CYS A 7 -6.71 2.78 10.87
N PRO A 8 -6.46 3.02 12.16
CA PRO A 8 -7.42 2.72 13.23
C PRO A 8 -8.70 3.55 13.13
N ASP A 9 -8.61 4.74 12.55
CA ASP A 9 -9.77 5.62 12.43
C ASP A 9 -10.58 5.26 11.20
N CYS A 10 -9.95 4.54 10.31
CA CYS A 10 -10.58 4.16 9.06
C CYS A 10 -11.21 2.77 9.15
N HIS A 11 -12.43 2.65 8.67
CA HIS A 11 -13.10 1.36 8.64
C HIS A 11 -13.49 0.96 7.22
N CYS A 12 -12.61 0.26 6.54
CA CYS A 12 -12.87 -0.26 5.20
C CYS A 12 -12.62 -1.75 5.18
N LYS A 13 -13.40 -2.47 4.39
CA LYS A 13 -13.21 -3.89 4.27
C LYS A 13 -12.17 -4.19 3.18
N VAL A 14 -10.90 -4.24 3.60
CA VAL A 14 -9.77 -4.46 2.70
C VAL A 14 -9.81 -5.87 2.12
N ASP A 15 -9.49 -5.97 0.86
CA ASP A 15 -9.48 -7.22 0.15
C ASP A 15 -8.05 -7.73 0.00
N PRO A 16 -7.80 -9.05 0.13
CA PRO A 16 -6.45 -9.63 0.00
C PRO A 16 -5.85 -9.40 -1.38
N GLU A 17 -6.72 -9.29 -2.38
CA GLU A 17 -6.26 -9.13 -3.75
C GLU A 17 -6.04 -7.65 -4.07
N ARG A 18 -6.39 -6.76 -3.13
CA ARG A 18 -6.28 -5.31 -3.36
C ARG A 18 -5.78 -4.58 -2.12
N VAL A 19 -4.89 -5.20 -1.39
CA VAL A 19 -4.36 -4.60 -0.18
C VAL A 19 -3.09 -3.77 -0.45
N PHE A 20 -3.16 -2.49 -0.17
CA PHE A 20 -2.03 -1.60 -0.32
C PHE A 20 -1.06 -1.78 0.83
N ASN A 21 0.09 -2.35 0.55
CA ASN A 21 1.09 -2.62 1.56
C ASN A 21 2.02 -1.42 1.75
N HIS A 22 2.34 -1.15 3.00
CA HIS A 22 3.25 -0.08 3.35
C HIS A 22 4.08 -0.51 4.54
N ASP A 23 5.38 -0.75 4.32
CA ASP A 23 6.31 -1.20 5.36
C ASP A 23 5.90 -2.59 5.85
N GLY A 24 5.17 -3.31 5.01
CA GLY A 24 4.69 -4.62 5.35
C GLY A 24 3.37 -4.55 6.09
N GLU A 25 2.79 -3.38 6.17
CA GLU A 25 1.52 -3.20 6.84
C GLU A 25 0.40 -3.11 5.82
N ALA A 26 -0.76 -3.57 6.19
CA ALA A 26 -1.89 -3.58 5.29
C ALA A 26 -2.69 -2.30 5.40
N TYR A 27 -3.12 -1.78 4.26
CA TYR A 27 -3.93 -0.58 4.21
C TYR A 27 -4.97 -0.71 3.11
N CYS A 28 -6.07 0.02 3.23
CA CYS A 28 -7.13 -0.07 2.23
C CYS A 28 -6.73 0.60 0.93
N SER A 29 -5.89 1.61 1.03
CA SER A 29 -5.45 2.36 -0.13
C SER A 29 -4.15 3.11 0.15
N GLN A 30 -3.49 3.51 -0.94
CA GLN A 30 -2.26 4.32 -0.91
C GLN A 30 -2.42 5.53 0.04
N ALA A 31 -3.65 6.04 0.11
CA ALA A 31 -4.00 7.18 0.97
C ALA A 31 -3.66 6.90 2.45
N CYS A 32 -4.21 5.82 2.98
CA CYS A 32 -3.95 5.44 4.37
C CYS A 32 -2.58 4.86 4.52
N ALA A 33 -2.04 4.31 3.43
CA ALA A 33 -0.73 3.69 3.47
C ALA A 33 0.32 4.69 3.94
N GLU A 34 0.24 5.91 3.42
CA GLU A 34 1.16 6.96 3.82
C GLU A 34 0.70 7.66 5.09
N GLN A 35 -0.34 7.12 5.72
CA GLN A 35 -0.85 7.64 7.00
C GLN A 35 -1.31 9.09 6.87
N HIS A 36 -1.89 9.40 5.72
CA HIS A 36 -2.41 10.75 5.40
C HIS A 36 -1.29 11.79 5.47
N PRO A 37 -0.48 11.86 4.43
CA PRO A 37 0.66 12.79 4.39
C PRO A 37 0.22 14.24 4.29
N ASN A 38 -0.71 14.50 3.39
CA ASN A 38 -1.17 15.86 3.15
C ASN A 38 -2.58 16.02 3.68
N GLY A 39 -3.01 15.07 4.47
CA GLY A 39 -4.35 15.10 5.03
C GLY A 39 -5.38 14.55 4.08
N GLU A 40 -4.91 13.85 3.04
CA GLU A 40 -5.81 13.21 2.08
C GLU A 40 -6.47 11.99 2.70
N PRO A 41 -7.80 12.01 2.86
CA PRO A 41 -8.54 10.84 3.37
C PRO A 41 -8.51 9.69 2.37
N CYS A 42 -8.95 8.51 2.77
CA CYS A 42 -8.96 7.36 1.87
C CYS A 42 -10.04 7.57 0.80
N PRO A 43 -9.92 6.85 -0.35
CA PRO A 43 -10.84 7.01 -1.50
C PRO A 43 -12.30 6.54 -1.24
N ALA A 44 -12.68 6.36 0.02
CA ALA A 44 -14.05 5.97 0.35
C ALA A 44 -14.88 7.22 0.68
N PRO A 45 -16.09 7.35 0.10
CA PRO A 45 -16.93 8.53 0.31
C PRO A 45 -17.64 8.53 1.65
N ASP A 46 -17.92 7.36 2.16
CA ASP A 46 -18.59 7.23 3.45
C ASP A 46 -17.59 7.38 4.57
N CYS A 47 -16.34 7.21 4.24
CA CYS A 47 -15.28 7.33 5.21
C CYS A 47 -14.75 8.75 5.22
N HIS A 48 -14.40 9.24 6.41
CA HIS A 48 -13.90 10.61 6.54
C HIS A 48 -12.71 10.67 7.50
N CYS A 49 -11.84 9.67 7.42
CA CYS A 49 -10.66 9.62 8.27
C CYS A 49 -9.56 10.51 7.69
N GLU A 50 -8.93 11.29 8.55
CA GLU A 50 -7.88 12.21 8.12
C GLU A 50 -7.15 12.77 9.32
N ARG A 51 -7.92 13.27 10.29
CA ARG A 51 -7.35 13.83 11.50
C ARG A 51 -7.06 12.75 12.53
N SER A 52 -6.31 11.74 12.12
CA SER A 52 -5.92 10.68 13.01
C SER A 52 -4.82 11.17 13.94
N GLY A 53 -4.56 10.46 15.02
CA GLY A 53 -3.55 10.87 15.97
C GLY A 53 -2.14 10.62 15.45
N LYS A 54 -1.61 9.48 15.81
CA LYS A 54 -0.27 9.11 15.37
C LYS A 54 -0.20 7.63 15.05
N VAL A 55 -0.15 7.32 13.76
CA VAL A 55 -0.07 5.95 13.30
C VAL A 55 1.40 5.54 13.17
N GLY A 56 1.76 4.46 13.83
CA GLY A 56 3.12 4.00 13.81
C GLY A 56 3.30 2.70 14.56
N GLY A 57 2.63 1.67 14.10
CA GLY A 57 2.72 0.38 14.73
C GLY A 57 3.37 -0.64 13.83
N ARG A 58 4.65 -0.89 14.03
CA ARG A 58 5.36 -1.85 13.21
C ARG A 58 4.86 -3.27 13.49
N ASP A 59 4.23 -3.86 12.50
CA ASP A 59 3.67 -5.20 12.63
C ASP A 59 4.71 -6.24 12.22
N ILE A 60 4.39 -7.51 12.40
CA ILE A 60 5.30 -8.57 12.05
C ILE A 60 4.81 -9.29 10.81
N THR A 61 5.20 -8.79 9.67
CA THR A 61 4.79 -9.37 8.41
C THR A 61 5.97 -10.02 7.71
N ASN A 62 7.02 -9.22 7.49
CA ASN A 62 8.23 -9.68 6.79
C ASN A 62 7.93 -10.06 5.35
N ASN A 63 8.93 -10.62 4.67
CA ASN A 63 8.78 -11.05 3.27
C ASN A 63 8.53 -9.86 2.37
N GLN A 64 9.60 -9.17 1.99
CA GLN A 64 9.48 -8.01 1.12
C GLN A 64 9.38 -8.45 -0.33
N LEU A 65 10.16 -9.48 -0.68
CA LEU A 65 10.16 -10.07 -2.02
C LEU A 65 10.56 -9.03 -3.09
N ASP A 66 10.51 -9.44 -4.34
CA ASP A 66 10.82 -8.54 -5.45
C ASP A 66 10.02 -8.90 -6.68
N GLU A 67 9.24 -7.96 -7.15
CA GLU A 67 8.43 -8.16 -8.34
C GLU A 67 8.60 -6.99 -9.30
N ALA A 68 9.75 -6.33 -9.20
CA ALA A 68 10.07 -5.22 -10.08
C ALA A 68 10.54 -5.74 -11.42
N LEU A 69 10.35 -4.96 -12.45
CA LEU A 69 10.71 -5.41 -13.79
C LEU A 69 11.31 -4.29 -14.63
N GLU A 70 12.14 -4.67 -15.59
CA GLU A 70 12.75 -3.75 -16.52
C GLU A 70 12.27 -4.04 -17.93
N GLU A 71 12.52 -5.27 -18.38
CA GLU A 71 12.12 -5.74 -19.72
C GLU A 71 12.66 -4.80 -20.80
N THR A 72 13.95 -4.93 -21.08
CA THR A 72 14.60 -4.10 -22.06
C THR A 72 15.94 -4.71 -22.46
N PHE A 73 16.54 -4.16 -23.49
CA PHE A 73 17.83 -4.62 -23.96
C PHE A 73 18.84 -3.50 -23.83
N PRO A 74 20.13 -3.84 -23.61
CA PRO A 74 21.19 -2.84 -23.44
C PRO A 74 21.46 -2.05 -24.72
N ALA A 75 22.31 -1.04 -24.62
CA ALA A 75 22.68 -0.22 -25.76
C ALA A 75 23.25 -1.11 -26.85
N SER A 76 24.12 -2.00 -26.47
CA SER A 76 24.69 -2.95 -27.38
C SER A 76 23.80 -4.19 -27.47
N ASP A 77 22.67 -4.03 -28.15
CA ASP A 77 21.71 -5.10 -28.31
C ASP A 77 22.21 -6.16 -29.26
N PRO A 78 21.91 -7.44 -28.97
CA PRO A 78 22.35 -8.57 -29.81
C PRO A 78 21.73 -8.52 -31.20
N ILE A 79 22.28 -9.28 -32.11
CA ILE A 79 21.78 -9.35 -33.47
C ILE A 79 20.52 -10.17 -33.52
N SER A 80 19.45 -9.58 -34.02
CA SER A 80 18.19 -10.27 -34.15
C SER A 80 18.16 -11.07 -35.44
N PRO A 81 17.51 -12.25 -35.44
CA PRO A 81 17.42 -13.10 -36.61
C PRO A 81 16.22 -12.76 -37.50
N ASN A 1 0.17 -12.90 -3.99
CA ASN A 1 0.95 -11.93 -4.82
C ASN A 1 0.32 -10.54 -4.75
N GLU A 2 -0.64 -10.38 -3.84
CA GLU A 2 -1.31 -9.10 -3.67
C GLU A 2 -0.48 -8.16 -2.82
N LEU A 3 -0.77 -6.90 -2.91
CA LEU A 3 -0.10 -5.90 -2.14
C LEU A 3 -0.98 -5.42 -1.01
N ARG A 4 -0.38 -5.02 0.07
CA ARG A 4 -1.12 -4.59 1.22
C ARG A 4 -0.90 -3.11 1.46
N CYS A 5 -1.90 -2.46 2.02
CA CYS A 5 -1.81 -1.04 2.29
C CYS A 5 -0.99 -0.78 3.54
N GLY A 6 -0.36 0.37 3.59
CA GLY A 6 0.47 0.72 4.72
C GLY A 6 -0.30 1.35 5.87
N CYS A 7 -1.56 1.69 5.63
CA CYS A 7 -2.39 2.27 6.66
C CYS A 7 -3.08 1.16 7.44
N PRO A 8 -2.74 1.00 8.74
CA PRO A 8 -3.31 -0.04 9.59
C PRO A 8 -4.81 0.11 9.82
N ASP A 9 -5.29 1.33 9.73
CA ASP A 9 -6.70 1.62 9.93
C ASP A 9 -7.49 1.48 8.65
N CYS A 10 -6.77 1.40 7.55
CA CYS A 10 -7.39 1.31 6.26
C CYS A 10 -7.71 -0.13 5.91
N HIS A 11 -8.86 -0.33 5.28
CA HIS A 11 -9.28 -1.66 4.86
C HIS A 11 -9.49 -1.70 3.36
N CYS A 12 -8.43 -2.03 2.62
CA CYS A 12 -8.49 -2.08 1.17
C CYS A 12 -7.70 -3.24 0.60
N LYS A 13 -7.83 -3.42 -0.71
CA LYS A 13 -7.11 -4.43 -1.43
C LYS A 13 -6.18 -3.76 -2.43
N VAL A 14 -4.91 -3.86 -2.19
CA VAL A 14 -3.94 -3.22 -3.06
C VAL A 14 -3.45 -4.19 -4.12
N ASP A 15 -3.60 -3.82 -5.37
CA ASP A 15 -3.18 -4.65 -6.47
C ASP A 15 -1.72 -4.37 -6.81
N PRO A 16 -0.95 -5.43 -7.09
CA PRO A 16 0.49 -5.32 -7.44
C PRO A 16 0.72 -4.45 -8.68
N GLU A 17 -0.30 -4.32 -9.51
CA GLU A 17 -0.20 -3.53 -10.73
C GLU A 17 -0.68 -2.09 -10.51
N ARG A 18 -1.12 -1.79 -9.29
CA ARG A 18 -1.61 -0.45 -8.94
C ARG A 18 -1.30 -0.11 -7.48
N VAL A 19 -0.14 -0.50 -7.01
CA VAL A 19 0.24 -0.21 -5.64
C VAL A 19 0.99 1.13 -5.57
N PHE A 20 0.47 2.04 -4.77
CA PHE A 20 1.11 3.31 -4.58
C PHE A 20 2.17 3.18 -3.51
N ASN A 21 3.42 3.18 -3.94
CA ASN A 21 4.52 3.03 -3.01
C ASN A 21 5.04 4.36 -2.55
N HIS A 22 5.43 4.41 -1.30
CA HIS A 22 6.01 5.59 -0.72
C HIS A 22 7.23 5.20 0.10
N ASP A 23 8.40 5.55 -0.41
CA ASP A 23 9.67 5.27 0.27
C ASP A 23 9.88 3.76 0.41
N GLY A 24 9.27 3.01 -0.49
CA GLY A 24 9.40 1.57 -0.48
C GLY A 24 8.22 0.88 0.18
N GLU A 25 7.33 1.66 0.78
CA GLU A 25 6.18 1.10 1.45
C GLU A 25 4.98 1.09 0.53
N ALA A 26 4.17 0.06 0.64
CA ALA A 26 3.01 -0.09 -0.21
C ALA A 26 1.78 0.55 0.41
N TYR A 27 0.97 1.16 -0.42
CA TYR A 27 -0.26 1.81 0.00
C TYR A 27 -1.35 1.60 -1.05
N CYS A 28 -2.61 1.71 -0.65
CA CYS A 28 -3.72 1.50 -1.59
C CYS A 28 -3.84 2.67 -2.56
N SER A 29 -3.44 3.82 -2.11
CA SER A 29 -3.51 5.02 -2.91
C SER A 29 -2.55 6.06 -2.38
N GLN A 30 -2.23 7.04 -3.22
CA GLN A 30 -1.34 8.13 -2.86
C GLN A 30 -1.88 8.86 -1.62
N ALA A 31 -3.20 8.79 -1.41
CA ALA A 31 -3.86 9.39 -0.25
C ALA A 31 -3.29 8.81 1.06
N CYS A 32 -3.25 7.49 1.16
CA CYS A 32 -2.69 6.82 2.33
C CYS A 32 -1.18 6.87 2.31
N ALA A 33 -0.60 7.00 1.11
CA ALA A 33 0.85 7.07 0.97
C ALA A 33 1.41 8.25 1.74
N GLU A 34 0.71 9.38 1.69
CA GLU A 34 1.11 10.56 2.42
C GLU A 34 0.62 10.52 3.87
N GLN A 35 0.03 9.38 4.26
CA GLN A 35 -0.44 9.16 5.62
C GLN A 35 -1.46 10.21 6.04
N HIS A 36 -2.36 10.55 5.10
CA HIS A 36 -3.42 11.54 5.32
C HIS A 36 -2.85 12.89 5.72
N PRO A 37 -2.34 13.63 4.75
CA PRO A 37 -1.72 14.95 4.98
C PRO A 37 -2.74 15.98 5.47
N ASN A 38 -3.87 16.07 4.79
CA ASN A 38 -4.92 17.02 5.15
C ASN A 38 -6.07 16.29 5.83
N GLY A 39 -5.80 15.08 6.27
CA GLY A 39 -6.84 14.27 6.87
C GLY A 39 -7.71 13.62 5.83
N GLU A 40 -7.36 13.85 4.57
CA GLU A 40 -8.10 13.30 3.43
C GLU A 40 -8.06 11.77 3.45
N PRO A 41 -9.25 11.11 3.48
CA PRO A 41 -9.33 9.64 3.47
C PRO A 41 -8.95 9.07 2.11
N CYS A 42 -8.76 7.76 2.05
CA CYS A 42 -8.41 7.11 0.80
C CYS A 42 -9.64 7.14 -0.15
N PRO A 43 -9.42 6.96 -1.46
CA PRO A 43 -10.48 7.00 -2.48
C PRO A 43 -11.47 5.80 -2.42
N ALA A 44 -11.72 5.28 -1.23
CA ALA A 44 -12.67 4.20 -1.04
C ALA A 44 -13.90 4.72 -0.30
N PRO A 45 -15.11 4.51 -0.85
CA PRO A 45 -16.34 5.07 -0.28
C PRO A 45 -16.80 4.36 0.98
N ASP A 46 -16.47 3.08 1.09
CA ASP A 46 -16.87 2.30 2.25
C ASP A 46 -15.83 2.41 3.36
N CYS A 47 -14.66 2.86 3.01
CA CYS A 47 -13.59 2.98 3.96
C CYS A 47 -13.61 4.35 4.60
N HIS A 48 -13.26 4.40 5.88
CA HIS A 48 -13.27 5.67 6.61
C HIS A 48 -12.06 5.79 7.53
N CYS A 49 -10.89 5.90 6.94
CA CYS A 49 -9.67 6.09 7.70
C CYS A 49 -9.18 7.52 7.53
N GLU A 50 -8.81 8.18 8.63
CA GLU A 50 -8.36 9.55 8.56
C GLU A 50 -7.70 10.04 9.85
N ARG A 51 -8.05 9.44 10.99
CA ARG A 51 -7.45 9.85 12.27
C ARG A 51 -6.75 8.70 12.96
N SER A 52 -6.91 7.52 12.41
CA SER A 52 -6.43 6.29 13.04
C SER A 52 -7.25 6.04 14.32
N GLY A 53 -8.23 5.17 14.22
CA GLY A 53 -9.13 4.94 15.33
C GLY A 53 -8.65 3.87 16.27
N LYS A 54 -8.63 2.64 15.80
CA LYS A 54 -8.20 1.53 16.61
C LYS A 54 -6.69 1.47 16.68
N VAL A 55 -6.14 1.86 17.82
CA VAL A 55 -4.71 1.87 18.01
C VAL A 55 -4.20 0.48 18.33
N GLY A 56 -3.92 -0.28 17.29
CA GLY A 56 -3.42 -1.61 17.45
C GLY A 56 -1.92 -1.66 17.35
N GLY A 57 -1.25 -1.18 18.39
CA GLY A 57 0.20 -1.18 18.40
C GLY A 57 0.77 0.21 18.63
N ARG A 58 1.84 0.28 19.41
CA ARG A 58 2.47 1.55 19.70
C ARG A 58 3.55 1.84 18.65
N ASP A 59 3.84 0.84 17.82
CA ASP A 59 4.80 0.98 16.74
C ASP A 59 4.47 0.00 15.63
N ILE A 60 4.97 0.28 14.44
CA ILE A 60 4.75 -0.58 13.30
C ILE A 60 6.05 -1.26 12.88
N THR A 61 6.27 -2.45 13.41
CA THR A 61 7.45 -3.24 13.04
C THR A 61 7.23 -3.99 11.72
N ASN A 62 7.91 -3.54 10.67
CA ASN A 62 7.81 -4.20 9.36
C ASN A 62 9.20 -4.53 8.83
N ASN A 63 9.27 -5.45 7.88
CA ASN A 63 10.54 -5.85 7.27
C ASN A 63 10.88 -4.95 6.10
N GLN A 64 12.15 -4.72 5.89
CA GLN A 64 12.62 -3.89 4.79
C GLN A 64 13.25 -4.76 3.72
N LEU A 65 13.43 -6.03 4.05
CA LEU A 65 14.03 -7.02 3.13
C LEU A 65 12.95 -7.78 2.37
N ASP A 66 13.34 -8.35 1.23
CA ASP A 66 12.44 -9.15 0.42
C ASP A 66 13.14 -10.38 -0.12
N GLU A 67 12.39 -11.46 -0.27
CA GLU A 67 12.91 -12.69 -0.81
C GLU A 67 11.78 -13.48 -1.46
N ALA A 68 10.75 -12.77 -1.91
CA ALA A 68 9.57 -13.43 -2.47
C ALA A 68 9.37 -13.07 -3.94
N LEU A 69 10.31 -12.37 -4.53
CA LEU A 69 10.20 -12.00 -5.93
C LEU A 69 10.59 -13.14 -6.86
N GLU A 70 9.65 -14.05 -7.06
CA GLU A 70 9.82 -15.20 -7.96
C GLU A 70 9.34 -14.83 -9.36
N GLU A 71 8.33 -14.01 -9.40
CA GLU A 71 7.66 -13.60 -10.59
C GLU A 71 8.51 -12.61 -11.38
N THR A 72 9.21 -13.15 -12.35
CA THR A 72 10.09 -12.36 -13.22
C THR A 72 9.82 -12.63 -14.72
N PHE A 73 10.15 -11.65 -15.56
CA PHE A 73 10.00 -11.77 -17.02
C PHE A 73 11.36 -12.09 -17.65
N PRO A 74 11.40 -12.60 -18.91
CA PRO A 74 12.67 -12.90 -19.57
C PRO A 74 13.28 -11.64 -20.20
N ALA A 75 14.44 -11.80 -20.81
CA ALA A 75 15.11 -10.71 -21.47
C ALA A 75 14.25 -10.21 -22.63
N SER A 76 14.23 -8.89 -22.82
CA SER A 76 13.41 -8.28 -23.86
C SER A 76 11.94 -8.56 -23.60
N ASP A 77 11.46 -8.08 -22.46
CA ASP A 77 10.05 -8.26 -22.07
C ASP A 77 9.12 -7.58 -23.07
N PRO A 78 7.90 -8.14 -23.25
CA PRO A 78 6.92 -7.62 -24.21
C PRO A 78 6.47 -6.20 -23.93
N ILE A 79 6.13 -5.48 -24.98
CA ILE A 79 5.67 -4.10 -24.87
C ILE A 79 4.17 -4.08 -24.60
N SER A 80 3.77 -3.25 -23.66
CA SER A 80 2.37 -3.12 -23.31
C SER A 80 1.64 -2.32 -24.39
N PRO A 81 0.36 -2.66 -24.68
CA PRO A 81 -0.44 -1.95 -25.67
C PRO A 81 -0.85 -0.56 -25.20
N ASN A 1 -15.60 -13.35 9.77
CA ASN A 1 -14.87 -12.18 10.33
C ASN A 1 -14.53 -11.18 9.23
N GLU A 2 -15.17 -10.02 9.27
CA GLU A 2 -14.90 -8.97 8.30
C GLU A 2 -13.52 -8.39 8.55
N LEU A 3 -12.79 -8.15 7.49
CA LEU A 3 -11.45 -7.61 7.59
C LEU A 3 -11.49 -6.13 7.85
N ARG A 4 -10.50 -5.65 8.54
CA ARG A 4 -10.43 -4.25 8.89
C ARG A 4 -9.22 -3.61 8.26
N CYS A 5 -9.28 -2.32 8.09
CA CYS A 5 -8.20 -1.60 7.48
C CYS A 5 -7.14 -1.24 8.50
N GLY A 6 -5.89 -1.20 8.05
CA GLY A 6 -4.79 -0.90 8.93
C GLY A 6 -4.59 0.58 9.17
N CYS A 7 -5.20 1.42 8.34
CA CYS A 7 -5.08 2.86 8.51
C CYS A 7 -6.06 3.34 9.59
N PRO A 8 -5.53 3.85 10.71
CA PRO A 8 -6.35 4.33 11.81
C PRO A 8 -7.14 5.60 11.46
N ASP A 9 -6.66 6.32 10.45
CA ASP A 9 -7.33 7.53 10.00
C ASP A 9 -8.38 7.22 8.96
N CYS A 10 -8.41 5.98 8.54
CA CYS A 10 -9.33 5.54 7.53
C CYS A 10 -10.41 4.66 8.13
N HIS A 11 -11.64 4.89 7.74
CA HIS A 11 -12.74 4.06 8.20
C HIS A 11 -13.43 3.41 7.03
N CYS A 12 -12.98 2.22 6.67
CA CYS A 12 -13.54 1.48 5.55
C CYS A 12 -13.83 0.04 5.93
N LYS A 13 -14.75 -0.58 5.20
CA LYS A 13 -15.10 -1.96 5.40
C LYS A 13 -14.27 -2.82 4.46
N VAL A 14 -13.44 -3.64 5.02
CA VAL A 14 -12.59 -4.49 4.22
C VAL A 14 -13.20 -5.90 4.13
N ASP A 15 -13.44 -6.34 2.93
CA ASP A 15 -14.01 -7.65 2.70
C ASP A 15 -12.92 -8.70 2.66
N PRO A 16 -13.13 -9.84 3.35
CA PRO A 16 -12.15 -10.94 3.38
C PRO A 16 -11.60 -11.33 1.99
N GLU A 17 -12.45 -11.28 0.96
CA GLU A 17 -12.02 -11.66 -0.40
C GLU A 17 -11.33 -10.52 -1.15
N ARG A 18 -11.34 -9.32 -0.59
CA ARG A 18 -10.73 -8.17 -1.26
C ARG A 18 -9.88 -7.35 -0.30
N VAL A 19 -9.26 -8.02 0.66
CA VAL A 19 -8.40 -7.36 1.62
C VAL A 19 -6.98 -7.22 1.08
N PHE A 20 -6.55 -5.98 0.89
CA PHE A 20 -5.21 -5.70 0.44
C PHE A 20 -4.23 -5.88 1.58
N ASN A 21 -3.39 -6.89 1.46
CA ASN A 21 -2.42 -7.19 2.49
C ASN A 21 -1.09 -6.53 2.21
N HIS A 22 -0.45 -6.09 3.27
CA HIS A 22 0.85 -5.48 3.19
C HIS A 22 1.69 -5.95 4.35
N ASP A 23 2.70 -6.76 4.06
CA ASP A 23 3.62 -7.31 5.07
C ASP A 23 2.84 -8.16 6.09
N GLY A 24 1.67 -8.65 5.67
CA GLY A 24 0.84 -9.47 6.52
C GLY A 24 -0.28 -8.67 7.19
N GLU A 25 -0.32 -7.38 6.95
CA GLU A 25 -1.32 -6.52 7.56
C GLU A 25 -2.50 -6.34 6.60
N ALA A 26 -3.67 -6.11 7.15
CA ALA A 26 -4.87 -5.93 6.35
C ALA A 26 -5.16 -4.47 6.10
N TYR A 27 -5.54 -4.15 4.88
CA TYR A 27 -5.88 -2.79 4.49
C TYR A 27 -7.05 -2.80 3.54
N CYS A 28 -7.76 -1.68 3.43
CA CYS A 28 -8.93 -1.61 2.56
C CYS A 28 -8.51 -1.54 1.12
N SER A 29 -7.39 -0.89 0.89
CA SER A 29 -6.92 -0.64 -0.44
C SER A 29 -5.40 -0.63 -0.47
N GLN A 30 -4.84 -0.93 -1.63
CA GLN A 30 -3.39 -0.89 -1.83
C GLN A 30 -2.86 0.52 -1.50
N ALA A 31 -3.73 1.52 -1.66
CA ALA A 31 -3.41 2.91 -1.32
C ALA A 31 -3.05 3.05 0.17
N CYS A 32 -3.90 2.51 1.04
CA CYS A 32 -3.65 2.52 2.48
C CYS A 32 -2.58 1.49 2.84
N ALA A 33 -2.46 0.47 2.01
CA ALA A 33 -1.47 -0.58 2.22
C ALA A 33 -0.06 0.01 2.20
N GLU A 34 0.17 0.93 1.29
CA GLU A 34 1.44 1.62 1.20
C GLU A 34 1.54 2.77 2.20
N GLN A 35 0.50 2.92 3.02
CA GLN A 35 0.44 3.94 4.08
C GLN A 35 0.54 5.35 3.50
N HIS A 36 -0.06 5.54 2.33
CA HIS A 36 -0.08 6.84 1.63
C HIS A 36 1.34 7.30 1.31
N PRO A 37 1.94 6.72 0.27
CA PRO A 37 3.30 7.06 -0.13
C PRO A 37 3.37 8.35 -0.92
N ASN A 38 2.35 8.60 -1.71
CA ASN A 38 2.28 9.80 -2.53
C ASN A 38 1.21 10.73 -1.98
N GLY A 39 0.73 10.40 -0.79
CA GLY A 39 -0.34 11.17 -0.18
C GLY A 39 -1.69 10.73 -0.71
N GLU A 40 -1.67 9.79 -1.66
CA GLU A 40 -2.87 9.22 -2.27
C GLU A 40 -3.83 8.68 -1.21
N PRO A 41 -5.00 9.30 -1.04
CA PRO A 41 -6.04 8.77 -0.14
C PRO A 41 -6.61 7.45 -0.71
N CYS A 42 -7.29 6.67 0.13
CA CYS A 42 -7.88 5.42 -0.33
C CYS A 42 -8.97 5.73 -1.36
N PRO A 43 -9.31 4.75 -2.22
CA PRO A 43 -10.31 4.92 -3.29
C PRO A 43 -11.78 5.06 -2.81
N ALA A 44 -11.97 5.66 -1.65
CA ALA A 44 -13.30 5.94 -1.13
C ALA A 44 -13.59 7.43 -1.26
N PRO A 45 -14.73 7.81 -1.85
CA PRO A 45 -15.03 9.21 -2.12
C PRO A 45 -15.38 10.02 -0.88
N ASP A 46 -15.93 9.37 0.11
CA ASP A 46 -16.31 10.06 1.34
C ASP A 46 -15.17 10.04 2.35
N CYS A 47 -14.17 9.22 2.09
CA CYS A 47 -13.04 9.12 2.97
C CYS A 47 -11.95 10.09 2.54
N HIS A 48 -11.29 10.72 3.52
CA HIS A 48 -10.24 11.71 3.22
C HIS A 48 -9.02 11.51 4.12
N CYS A 49 -8.55 10.29 4.21
CA CYS A 49 -7.38 9.98 5.00
C CYS A 49 -6.12 10.11 4.14
N GLU A 50 -5.07 10.64 4.72
CA GLU A 50 -3.80 10.87 4.01
C GLU A 50 -2.79 11.47 4.96
N ARG A 51 -3.27 12.36 5.79
CA ARG A 51 -2.45 13.10 6.72
C ARG A 51 -2.30 12.35 8.05
N SER A 52 -2.02 11.06 7.96
CA SER A 52 -1.82 10.25 9.12
C SER A 52 -0.35 10.35 9.60
N GLY A 53 0.52 9.53 9.03
CA GLY A 53 1.92 9.57 9.39
C GLY A 53 2.55 8.19 9.49
N LYS A 54 3.69 8.11 10.15
CA LYS A 54 4.38 6.84 10.31
C LYS A 54 3.90 6.12 11.58
N VAL A 55 3.01 5.15 11.40
CA VAL A 55 2.40 4.45 12.54
C VAL A 55 2.60 2.94 12.49
N GLY A 56 2.03 2.29 11.48
CA GLY A 56 2.07 0.83 11.39
C GLY A 56 3.40 0.27 10.92
N GLY A 57 3.52 -1.05 10.98
CA GLY A 57 4.72 -1.72 10.52
C GLY A 57 5.49 -2.40 11.64
N ARG A 58 5.05 -2.18 12.90
CA ARG A 58 5.73 -2.72 14.10
C ARG A 58 7.20 -2.31 14.12
N ASP A 59 7.47 -1.12 14.68
CA ASP A 59 8.84 -0.57 14.76
C ASP A 59 9.36 -0.25 13.35
N ILE A 60 10.58 0.30 13.26
CA ILE A 60 11.16 0.63 11.99
C ILE A 60 11.74 -0.62 11.32
N THR A 61 10.86 -1.43 10.75
CA THR A 61 11.27 -2.58 9.99
C THR A 61 11.79 -2.12 8.63
N ASN A 62 10.95 -1.35 7.93
CA ASN A 62 11.30 -0.72 6.66
C ASN A 62 11.68 -1.72 5.56
N ASN A 63 10.68 -2.24 4.88
CA ASN A 63 10.91 -3.14 3.76
C ASN A 63 9.98 -2.81 2.62
N GLN A 64 10.52 -2.86 1.42
CA GLN A 64 9.76 -2.54 0.23
C GLN A 64 9.66 -3.76 -0.67
N LEU A 65 10.67 -4.63 -0.58
CA LEU A 65 10.74 -5.87 -1.36
C LEU A 65 10.85 -5.59 -2.87
N ASP A 66 10.84 -6.66 -3.66
CA ASP A 66 10.96 -6.58 -5.13
C ASP A 66 12.20 -5.80 -5.56
N GLU A 67 13.34 -6.40 -5.35
CA GLU A 67 14.61 -5.76 -5.67
C GLU A 67 15.14 -6.22 -7.02
N ALA A 68 14.83 -5.46 -8.05
CA ALA A 68 15.28 -5.79 -9.40
C ALA A 68 16.61 -5.11 -9.68
N LEU A 69 17.69 -5.87 -9.61
CA LEU A 69 19.02 -5.33 -9.82
C LEU A 69 19.42 -5.43 -11.29
N GLU A 70 19.42 -4.29 -11.98
CA GLU A 70 19.78 -4.16 -13.40
C GLU A 70 18.75 -4.80 -14.35
N GLU A 71 17.95 -5.73 -13.86
CA GLU A 71 16.92 -6.36 -14.68
C GLU A 71 15.71 -5.46 -14.76
N THR A 72 15.82 -4.46 -15.60
CA THR A 72 14.75 -3.53 -15.81
C THR A 72 14.16 -3.72 -17.21
N PHE A 73 12.88 -4.02 -17.27
CA PHE A 73 12.20 -4.21 -18.53
C PHE A 73 11.27 -3.06 -18.83
N PRO A 74 11.69 -2.17 -19.73
CA PRO A 74 10.88 -1.02 -20.14
C PRO A 74 9.95 -1.40 -21.29
N ALA A 75 9.18 -0.43 -21.77
CA ALA A 75 8.26 -0.67 -22.87
C ALA A 75 9.03 -0.96 -24.15
N SER A 76 10.23 -0.42 -24.23
CA SER A 76 11.10 -0.66 -25.36
C SER A 76 12.54 -0.79 -24.88
N ASP A 77 13.12 -1.95 -25.11
CA ASP A 77 14.49 -2.19 -24.69
C ASP A 77 15.48 -1.56 -25.67
N PRO A 78 16.62 -1.08 -25.15
CA PRO A 78 17.65 -0.46 -25.97
C PRO A 78 18.41 -1.47 -26.83
N ILE A 79 18.87 -1.03 -27.97
CA ILE A 79 19.62 -1.88 -28.87
C ILE A 79 21.10 -1.57 -28.78
N SER A 80 21.92 -2.57 -29.03
CA SER A 80 23.35 -2.44 -28.98
C SER A 80 23.85 -1.47 -30.06
N PRO A 81 24.92 -0.71 -29.75
CA PRO A 81 25.49 0.26 -30.70
C PRO A 81 25.93 -0.39 -32.00
N ASN A 1 -11.94 -15.35 7.81
CA ASN A 1 -10.85 -14.49 8.36
C ASN A 1 -10.77 -13.18 7.61
N GLU A 2 -11.15 -12.10 8.29
CA GLU A 2 -11.15 -10.78 7.70
C GLU A 2 -9.75 -10.26 7.50
N LEU A 3 -9.63 -9.30 6.63
CA LEU A 3 -8.40 -8.63 6.40
C LEU A 3 -8.38 -7.37 7.20
N ARG A 4 -7.22 -6.94 7.59
CA ARG A 4 -7.11 -5.77 8.43
C ARG A 4 -6.49 -4.62 7.63
N CYS A 5 -6.88 -3.39 7.92
CA CYS A 5 -6.36 -2.24 7.18
C CYS A 5 -4.99 -1.85 7.68
N GLY A 6 -4.10 -1.55 6.75
CA GLY A 6 -2.74 -1.18 7.09
C GLY A 6 -2.64 0.17 7.78
N CYS A 7 -3.66 1.00 7.62
CA CYS A 7 -3.68 2.29 8.28
C CYS A 7 -4.12 2.12 9.72
N PRO A 8 -3.21 2.36 10.65
CA PRO A 8 -3.48 2.21 12.09
C PRO A 8 -4.40 3.31 12.61
N ASP A 9 -4.50 4.39 11.87
CA ASP A 9 -5.37 5.51 12.22
C ASP A 9 -6.76 5.30 11.68
N CYS A 10 -6.89 4.33 10.81
CA CYS A 10 -8.15 4.04 10.15
C CYS A 10 -8.92 2.94 10.87
N HIS A 11 -10.23 3.11 10.93
CA HIS A 11 -11.10 2.11 11.54
C HIS A 11 -12.12 1.60 10.53
N CYS A 12 -11.77 0.54 9.83
CA CYS A 12 -12.65 -0.03 8.81
C CYS A 12 -12.60 -1.55 8.82
N LYS A 13 -13.53 -2.16 8.10
CA LYS A 13 -13.59 -3.60 7.97
C LYS A 13 -13.13 -3.99 6.57
N VAL A 14 -11.96 -4.57 6.50
CA VAL A 14 -11.42 -4.98 5.21
C VAL A 14 -11.88 -6.40 4.88
N ASP A 15 -12.68 -6.50 3.83
CA ASP A 15 -13.20 -7.77 3.39
C ASP A 15 -12.19 -8.50 2.53
N PRO A 16 -12.06 -9.83 2.68
CA PRO A 16 -11.07 -10.64 1.94
C PRO A 16 -11.25 -10.54 0.43
N GLU A 17 -12.48 -10.39 0.00
CA GLU A 17 -12.78 -10.34 -1.42
C GLU A 17 -12.73 -8.92 -1.98
N ARG A 18 -12.48 -7.93 -1.11
CA ARG A 18 -12.37 -6.53 -1.56
C ARG A 18 -11.22 -5.81 -0.86
N VAL A 19 -10.22 -6.57 -0.45
CA VAL A 19 -9.04 -6.00 0.22
C VAL A 19 -8.08 -5.39 -0.81
N PHE A 20 -7.83 -4.10 -0.68
CA PHE A 20 -6.90 -3.41 -1.53
C PHE A 20 -5.48 -3.66 -1.04
N ASN A 21 -4.71 -4.40 -1.82
CA ASN A 21 -3.33 -4.71 -1.44
C ASN A 21 -2.39 -3.65 -1.96
N HIS A 22 -1.34 -3.42 -1.21
CA HIS A 22 -0.31 -2.48 -1.61
C HIS A 22 1.00 -2.81 -0.94
N ASP A 23 2.03 -3.01 -1.75
CA ASP A 23 3.39 -3.31 -1.27
C ASP A 23 3.41 -4.59 -0.41
N GLY A 24 2.40 -5.43 -0.61
CA GLY A 24 2.30 -6.66 0.13
C GLY A 24 1.49 -6.52 1.41
N GLU A 25 0.74 -5.44 1.52
CA GLU A 25 -0.07 -5.19 2.70
C GLU A 25 -1.55 -5.11 2.35
N ALA A 26 -2.39 -5.17 3.37
CA ALA A 26 -3.83 -5.11 3.18
C ALA A 26 -4.38 -3.77 3.63
N TYR A 27 -5.27 -3.22 2.84
CA TYR A 27 -5.89 -1.92 3.13
C TYR A 27 -7.37 -1.96 2.81
N CYS A 28 -8.15 -1.07 3.43
CA CYS A 28 -9.60 -1.05 3.21
C CYS A 28 -9.91 -0.55 1.81
N SER A 29 -9.10 0.35 1.31
CA SER A 29 -9.28 0.89 0.00
C SER A 29 -7.96 1.45 -0.51
N GLN A 30 -7.92 1.71 -1.82
CA GLN A 30 -6.72 2.23 -2.48
C GLN A 30 -6.25 3.57 -1.86
N ALA A 31 -7.18 4.29 -1.23
CA ALA A 31 -6.86 5.55 -0.54
C ALA A 31 -5.82 5.32 0.57
N CYS A 32 -6.10 4.37 1.46
CA CYS A 32 -5.18 4.04 2.54
C CYS A 32 -4.01 3.24 2.01
N ALA A 33 -4.21 2.58 0.87
CA ALA A 33 -3.17 1.77 0.27
C ALA A 33 -1.93 2.62 -0.04
N GLU A 34 -2.15 3.81 -0.58
CA GLU A 34 -1.06 4.72 -0.86
C GLU A 34 -0.66 5.52 0.37
N GLN A 35 -1.27 5.17 1.51
CA GLN A 35 -0.96 5.79 2.80
C GLN A 35 -1.23 7.29 2.79
N HIS A 36 -2.31 7.68 2.10
CA HIS A 36 -2.71 9.09 1.98
C HIS A 36 -1.59 9.90 1.34
N PRO A 37 -1.49 9.84 0.02
CA PRO A 37 -0.43 10.52 -0.72
C PRO A 37 -0.74 12.01 -0.91
N ASN A 38 -2.01 12.35 -0.93
CA ASN A 38 -2.44 13.74 -1.07
C ASN A 38 -3.29 14.17 0.11
N GLY A 39 -3.20 13.41 1.20
CA GLY A 39 -3.99 13.70 2.38
C GLY A 39 -5.43 13.25 2.24
N GLU A 40 -5.72 12.58 1.13
CA GLU A 40 -7.05 12.08 0.84
C GLU A 40 -7.39 10.92 1.78
N PRO A 41 -8.44 11.09 2.61
CA PRO A 41 -8.90 10.05 3.55
C PRO A 41 -9.54 8.86 2.81
N CYS A 42 -9.83 7.79 3.53
CA CYS A 42 -10.45 6.62 2.92
C CYS A 42 -11.92 6.94 2.58
N PRO A 43 -12.52 6.18 1.65
CA PRO A 43 -13.92 6.38 1.20
C PRO A 43 -14.99 6.01 2.26
N ALA A 44 -14.69 6.28 3.52
CA ALA A 44 -15.63 6.03 4.61
C ALA A 44 -16.05 7.36 5.22
N PRO A 45 -17.38 7.61 5.34
CA PRO A 45 -17.87 8.87 5.87
C PRO A 45 -17.68 9.01 7.38
N ASP A 46 -17.78 7.90 8.09
CA ASP A 46 -17.66 7.90 9.55
C ASP A 46 -16.20 7.99 9.96
N CYS A 47 -15.32 7.69 9.03
CA CYS A 47 -13.91 7.65 9.32
C CYS A 47 -13.28 9.02 9.08
N HIS A 48 -12.16 9.29 9.74
CA HIS A 48 -11.50 10.60 9.64
C HIS A 48 -9.97 10.48 9.70
N CYS A 49 -9.42 9.50 9.01
CA CYS A 49 -7.97 9.31 8.99
C CYS A 49 -7.35 10.06 7.81
N GLU A 50 -6.30 10.82 8.07
CA GLU A 50 -5.63 11.58 7.02
C GLU A 50 -4.34 12.22 7.51
N ARG A 51 -4.36 12.76 8.72
CA ARG A 51 -3.18 13.44 9.29
C ARG A 51 -2.12 12.46 9.80
N SER A 52 -1.95 11.37 9.07
CA SER A 52 -0.94 10.38 9.38
C SER A 52 0.04 10.30 8.21
N GLY A 53 -0.37 9.60 7.15
CA GLY A 53 0.42 9.56 5.92
C GLY A 53 1.67 8.71 6.02
N LYS A 54 2.65 9.20 6.75
CA LYS A 54 3.94 8.53 6.84
C LYS A 54 3.88 7.31 7.75
N VAL A 55 3.58 6.17 7.17
CA VAL A 55 3.50 4.91 7.90
C VAL A 55 4.28 3.85 7.09
N GLY A 56 4.21 2.59 7.52
CA GLY A 56 4.86 1.52 6.78
C GLY A 56 6.34 1.44 7.03
N GLY A 57 7.01 0.57 6.30
CA GLY A 57 8.44 0.41 6.46
C GLY A 57 8.80 -0.42 7.68
N ARG A 58 10.04 -0.90 7.71
CA ARG A 58 10.56 -1.71 8.83
C ARG A 58 9.72 -2.98 9.01
N ASP A 59 9.24 -3.50 7.89
CA ASP A 59 8.44 -4.72 7.89
C ASP A 59 8.81 -5.53 6.66
N ILE A 60 8.21 -6.69 6.49
CA ILE A 60 8.51 -7.53 5.34
C ILE A 60 7.72 -7.08 4.13
N THR A 61 8.21 -6.05 3.48
CA THR A 61 7.59 -5.52 2.30
C THR A 61 8.64 -5.33 1.20
N ASN A 62 8.62 -6.18 0.21
CA ASN A 62 9.58 -6.10 -0.86
C ASN A 62 8.90 -6.20 -2.21
N ASN A 63 9.39 -5.44 -3.16
CA ASN A 63 8.88 -5.45 -4.50
C ASN A 63 9.97 -4.99 -5.46
N GLN A 64 10.41 -5.88 -6.33
CA GLN A 64 11.46 -5.55 -7.29
C GLN A 64 10.90 -4.77 -8.47
N LEU A 65 9.57 -4.74 -8.57
CA LEU A 65 8.87 -4.05 -9.65
C LEU A 65 9.12 -4.72 -11.00
N ASP A 66 8.60 -4.09 -12.04
CA ASP A 66 8.77 -4.59 -13.40
C ASP A 66 9.15 -3.44 -14.31
N GLU A 67 9.74 -2.41 -13.73
CA GLU A 67 10.16 -1.22 -14.46
C GLU A 67 11.35 -1.54 -15.36
N ALA A 68 11.09 -1.81 -16.63
CA ALA A 68 12.17 -2.12 -17.57
C ALA A 68 11.80 -1.68 -18.99
N LEU A 69 10.81 -0.81 -19.11
CA LEU A 69 10.33 -0.38 -20.41
C LEU A 69 11.07 0.86 -20.96
N GLU A 70 12.02 1.38 -20.21
CA GLU A 70 12.80 2.53 -20.67
C GLU A 70 14.29 2.21 -20.76
N GLU A 71 15.03 2.59 -19.73
CA GLU A 71 16.48 2.37 -19.69
C GLU A 71 16.83 1.48 -18.49
N THR A 72 15.81 1.06 -17.79
CA THR A 72 15.97 0.23 -16.63
C THR A 72 16.10 -1.24 -17.01
N PHE A 73 17.07 -1.93 -16.38
CA PHE A 73 17.33 -3.35 -16.64
C PHE A 73 17.64 -3.61 -18.12
N PRO A 74 18.93 -3.55 -18.50
CA PRO A 74 19.35 -3.79 -19.87
C PRO A 74 19.49 -5.29 -20.16
N ALA A 75 19.98 -5.60 -21.35
CA ALA A 75 20.17 -6.98 -21.76
C ALA A 75 21.16 -7.67 -20.83
N SER A 76 22.23 -6.97 -20.49
CA SER A 76 23.22 -7.49 -19.58
C SER A 76 22.89 -7.03 -18.16
N ASP A 77 22.12 -7.84 -17.46
CA ASP A 77 21.73 -7.54 -16.10
C ASP A 77 22.93 -7.67 -15.15
N PRO A 78 23.01 -6.78 -14.16
CA PRO A 78 24.13 -6.75 -13.20
C PRO A 78 24.09 -7.87 -12.15
N ILE A 79 25.00 -7.77 -11.20
CA ILE A 79 25.13 -8.73 -10.11
C ILE A 79 23.87 -8.91 -9.27
N SER A 80 23.81 -10.04 -8.59
CA SER A 80 22.70 -10.41 -7.72
C SER A 80 22.35 -9.30 -6.69
N PRO A 81 21.15 -9.39 -6.06
CA PRO A 81 20.70 -8.39 -5.09
C PRO A 81 21.61 -8.31 -3.87
N ASN A 1 -18.25 -7.68 17.34
CA ASN A 1 -19.09 -8.26 16.26
C ASN A 1 -18.85 -7.54 14.94
N GLU A 2 -18.30 -6.35 15.03
CA GLU A 2 -18.02 -5.55 13.85
C GLU A 2 -16.54 -5.60 13.52
N LEU A 3 -16.23 -5.41 12.25
CA LEU A 3 -14.85 -5.42 11.81
C LEU A 3 -14.32 -4.01 11.70
N ARG A 4 -13.05 -3.87 11.94
CA ARG A 4 -12.42 -2.56 11.91
C ARG A 4 -11.30 -2.56 10.90
N CYS A 5 -11.04 -1.41 10.31
CA CYS A 5 -9.98 -1.29 9.34
C CYS A 5 -8.63 -1.21 10.05
N GLY A 6 -7.61 -1.67 9.37
CA GLY A 6 -6.28 -1.69 9.94
C GLY A 6 -5.53 -0.37 9.78
N CYS A 7 -6.03 0.50 8.92
CA CYS A 7 -5.37 1.79 8.70
C CYS A 7 -5.84 2.81 9.74
N PRO A 8 -4.90 3.29 10.58
CA PRO A 8 -5.20 4.30 11.61
C PRO A 8 -5.48 5.68 11.02
N ASP A 9 -5.05 5.87 9.79
CA ASP A 9 -5.24 7.14 9.09
C ASP A 9 -6.57 7.13 8.34
N CYS A 10 -7.14 5.94 8.22
CA CYS A 10 -8.40 5.74 7.52
C CYS A 10 -9.59 5.85 8.46
N HIS A 11 -10.66 6.43 7.97
CA HIS A 11 -11.88 6.54 8.74
C HIS A 11 -13.01 5.82 8.03
N CYS A 12 -13.16 4.55 8.31
CA CYS A 12 -14.18 3.73 7.68
C CYS A 12 -14.76 2.74 8.69
N LYS A 13 -15.92 2.22 8.38
CA LYS A 13 -16.55 1.20 9.20
C LYS A 13 -16.71 -0.07 8.38
N VAL A 14 -15.88 -1.05 8.70
CA VAL A 14 -15.82 -2.30 7.95
C VAL A 14 -16.91 -3.29 8.40
N ASP A 15 -17.36 -4.14 7.48
CA ASP A 15 -18.36 -5.16 7.79
C ASP A 15 -17.71 -6.53 7.73
N PRO A 16 -18.16 -7.46 8.57
CA PRO A 16 -17.66 -8.84 8.58
C PRO A 16 -17.91 -9.54 7.25
N GLU A 17 -18.89 -9.04 6.50
CA GLU A 17 -19.22 -9.65 5.22
C GLU A 17 -18.69 -8.78 4.06
N ARG A 18 -17.89 -7.77 4.40
CA ARG A 18 -17.29 -6.85 3.41
C ARG A 18 -15.89 -6.41 3.87
N VAL A 19 -15.18 -7.31 4.55
CA VAL A 19 -13.86 -7.01 5.09
C VAL A 19 -12.74 -7.66 4.27
N PHE A 20 -11.74 -6.86 3.92
CA PHE A 20 -10.57 -7.35 3.22
C PHE A 20 -9.48 -7.71 4.22
N ASN A 21 -9.26 -8.99 4.40
CA ASN A 21 -8.24 -9.45 5.34
C ASN A 21 -6.89 -9.53 4.66
N HIS A 22 -5.87 -9.03 5.33
CA HIS A 22 -4.52 -9.08 4.81
C HIS A 22 -3.52 -9.28 5.93
N ASP A 23 -2.76 -10.35 5.85
CA ASP A 23 -1.71 -10.69 6.83
C ASP A 23 -2.31 -10.87 8.24
N GLY A 24 -3.59 -11.20 8.30
CA GLY A 24 -4.26 -11.40 9.56
C GLY A 24 -4.87 -10.13 10.09
N GLU A 25 -4.99 -9.13 9.25
CA GLU A 25 -5.57 -7.86 9.63
C GLU A 25 -6.79 -7.56 8.79
N ALA A 26 -7.76 -6.91 9.40
CA ALA A 26 -8.97 -6.54 8.72
C ALA A 26 -8.83 -5.16 8.15
N TYR A 27 -9.27 -4.98 6.94
CA TYR A 27 -9.23 -3.70 6.27
C TYR A 27 -10.52 -3.45 5.54
N CYS A 28 -10.81 -2.20 5.22
CA CYS A 28 -12.05 -1.86 4.53
C CYS A 28 -11.96 -2.27 3.07
N SER A 29 -10.75 -2.30 2.56
CA SER A 29 -10.52 -2.63 1.19
C SER A 29 -9.08 -3.07 0.98
N GLN A 30 -8.84 -3.76 -0.13
CA GLN A 30 -7.50 -4.21 -0.51
C GLN A 30 -6.52 -3.01 -0.55
N ALA A 31 -7.08 -1.82 -0.83
CA ALA A 31 -6.31 -0.58 -0.86
C ALA A 31 -5.54 -0.35 0.44
N CYS A 32 -6.25 -0.37 1.57
CA CYS A 32 -5.64 -0.21 2.87
C CYS A 32 -4.92 -1.48 3.28
N ALA A 33 -5.35 -2.60 2.71
CA ALA A 33 -4.76 -3.88 3.01
C ALA A 33 -3.27 -3.87 2.67
N GLU A 34 -2.94 -3.28 1.53
CA GLU A 34 -1.55 -3.17 1.11
C GLU A 34 -0.87 -1.96 1.71
N GLN A 35 -1.59 -1.27 2.62
CA GLN A 35 -1.05 -0.13 3.35
C GLN A 35 -0.63 1.00 2.41
N HIS A 36 -1.40 1.17 1.33
CA HIS A 36 -1.15 2.20 0.31
C HIS A 36 0.21 2.03 -0.35
N PRO A 37 0.31 1.09 -1.27
CA PRO A 37 1.58 0.79 -1.95
C PRO A 37 2.00 1.89 -2.91
N ASN A 38 1.04 2.41 -3.66
CA ASN A 38 1.33 3.43 -4.66
C ASN A 38 0.66 4.73 -4.31
N GLY A 39 0.24 4.84 -3.07
CA GLY A 39 -0.43 6.04 -2.62
C GLY A 39 -1.91 6.04 -2.97
N GLU A 40 -2.45 4.86 -3.24
CA GLU A 40 -3.86 4.70 -3.54
C GLU A 40 -4.69 4.76 -2.27
N PRO A 41 -5.51 5.81 -2.09
CA PRO A 41 -6.42 5.90 -0.94
C PRO A 41 -7.49 4.81 -1.03
N CYS A 42 -8.20 4.56 0.07
CA CYS A 42 -9.23 3.56 0.07
C CYS A 42 -10.41 4.03 -0.81
N PRO A 43 -11.25 3.10 -1.29
CA PRO A 43 -12.40 3.40 -2.17
C PRO A 43 -13.55 4.18 -1.48
N ALA A 44 -13.21 5.09 -0.59
CA ALA A 44 -14.21 5.91 0.11
C ALA A 44 -14.01 7.38 -0.24
N PRO A 45 -15.08 8.07 -0.71
CA PRO A 45 -15.00 9.47 -1.14
C PRO A 45 -14.82 10.45 0.03
N ASP A 46 -15.35 10.12 1.20
CA ASP A 46 -15.23 10.99 2.36
C ASP A 46 -13.88 10.86 3.00
N CYS A 47 -13.19 9.81 2.65
CA CYS A 47 -11.92 9.51 3.24
C CYS A 47 -10.78 10.14 2.44
N HIS A 48 -9.64 10.34 3.09
CA HIS A 48 -8.49 10.99 2.44
C HIS A 48 -7.17 10.40 2.94
N CYS A 49 -7.17 9.13 3.34
CA CYS A 49 -5.96 8.51 3.85
C CYS A 49 -5.06 8.06 2.71
N GLU A 50 -3.76 8.31 2.85
CA GLU A 50 -2.78 7.97 1.81
C GLU A 50 -1.36 8.32 2.25
N ARG A 51 -1.23 9.47 2.88
CA ARG A 51 0.07 9.98 3.30
C ARG A 51 0.52 9.39 4.64
N SER A 52 0.06 8.18 4.93
CA SER A 52 0.41 7.51 6.17
C SER A 52 1.49 6.46 5.92
N GLY A 53 2.75 6.89 5.99
CA GLY A 53 3.85 5.97 5.81
C GLY A 53 4.56 5.70 7.11
N LYS A 54 5.05 6.75 7.74
CA LYS A 54 5.73 6.64 9.02
C LYS A 54 4.70 6.64 10.15
N VAL A 55 4.05 5.51 10.33
CA VAL A 55 3.05 5.37 11.37
C VAL A 55 3.69 4.93 12.69
N GLY A 56 4.80 4.23 12.59
CA GLY A 56 5.48 3.76 13.77
C GLY A 56 5.40 2.25 13.91
N GLY A 57 5.74 1.76 15.08
CA GLY A 57 5.69 0.33 15.32
C GLY A 57 6.92 -0.37 14.78
N ARG A 58 6.94 -0.56 13.48
CA ARG A 58 8.05 -1.17 12.79
C ARG A 58 8.07 -0.68 11.35
N ASP A 59 9.24 -0.24 10.88
CA ASP A 59 9.34 0.37 9.56
C ASP A 59 9.17 -0.65 8.46
N ILE A 60 8.44 -0.26 7.44
CA ILE A 60 8.22 -1.09 6.29
C ILE A 60 9.12 -0.63 5.16
N THR A 61 10.36 -1.08 5.18
CA THR A 61 11.32 -0.69 4.17
C THR A 61 12.09 -1.91 3.64
N ASN A 62 12.30 -1.94 2.34
CA ASN A 62 13.03 -3.01 1.68
C ASN A 62 13.60 -2.51 0.37
N ASN A 63 14.92 -2.36 0.31
CA ASN A 63 15.63 -1.84 -0.87
C ASN A 63 15.31 -0.37 -1.11
N GLN A 64 16.28 0.48 -0.87
CA GLN A 64 16.10 1.92 -1.05
C GLN A 64 16.17 2.29 -2.52
N LEU A 65 16.93 1.53 -3.28
CA LEU A 65 17.08 1.80 -4.70
C LEU A 65 15.91 1.23 -5.46
N ASP A 66 15.07 2.09 -5.98
CA ASP A 66 13.87 1.66 -6.67
C ASP A 66 14.00 1.83 -8.19
N GLU A 67 15.12 2.41 -8.63
CA GLU A 67 15.35 2.57 -10.06
C GLU A 67 15.66 1.21 -10.69
N ALA A 68 16.35 0.37 -9.90
CA ALA A 68 16.67 -1.03 -10.27
C ALA A 68 17.34 -1.17 -11.64
N LEU A 69 18.65 -1.32 -11.62
CA LEU A 69 19.43 -1.52 -12.82
C LEU A 69 20.34 -2.73 -12.64
N GLU A 70 19.74 -3.86 -12.30
CA GLU A 70 20.48 -5.09 -12.02
C GLU A 70 21.20 -5.60 -13.27
N GLU A 71 20.43 -5.87 -14.33
CA GLU A 71 21.01 -6.32 -15.58
C GLU A 71 20.68 -5.31 -16.67
N THR A 72 21.54 -4.33 -16.81
CA THR A 72 21.36 -3.27 -17.78
C THR A 72 22.19 -3.56 -19.05
N PHE A 73 22.24 -2.60 -19.95
CA PHE A 73 22.95 -2.76 -21.20
C PHE A 73 24.40 -2.30 -21.04
N PRO A 74 25.31 -2.70 -21.96
CA PRO A 74 26.71 -2.31 -21.90
C PRO A 74 26.90 -0.82 -22.22
N ALA A 75 28.15 -0.37 -22.13
CA ALA A 75 28.50 1.02 -22.42
C ALA A 75 28.01 1.43 -23.79
N SER A 76 27.01 2.31 -23.82
CA SER A 76 26.40 2.79 -25.06
C SER A 76 25.68 1.65 -25.78
N ASP A 77 24.38 1.52 -25.53
CA ASP A 77 23.58 0.46 -26.12
C ASP A 77 23.36 0.70 -27.60
N PRO A 78 23.36 -0.39 -28.41
CA PRO A 78 23.15 -0.30 -29.88
C PRO A 78 21.77 0.24 -30.23
N ILE A 79 21.69 1.00 -31.32
CA ILE A 79 20.43 1.58 -31.74
C ILE A 79 19.62 0.60 -32.59
N SER A 80 18.42 0.36 -32.16
CA SER A 80 17.51 -0.50 -32.87
C SER A 80 16.64 0.31 -33.84
N PRO A 81 16.65 -0.03 -35.15
CA PRO A 81 15.81 0.65 -36.15
C PRO A 81 14.35 0.67 -35.74
N ASN A 1 -25.32 9.42 5.88
CA ASN A 1 -23.83 9.54 5.85
C ASN A 1 -23.17 8.17 5.74
N GLU A 2 -22.47 7.95 4.63
CA GLU A 2 -21.76 6.72 4.44
C GLU A 2 -20.44 6.77 5.20
N LEU A 3 -20.03 5.64 5.75
CA LEU A 3 -18.86 5.62 6.59
C LEU A 3 -17.57 5.48 5.79
N ARG A 4 -16.54 6.06 6.34
CA ARG A 4 -15.22 6.03 5.74
C ARG A 4 -14.33 5.15 6.60
N CYS A 5 -13.36 4.53 6.00
CA CYS A 5 -12.49 3.67 6.74
C CYS A 5 -11.36 4.47 7.39
N GLY A 6 -11.00 4.09 8.62
CA GLY A 6 -9.96 4.78 9.35
C GLY A 6 -8.60 4.63 8.72
N CYS A 7 -8.41 3.58 7.92
CA CYS A 7 -7.14 3.37 7.26
C CYS A 7 -7.07 4.21 5.98
N PRO A 8 -6.15 5.19 5.96
CA PRO A 8 -5.98 6.08 4.82
C PRO A 8 -5.36 5.38 3.60
N ASP A 9 -4.73 4.25 3.82
CA ASP A 9 -4.10 3.50 2.75
C ASP A 9 -5.10 2.51 2.15
N CYS A 10 -6.17 2.29 2.87
CA CYS A 10 -7.19 1.35 2.47
C CYS A 10 -8.23 2.02 1.59
N HIS A 11 -8.73 1.28 0.61
CA HIS A 11 -9.78 1.78 -0.25
C HIS A 11 -11.01 0.93 -0.13
N CYS A 12 -11.88 1.29 0.80
CA CYS A 12 -13.12 0.57 1.02
C CYS A 12 -14.23 1.49 1.44
N LYS A 13 -15.45 1.07 1.18
CA LYS A 13 -16.61 1.82 1.54
C LYS A 13 -17.28 1.14 2.69
N VAL A 14 -17.34 1.85 3.78
CA VAL A 14 -17.86 1.31 5.01
C VAL A 14 -19.35 1.60 5.15
N ASP A 15 -20.10 0.53 5.38
CA ASP A 15 -21.53 0.62 5.56
C ASP A 15 -21.85 1.05 6.97
N PRO A 16 -22.85 1.91 7.16
CA PRO A 16 -23.26 2.36 8.49
C PRO A 16 -23.88 1.22 9.29
N GLU A 17 -24.35 0.20 8.57
CA GLU A 17 -24.99 -0.95 9.18
C GLU A 17 -23.97 -2.08 9.43
N ARG A 18 -22.74 -1.90 8.92
CA ARG A 18 -21.67 -2.90 9.12
C ARG A 18 -20.32 -2.22 9.39
N VAL A 19 -20.35 -1.01 9.92
CA VAL A 19 -19.11 -0.29 10.21
C VAL A 19 -18.47 -0.79 11.50
N PHE A 20 -17.23 -1.25 11.40
CA PHE A 20 -16.49 -1.69 12.55
C PHE A 20 -15.91 -0.50 13.28
N ASN A 21 -16.50 -0.18 14.42
CA ASN A 21 -16.03 0.95 15.20
C ASN A 21 -14.93 0.52 16.14
N HIS A 22 -13.85 1.23 16.09
CA HIS A 22 -12.74 0.99 16.97
C HIS A 22 -12.19 2.30 17.45
N ASP A 23 -12.15 2.49 18.75
CA ASP A 23 -11.62 3.73 19.36
C ASP A 23 -12.46 4.94 18.94
N GLY A 24 -13.70 4.70 18.57
CA GLY A 24 -14.57 5.77 18.12
C GLY A 24 -14.40 6.06 16.65
N GLU A 25 -13.66 5.21 15.96
CA GLU A 25 -13.41 5.39 14.55
C GLU A 25 -14.15 4.37 13.73
N ALA A 26 -14.34 4.69 12.48
CA ALA A 26 -15.01 3.80 11.57
C ALA A 26 -14.00 3.05 10.73
N TYR A 27 -14.21 1.77 10.58
CA TYR A 27 -13.32 0.94 9.79
C TYR A 27 -14.13 -0.02 8.95
N CYS A 28 -13.59 -0.42 7.81
CA CYS A 28 -14.31 -1.32 6.90
C CYS A 28 -14.46 -2.68 7.54
N SER A 29 -13.45 -3.07 8.31
CA SER A 29 -13.44 -4.34 8.95
C SER A 29 -12.59 -4.27 10.21
N GLN A 30 -12.82 -5.23 11.10
CA GLN A 30 -12.05 -5.37 12.33
C GLN A 30 -10.54 -5.50 12.02
N ALA A 31 -10.24 -5.92 10.79
CA ALA A 31 -8.86 -6.04 10.32
C ALA A 31 -8.15 -4.67 10.34
N CYS A 32 -8.77 -3.68 9.70
CA CYS A 32 -8.24 -2.33 9.69
C CYS A 32 -8.47 -1.65 11.03
N ALA A 33 -9.46 -2.13 11.76
CA ALA A 33 -9.78 -1.57 13.06
C ALA A 33 -8.56 -1.66 14.00
N GLU A 34 -7.86 -2.79 13.93
CA GLU A 34 -6.66 -2.99 14.75
C GLU A 34 -5.42 -2.38 14.09
N GLN A 35 -5.63 -1.67 12.98
CA GLN A 35 -4.55 -0.98 12.27
C GLN A 35 -3.48 -1.95 11.79
N HIS A 36 -3.90 -3.14 11.36
CA HIS A 36 -3.01 -4.20 10.87
C HIS A 36 -2.02 -4.61 11.95
N PRO A 37 -2.47 -5.42 12.90
CA PRO A 37 -1.65 -5.86 14.03
C PRO A 37 -0.59 -6.87 13.61
N ASN A 38 -0.98 -7.80 12.76
CA ASN A 38 -0.05 -8.82 12.28
C ASN A 38 0.42 -8.46 10.88
N GLY A 39 -0.05 -7.34 10.38
CA GLY A 39 0.25 -6.93 9.03
C GLY A 39 -0.83 -7.40 8.08
N GLU A 40 -1.75 -8.20 8.63
CA GLU A 40 -2.88 -8.75 7.89
C GLU A 40 -3.71 -7.65 7.21
N PRO A 41 -3.89 -7.71 5.87
CA PRO A 41 -4.71 -6.73 5.12
C PRO A 41 -6.20 -6.90 5.44
N CYS A 42 -7.01 -5.98 4.93
CA CYS A 42 -8.45 -6.04 5.14
C CYS A 42 -9.05 -7.13 4.24
N PRO A 43 -10.26 -7.63 4.57
CA PRO A 43 -10.95 -8.70 3.82
C PRO A 43 -11.41 -8.31 2.39
N ALA A 44 -10.69 -7.40 1.75
CA ALA A 44 -11.00 -6.99 0.38
C ALA A 44 -9.91 -7.51 -0.56
N PRO A 45 -10.28 -8.25 -1.61
CA PRO A 45 -9.31 -8.86 -2.53
C PRO A 45 -8.60 -7.85 -3.42
N ASP A 46 -9.29 -6.79 -3.77
CA ASP A 46 -8.73 -5.77 -4.65
C ASP A 46 -7.89 -4.78 -3.88
N CYS A 47 -8.00 -4.83 -2.57
CA CYS A 47 -7.28 -3.93 -1.73
C CYS A 47 -5.92 -4.52 -1.33
N HIS A 48 -4.94 -3.66 -1.07
CA HIS A 48 -3.58 -4.11 -0.72
C HIS A 48 -2.95 -3.22 0.35
N CYS A 49 -3.71 -2.89 1.37
CA CYS A 49 -3.20 -2.06 2.44
C CYS A 49 -2.63 -2.94 3.56
N GLU A 50 -1.42 -2.60 3.99
CA GLU A 50 -0.75 -3.37 5.04
C GLU A 50 0.53 -2.67 5.48
N ARG A 51 1.13 -1.93 4.57
CA ARG A 51 2.38 -1.23 4.85
C ARG A 51 2.29 0.24 4.53
N SER A 52 1.19 0.62 3.92
CA SER A 52 0.96 1.97 3.43
C SER A 52 1.84 2.26 2.20
N GLY A 53 1.30 3.05 1.26
CA GLY A 53 2.05 3.42 0.07
C GLY A 53 3.39 4.04 0.39
N LYS A 54 3.37 5.02 1.29
CA LYS A 54 4.59 5.67 1.72
C LYS A 54 5.24 4.87 2.83
N VAL A 55 6.24 4.09 2.47
CA VAL A 55 6.93 3.24 3.42
C VAL A 55 7.94 4.05 4.22
N GLY A 56 7.84 3.96 5.54
CA GLY A 56 8.73 4.70 6.41
C GLY A 56 10.08 4.02 6.57
N GLY A 57 10.79 3.84 5.47
CA GLY A 57 12.09 3.22 5.51
C GLY A 57 13.19 4.14 5.06
N ARG A 58 14.38 3.60 4.85
CA ARG A 58 15.51 4.40 4.41
C ARG A 58 15.44 4.64 2.91
N ASP A 59 15.49 5.91 2.52
CA ASP A 59 15.49 6.34 1.12
C ASP A 59 14.13 6.08 0.46
N ILE A 60 14.03 6.34 -0.83
CA ILE A 60 12.79 6.17 -1.57
C ILE A 60 12.81 4.83 -2.31
N THR A 61 13.31 3.80 -1.62
CA THR A 61 13.40 2.46 -2.17
C THR A 61 14.32 2.44 -3.43
N ASN A 62 15.33 3.29 -3.41
CA ASN A 62 16.30 3.38 -4.51
C ASN A 62 17.12 2.09 -4.61
N ASN A 63 17.52 1.74 -5.82
CA ASN A 63 18.32 0.55 -6.06
C ASN A 63 19.73 0.75 -5.54
N GLN A 64 19.99 0.29 -4.33
CA GLN A 64 21.32 0.41 -3.74
C GLN A 64 22.21 -0.73 -4.20
N LEU A 65 21.61 -1.67 -4.88
CA LEU A 65 22.32 -2.80 -5.42
C LEU A 65 22.67 -2.54 -6.88
N ASP A 66 23.91 -2.84 -7.25
CA ASP A 66 24.36 -2.62 -8.62
C ASP A 66 23.84 -3.71 -9.53
N GLU A 67 22.67 -3.51 -10.08
CA GLU A 67 22.05 -4.48 -10.94
C GLU A 67 21.30 -3.80 -12.08
N ALA A 68 21.80 -4.00 -13.30
CA ALA A 68 21.19 -3.47 -14.53
C ALA A 68 21.27 -1.95 -14.61
N LEU A 69 22.11 -1.46 -15.51
CA LEU A 69 22.25 -0.03 -15.74
C LEU A 69 22.25 0.27 -17.24
N GLU A 70 21.59 1.35 -17.61
CA GLU A 70 21.46 1.71 -19.02
C GLU A 70 22.21 3.00 -19.31
N GLU A 71 23.06 3.41 -18.40
CA GLU A 71 23.79 4.66 -18.54
C GLU A 71 25.08 4.47 -19.35
N THR A 72 25.07 3.50 -20.24
CA THR A 72 26.24 3.23 -21.06
C THR A 72 25.86 2.31 -22.24
N PHE A 73 26.80 2.11 -23.13
CA PHE A 73 26.59 1.27 -24.29
C PHE A 73 27.65 0.17 -24.31
N PRO A 74 27.36 -0.97 -24.96
CA PRO A 74 28.28 -2.10 -24.99
C PRO A 74 29.37 -1.95 -26.05
N ALA A 75 30.23 -2.95 -26.14
CA ALA A 75 31.32 -2.94 -27.12
C ALA A 75 30.75 -2.90 -28.54
N SER A 76 29.61 -3.51 -28.72
CA SER A 76 28.95 -3.52 -29.99
C SER A 76 27.56 -2.90 -29.86
N ASP A 77 27.49 -1.58 -29.99
CA ASP A 77 26.23 -0.88 -29.90
C ASP A 77 25.55 -0.84 -31.27
N PRO A 78 24.23 -0.92 -31.29
CA PRO A 78 23.46 -0.98 -32.55
C PRO A 78 23.47 0.35 -33.31
N ILE A 79 23.30 0.26 -34.61
CA ILE A 79 23.27 1.44 -35.46
C ILE A 79 21.93 2.17 -35.33
N SER A 80 21.93 3.43 -35.68
CA SER A 80 20.74 4.24 -35.63
C SER A 80 19.82 3.92 -36.81
N PRO A 81 18.48 4.07 -36.64
CA PRO A 81 17.52 3.80 -37.70
C PRO A 81 17.86 4.54 -38.99
#